data_1TVM
#
_entry.id   1TVM
#
_cell.length_a   1.000
_cell.length_b   1.000
_cell.length_c   1.000
_cell.angle_alpha   90.00
_cell.angle_beta   90.00
_cell.angle_gamma   90.00
#
_symmetry.space_group_name_H-M   'P 1'
#
_entity_poly.entity_id   1
_entity_poly.type   'polypeptide(L)'
_entity_poly.pdbx_seq_one_letter_code
;MGSSHHHHHHHHENLYFQGSKRKIIVACGGAVATSTMAAEEIKELCQSHNIPVELIQCRVNEIETYMDGVHLICTTARVD
RSFGDIPLVHGMPFVSGVGIEALQNKILTILQG
;
_entity_poly.pdbx_strand_id   A
#
# COMPACT_ATOMS: atom_id res chain seq x y z
N MET A 1 33.80 -34.49 -3.26
CA MET A 1 34.42 -33.14 -3.15
C MET A 1 33.74 -32.30 -2.06
N GLY A 2 32.91 -32.96 -1.24
CA GLY A 2 32.23 -32.24 -0.17
C GLY A 2 30.84 -32.79 0.13
N SER A 3 30.62 -34.06 -0.20
CA SER A 3 29.33 -34.69 0.05
C SER A 3 28.19 -33.89 -0.57
N SER A 4 28.13 -33.86 -1.90
CA SER A 4 27.09 -33.13 -2.61
C SER A 4 26.98 -31.70 -2.11
N HIS A 5 27.61 -30.77 -2.85
CA HIS A 5 27.59 -29.36 -2.48
C HIS A 5 28.27 -28.51 -3.55
N HIS A 6 27.98 -27.22 -3.55
CA HIS A 6 28.56 -26.30 -4.52
C HIS A 6 28.14 -26.66 -5.94
N HIS A 7 27.19 -25.91 -6.48
CA HIS A 7 26.70 -26.13 -7.84
C HIS A 7 27.39 -25.19 -8.84
N HIS A 8 28.07 -25.79 -9.82
CA HIS A 8 28.77 -25.00 -10.85
C HIS A 8 27.83 -24.60 -11.97
N HIS A 9 26.80 -25.41 -12.21
CA HIS A 9 25.83 -25.12 -13.25
C HIS A 9 25.12 -23.79 -13.01
N HIS A 10 24.39 -23.71 -11.90
CA HIS A 10 23.66 -22.48 -11.54
C HIS A 10 22.77 -22.71 -10.33
N HIS A 11 22.74 -21.71 -9.43
CA HIS A 11 21.93 -21.80 -8.22
C HIS A 11 20.59 -21.07 -8.41
N HIS A 12 19.84 -21.46 -9.43
CA HIS A 12 18.55 -20.85 -9.71
C HIS A 12 17.60 -21.04 -8.53
N GLU A 13 17.61 -20.07 -7.62
CA GLU A 13 16.76 -20.10 -6.44
C GLU A 13 15.72 -18.99 -6.49
N ASN A 14 14.65 -19.14 -5.70
CA ASN A 14 13.59 -18.14 -5.66
C ASN A 14 13.54 -17.47 -4.29
N LEU A 15 13.79 -16.16 -4.26
CA LEU A 15 13.77 -15.41 -3.02
C LEU A 15 12.34 -15.14 -2.57
N TYR A 16 12.13 -15.06 -1.26
CA TYR A 16 10.81 -14.79 -0.71
C TYR A 16 10.75 -13.40 -0.11
N PHE A 17 10.53 -12.41 -0.97
CA PHE A 17 10.44 -11.02 -0.53
C PHE A 17 8.98 -10.58 -0.44
N GLN A 18 8.12 -11.52 -0.08
CA GLN A 18 6.69 -11.24 0.04
C GLN A 18 6.37 -10.67 1.42
N GLY A 19 7.30 -9.89 1.96
CA GLY A 19 7.11 -9.29 3.27
C GLY A 19 7.72 -7.90 3.35
N SER A 20 9.05 -7.85 3.48
CA SER A 20 9.76 -6.58 3.57
C SER A 20 9.40 -5.85 4.86
N LYS A 21 8.16 -5.41 4.96
CA LYS A 21 7.68 -4.71 6.14
C LYS A 21 6.16 -4.65 6.15
N ARG A 22 5.59 -3.94 5.18
CA ARG A 22 4.14 -3.79 5.08
C ARG A 22 3.65 -4.11 3.67
N LYS A 23 2.38 -4.53 3.57
CA LYS A 23 1.78 -4.84 2.28
C LYS A 23 0.40 -4.21 2.15
N ILE A 24 0.23 -3.41 1.11
CA ILE A 24 -1.04 -2.72 0.87
C ILE A 24 -1.78 -3.33 -0.32
N ILE A 25 -3.09 -3.15 -0.36
CA ILE A 25 -3.89 -3.66 -1.47
C ILE A 25 -4.69 -2.54 -2.12
N VAL A 26 -4.88 -2.64 -3.43
CA VAL A 26 -5.65 -1.64 -4.17
C VAL A 26 -6.84 -2.28 -4.88
N ALA A 27 -8.04 -1.84 -4.55
CA ALA A 27 -9.24 -2.39 -5.18
C ALA A 27 -10.02 -1.33 -5.95
N CYS A 28 -10.21 -1.57 -7.25
CA CYS A 28 -10.92 -0.63 -8.11
C CYS A 28 -11.63 -1.36 -9.24
N GLY A 29 -10.87 -2.13 -10.01
CA GLY A 29 -11.43 -2.87 -11.12
C GLY A 29 -10.38 -3.34 -12.10
N GLY A 30 -10.35 -2.72 -13.28
CA GLY A 30 -9.38 -3.10 -14.29
C GLY A 30 -8.33 -2.04 -14.54
N ALA A 31 -8.45 -1.33 -15.65
CA ALA A 31 -7.50 -0.27 -16.00
C ALA A 31 -8.19 0.86 -16.75
N VAL A 32 -8.40 1.96 -16.05
CA VAL A 32 -9.05 3.12 -16.65
C VAL A 32 -8.28 4.39 -16.33
N ALA A 33 -6.95 4.30 -16.35
CA ALA A 33 -6.10 5.44 -16.06
C ALA A 33 -6.03 5.71 -14.56
N THR A 34 -7.13 5.46 -13.86
CA THR A 34 -7.19 5.66 -12.42
C THR A 34 -6.24 4.71 -11.70
N SER A 35 -6.29 3.44 -12.07
CA SER A 35 -5.43 2.44 -11.46
C SER A 35 -3.95 2.76 -11.72
N THR A 36 -3.61 2.93 -12.99
CA THR A 36 -2.23 3.24 -13.37
C THR A 36 -1.73 4.49 -12.65
N MET A 37 -2.64 5.39 -12.30
CA MET A 37 -2.28 6.62 -11.61
C MET A 37 -1.85 6.33 -10.18
N ALA A 38 -2.69 5.60 -9.44
CA ALA A 38 -2.38 5.26 -8.05
C ALA A 38 -1.11 4.43 -7.97
N ALA A 39 -1.11 3.28 -8.65
CA ALA A 39 0.05 2.40 -8.64
C ALA A 39 1.35 3.18 -8.85
N GLU A 40 1.41 3.94 -9.93
CA GLU A 40 2.59 4.73 -10.24
C GLU A 40 2.83 5.81 -9.18
N GLU A 41 1.75 6.46 -8.74
CA GLU A 41 1.85 7.51 -7.74
C GLU A 41 2.36 6.94 -6.40
N ILE A 42 1.69 5.90 -5.92
CA ILE A 42 2.07 5.28 -4.66
C ILE A 42 3.48 4.69 -4.74
N LYS A 43 3.85 4.21 -5.92
CA LYS A 43 5.18 3.63 -6.12
C LYS A 43 6.26 4.69 -6.03
N GLU A 44 6.10 5.76 -6.82
CA GLU A 44 7.06 6.85 -6.83
C GLU A 44 7.23 7.44 -5.44
N LEU A 45 6.12 7.55 -4.70
CA LEU A 45 6.16 8.11 -3.35
C LEU A 45 6.90 7.17 -2.41
N CYS A 46 6.49 5.91 -2.42
CA CYS A 46 7.10 4.90 -1.56
C CYS A 46 8.61 4.86 -1.75
N GLN A 47 9.06 5.07 -2.98
CA GLN A 47 10.48 5.06 -3.30
C GLN A 47 11.12 6.42 -3.00
N SER A 48 10.31 7.47 -3.07
CA SER A 48 10.81 8.83 -2.82
C SER A 48 11.53 8.90 -1.48
N HIS A 49 10.93 8.31 -0.45
CA HIS A 49 11.52 8.32 0.88
C HIS A 49 12.16 6.96 1.21
N ASN A 50 12.28 6.10 0.20
CA ASN A 50 12.89 4.78 0.38
C ASN A 50 12.13 3.96 1.42
N ILE A 51 10.85 3.70 1.16
CA ILE A 51 10.02 2.92 2.07
C ILE A 51 9.72 1.53 1.50
N PRO A 52 10.57 0.54 1.79
CA PRO A 52 10.37 -0.84 1.29
C PRO A 52 8.98 -1.38 1.63
N VAL A 53 8.21 -1.69 0.60
CA VAL A 53 6.86 -2.23 0.76
C VAL A 53 6.41 -2.92 -0.52
N GLU A 54 5.29 -3.63 -0.44
CA GLU A 54 4.75 -4.35 -1.60
C GLU A 54 3.30 -3.94 -1.85
N LEU A 55 3.04 -3.35 -3.01
CA LEU A 55 1.70 -2.91 -3.36
C LEU A 55 0.99 -3.95 -4.23
N ILE A 56 -0.11 -4.47 -3.72
CA ILE A 56 -0.90 -5.48 -4.43
C ILE A 56 -2.24 -4.89 -4.90
N GLN A 57 -2.77 -5.42 -6.00
CA GLN A 57 -4.05 -4.95 -6.51
C GLN A 57 -5.07 -6.09 -6.44
N CYS A 58 -6.34 -5.74 -6.23
CA CYS A 58 -7.41 -6.73 -6.13
C CYS A 58 -8.76 -6.11 -6.46
N ARG A 59 -9.78 -6.95 -6.64
CA ARG A 59 -11.11 -6.48 -6.96
C ARG A 59 -11.85 -6.04 -5.69
N VAL A 60 -13.15 -5.80 -5.79
CA VAL A 60 -13.95 -5.38 -4.65
C VAL A 60 -14.11 -6.50 -3.63
N ASN A 61 -13.92 -7.74 -4.06
CA ASN A 61 -14.06 -8.89 -3.17
C ASN A 61 -12.88 -9.86 -3.32
N GLU A 62 -11.70 -9.39 -2.95
CA GLU A 62 -10.49 -10.20 -3.03
C GLU A 62 -9.55 -9.90 -1.87
N ILE A 63 -9.51 -8.65 -1.45
CA ILE A 63 -8.64 -8.26 -0.34
C ILE A 63 -8.90 -9.15 0.87
N GLU A 64 -10.17 -9.46 1.10
CA GLU A 64 -10.56 -10.31 2.23
C GLU A 64 -9.92 -11.69 2.11
N THR A 65 -9.93 -12.25 0.91
CA THR A 65 -9.38 -13.56 0.66
C THR A 65 -7.84 -13.54 0.70
N TYR A 66 -7.26 -12.48 0.13
CA TYR A 66 -5.81 -12.34 0.11
C TYR A 66 -5.31 -11.56 1.34
N MET A 67 -6.21 -11.35 2.31
CA MET A 67 -5.85 -10.63 3.54
C MET A 67 -5.03 -11.51 4.48
N ASP A 68 -3.97 -12.13 3.97
CA ASP A 68 -3.12 -12.98 4.79
C ASP A 68 -2.10 -12.16 5.57
N GLY A 69 -1.46 -11.21 4.87
CA GLY A 69 -0.48 -10.36 5.51
C GLY A 69 -0.49 -8.95 4.96
N VAL A 70 -1.64 -8.29 5.03
CA VAL A 70 -1.78 -6.92 4.52
C VAL A 70 -1.72 -5.91 5.66
N HIS A 71 -0.87 -4.88 5.51
CA HIS A 71 -0.73 -3.84 6.53
C HIS A 71 -1.65 -2.66 6.28
N LEU A 72 -2.14 -2.54 5.04
CA LEU A 72 -3.04 -1.44 4.65
C LEU A 72 -3.88 -1.84 3.45
N ILE A 73 -5.13 -1.39 3.44
CA ILE A 73 -6.02 -1.71 2.33
C ILE A 73 -6.63 -0.45 1.71
N CYS A 74 -6.79 -0.46 0.40
CA CYS A 74 -7.37 0.67 -0.30
C CYS A 74 -8.54 0.24 -1.17
N THR A 75 -9.75 0.52 -0.72
CA THR A 75 -10.96 0.16 -1.47
C THR A 75 -11.77 1.41 -1.82
N THR A 76 -12.32 1.42 -3.04
CA THR A 76 -13.12 2.55 -3.50
C THR A 76 -14.54 2.49 -2.95
N ALA A 77 -14.67 2.72 -1.64
CA ALA A 77 -15.98 2.69 -0.99
C ALA A 77 -16.73 1.42 -1.31
N ARG A 78 -16.45 0.35 -0.56
CA ARG A 78 -17.09 -0.94 -0.77
C ARG A 78 -17.17 -1.73 0.53
N VAL A 79 -16.00 -2.01 1.10
CA VAL A 79 -15.91 -2.77 2.35
C VAL A 79 -16.49 -1.98 3.52
N ASP A 80 -16.65 -2.64 4.67
CA ASP A 80 -17.21 -1.98 5.86
C ASP A 80 -16.11 -1.57 6.84
N ARG A 81 -14.95 -2.22 6.76
CA ARG A 81 -13.84 -1.92 7.65
C ARG A 81 -14.24 -2.06 9.11
N SER A 82 -15.14 -3.00 9.40
CA SER A 82 -15.61 -3.22 10.76
C SER A 82 -15.33 -4.65 11.22
N PHE A 83 -14.53 -5.39 10.45
CA PHE A 83 -14.20 -6.76 10.80
C PHE A 83 -12.74 -6.88 11.21
N GLY A 84 -12.51 -7.17 12.49
CA GLY A 84 -11.15 -7.31 12.99
C GLY A 84 -10.46 -5.98 13.14
N ASP A 85 -9.46 -5.72 12.30
CA ASP A 85 -8.72 -4.47 12.34
C ASP A 85 -8.09 -4.17 10.99
N ILE A 86 -8.74 -4.63 9.92
CA ILE A 86 -8.23 -4.41 8.56
C ILE A 86 -7.96 -2.93 8.31
N PRO A 87 -6.68 -2.53 8.31
CA PRO A 87 -6.30 -1.14 8.09
C PRO A 87 -6.55 -0.67 6.65
N LEU A 88 -7.82 -0.47 6.31
CA LEU A 88 -8.17 -0.03 4.96
C LEU A 88 -8.56 1.44 4.94
N VAL A 89 -8.52 2.04 3.75
CA VAL A 89 -8.86 3.44 3.57
C VAL A 89 -9.46 3.67 2.19
N HIS A 90 -10.18 4.77 2.02
CA HIS A 90 -10.81 5.10 0.75
C HIS A 90 -10.15 6.32 0.11
N GLY A 91 -9.64 6.14 -1.10
CA GLY A 91 -8.99 7.22 -1.81
C GLY A 91 -9.95 8.05 -2.65
N MET A 92 -11.14 8.31 -2.11
CA MET A 92 -12.15 9.09 -2.82
C MET A 92 -11.54 10.34 -3.45
N PRO A 93 -10.81 11.16 -2.67
CA PRO A 93 -10.19 12.39 -3.19
C PRO A 93 -9.01 12.10 -4.09
N PHE A 94 -8.37 10.95 -3.90
CA PHE A 94 -7.22 10.55 -4.70
C PHE A 94 -7.64 10.32 -6.15
N VAL A 95 -8.85 9.80 -6.33
CA VAL A 95 -9.39 9.52 -7.65
C VAL A 95 -9.76 10.81 -8.40
N SER A 96 -10.01 11.87 -7.63
CA SER A 96 -10.40 13.16 -8.20
C SER A 96 -9.32 13.69 -9.14
N GLY A 97 -8.07 13.36 -8.84
CA GLY A 97 -6.97 13.82 -9.66
C GLY A 97 -6.61 15.28 -9.39
N VAL A 98 -7.32 15.91 -8.46
CA VAL A 98 -7.07 17.31 -8.12
C VAL A 98 -6.76 17.45 -6.63
N GLY A 99 -7.41 16.62 -5.81
CA GLY A 99 -7.20 16.68 -4.38
C GLY A 99 -6.11 15.74 -3.90
N ILE A 100 -5.30 15.22 -4.82
CA ILE A 100 -4.23 14.30 -4.45
C ILE A 100 -3.07 15.04 -3.80
N GLU A 101 -2.66 16.14 -4.41
CA GLU A 101 -1.55 16.94 -3.90
C GLU A 101 -1.73 17.25 -2.42
N ALA A 102 -2.88 17.82 -2.08
CA ALA A 102 -3.17 18.17 -0.69
C ALA A 102 -3.29 16.93 0.20
N LEU A 103 -3.99 15.92 -0.29
CA LEU A 103 -4.18 14.67 0.47
C LEU A 103 -2.85 13.95 0.69
N GLN A 104 -2.02 13.92 -0.37
CA GLN A 104 -0.73 13.25 -0.29
C GLN A 104 0.02 13.68 0.97
N ASN A 105 0.07 14.98 1.21
CA ASN A 105 0.76 15.51 2.38
C ASN A 105 0.21 14.89 3.67
N LYS A 106 -1.12 14.76 3.72
CA LYS A 106 -1.78 14.18 4.89
C LYS A 106 -1.40 12.72 5.08
N ILE A 107 -1.37 11.97 3.97
CA ILE A 107 -1.03 10.55 4.02
C ILE A 107 0.38 10.35 4.58
N LEU A 108 1.34 11.11 4.05
CA LEU A 108 2.73 11.00 4.49
C LEU A 108 2.87 11.39 5.97
N THR A 109 2.11 12.41 6.38
CA THR A 109 2.16 12.87 7.76
C THR A 109 1.85 11.74 8.72
N ILE A 110 0.81 10.96 8.41
CA ILE A 110 0.42 9.84 9.26
C ILE A 110 1.28 8.62 8.99
N LEU A 111 1.70 8.44 7.75
CA LEU A 111 2.53 7.30 7.37
C LEU A 111 3.84 7.31 8.14
N GLN A 112 4.32 8.51 8.47
CA GLN A 112 5.57 8.66 9.21
C GLN A 112 5.31 8.65 10.72
N GLY A 113 4.12 9.09 11.11
CA GLY A 113 3.77 9.13 12.51
C GLY A 113 4.34 10.35 13.22
N MET A 1 21.18 -14.88 30.54
CA MET A 1 21.86 -13.79 31.30
C MET A 1 20.85 -12.85 31.96
N GLY A 2 20.14 -12.09 31.13
CA GLY A 2 19.15 -11.16 31.63
C GLY A 2 19.34 -9.76 31.08
N SER A 3 20.52 -9.49 30.54
CA SER A 3 20.83 -8.18 29.97
C SER A 3 21.18 -8.27 28.50
N SER A 4 21.68 -9.44 28.07
CA SER A 4 22.06 -9.65 26.68
C SER A 4 21.27 -10.81 26.07
N HIS A 5 21.20 -10.83 24.75
CA HIS A 5 20.48 -11.89 24.04
C HIS A 5 21.14 -12.20 22.71
N HIS A 6 22.14 -13.08 22.74
CA HIS A 6 22.85 -13.47 21.53
C HIS A 6 22.60 -14.93 21.19
N HIS A 7 21.44 -15.19 20.59
CA HIS A 7 21.07 -16.55 20.21
C HIS A 7 21.55 -16.87 18.79
N HIS A 8 21.22 -18.07 18.31
CA HIS A 8 21.62 -18.49 16.98
C HIS A 8 20.39 -18.82 16.13
N HIS A 9 20.63 -19.16 14.86
CA HIS A 9 19.54 -19.49 13.95
C HIS A 9 19.79 -20.83 13.26
N HIS A 10 18.71 -21.53 12.95
CA HIS A 10 18.80 -22.84 12.30
C HIS A 10 17.93 -22.90 11.05
N HIS A 11 16.93 -22.03 10.98
CA HIS A 11 16.02 -21.99 9.84
C HIS A 11 16.50 -21.00 8.78
N HIS A 12 16.36 -21.38 7.51
CA HIS A 12 16.78 -20.52 6.41
C HIS A 12 16.06 -19.17 6.45
N GLU A 13 16.69 -18.16 5.87
CA GLU A 13 16.10 -16.82 5.84
C GLU A 13 15.98 -16.32 4.40
N ASN A 14 14.81 -16.55 3.80
CA ASN A 14 14.56 -16.11 2.43
C ASN A 14 13.25 -15.35 2.33
N LEU A 15 13.31 -14.03 2.53
CA LEU A 15 12.13 -13.19 2.46
C LEU A 15 11.09 -13.63 3.48
N TYR A 16 11.38 -13.39 4.76
CA TYR A 16 10.47 -13.76 5.83
C TYR A 16 10.51 -12.73 6.96
N PHE A 17 11.72 -12.45 7.45
CA PHE A 17 11.90 -11.49 8.53
C PHE A 17 12.96 -10.46 8.16
N GLN A 18 13.12 -10.22 6.86
CA GLN A 18 14.10 -9.24 6.38
C GLN A 18 13.86 -8.91 4.91
N GLY A 19 13.09 -7.85 4.67
CA GLY A 19 12.79 -7.43 3.32
C GLY A 19 11.85 -6.26 3.26
N SER A 20 10.57 -6.51 3.47
CA SER A 20 9.56 -5.46 3.44
C SER A 20 9.15 -5.06 4.85
N LYS A 21 8.17 -4.16 4.95
CA LYS A 21 7.69 -3.70 6.25
C LYS A 21 6.16 -3.72 6.31
N ARG A 22 5.53 -3.05 5.36
CA ARG A 22 4.08 -3.00 5.30
C ARG A 22 3.59 -3.35 3.91
N LYS A 23 2.33 -3.76 3.81
CA LYS A 23 1.75 -4.12 2.53
C LYS A 23 0.35 -3.51 2.38
N ILE A 24 0.20 -2.63 1.39
CA ILE A 24 -1.07 -1.96 1.15
C ILE A 24 -1.81 -2.59 -0.02
N ILE A 25 -3.15 -2.48 -0.02
CA ILE A 25 -3.96 -3.04 -1.10
C ILE A 25 -4.76 -1.95 -1.81
N VAL A 26 -4.94 -2.11 -3.12
CA VAL A 26 -5.70 -1.15 -3.89
C VAL A 26 -6.81 -1.85 -4.68
N ALA A 27 -8.06 -1.53 -4.33
CA ALA A 27 -9.21 -2.13 -5.01
C ALA A 27 -10.06 -1.07 -5.70
N CYS A 28 -10.26 -1.24 -7.01
CA CYS A 28 -11.05 -0.30 -7.79
C CYS A 28 -12.14 -1.01 -8.58
N GLY A 29 -13.10 -0.24 -9.08
CA GLY A 29 -14.20 -0.81 -9.85
C GLY A 29 -13.97 -0.75 -11.35
N GLY A 30 -12.92 -1.43 -11.81
CA GLY A 30 -12.62 -1.43 -13.23
C GLY A 30 -12.00 -0.14 -13.70
N ALA A 31 -10.74 0.08 -13.35
CA ALA A 31 -10.04 1.31 -13.72
C ALA A 31 -9.49 1.22 -15.14
N VAL A 32 -8.39 0.48 -15.29
CA VAL A 32 -7.75 0.30 -16.60
C VAL A 32 -6.96 1.54 -17.01
N ALA A 33 -7.28 2.69 -16.43
CA ALA A 33 -6.58 3.93 -16.76
C ALA A 33 -6.05 4.60 -15.50
N THR A 34 -6.84 4.56 -14.43
CA THR A 34 -6.44 5.15 -13.16
C THR A 34 -5.63 4.16 -12.32
N SER A 35 -5.53 2.91 -12.79
CA SER A 35 -4.77 1.89 -12.09
C SER A 35 -3.29 2.22 -12.09
N THR A 36 -2.78 2.54 -13.27
CA THR A 36 -1.37 2.90 -13.44
C THR A 36 -1.05 4.18 -12.69
N MET A 37 -2.05 5.06 -12.56
CA MET A 37 -1.86 6.32 -11.88
C MET A 37 -1.52 6.09 -10.41
N ALA A 38 -2.35 5.32 -9.72
CA ALA A 38 -2.13 5.03 -8.31
C ALA A 38 -0.84 4.24 -8.11
N ALA A 39 -0.75 3.07 -8.74
CA ALA A 39 0.44 2.24 -8.61
C ALA A 39 1.71 3.05 -8.82
N GLU A 40 1.78 3.75 -9.94
CA GLU A 40 2.93 4.58 -10.25
C GLU A 40 3.11 5.67 -9.19
N GLU A 41 2.00 6.24 -8.74
CA GLU A 41 2.04 7.29 -7.73
C GLU A 41 2.54 6.78 -6.38
N ILE A 42 1.93 5.68 -5.91
CA ILE A 42 2.32 5.10 -4.64
C ILE A 42 3.73 4.52 -4.70
N LYS A 43 4.05 3.86 -5.82
CA LYS A 43 5.37 3.27 -6.01
C LYS A 43 6.46 4.32 -5.89
N GLU A 44 6.37 5.37 -6.71
CA GLU A 44 7.36 6.44 -6.68
C GLU A 44 7.44 7.07 -5.31
N LEU A 45 6.31 7.14 -4.63
CA LEU A 45 6.25 7.74 -3.30
C LEU A 45 6.95 6.86 -2.27
N CYS A 46 6.56 5.59 -2.21
CA CYS A 46 7.16 4.66 -1.26
C CYS A 46 8.67 4.57 -1.46
N GLN A 47 9.10 4.66 -2.71
CA GLN A 47 10.51 4.58 -3.05
C GLN A 47 11.22 5.88 -2.68
N SER A 48 10.69 6.99 -3.15
CA SER A 48 11.28 8.31 -2.87
C SER A 48 11.55 8.49 -1.39
N HIS A 49 10.63 7.99 -0.56
CA HIS A 49 10.77 8.09 0.89
C HIS A 49 11.53 6.90 1.46
N ASN A 50 11.80 5.91 0.62
CA ASN A 50 12.54 4.72 1.04
C ASN A 50 11.79 3.94 2.12
N ILE A 51 10.47 4.02 2.10
CA ILE A 51 9.65 3.32 3.08
C ILE A 51 9.42 1.88 2.64
N PRO A 52 10.05 0.90 3.32
CA PRO A 52 9.89 -0.52 2.97
C PRO A 52 8.42 -0.93 2.96
N VAL A 53 7.84 -0.98 1.77
CA VAL A 53 6.44 -1.37 1.61
C VAL A 53 6.20 -1.97 0.23
N GLU A 54 5.08 -2.67 0.08
CA GLU A 54 4.73 -3.29 -1.20
C GLU A 54 3.30 -2.94 -1.61
N LEU A 55 3.16 -2.31 -2.77
CA LEU A 55 1.84 -1.91 -3.27
C LEU A 55 1.17 -3.05 -4.04
N ILE A 56 0.11 -3.59 -3.45
CA ILE A 56 -0.64 -4.68 -4.08
C ILE A 56 -1.94 -4.16 -4.67
N GLN A 57 -2.42 -4.82 -5.74
CA GLN A 57 -3.66 -4.42 -6.38
C GLN A 57 -4.64 -5.59 -6.41
N CYS A 58 -5.91 -5.31 -6.09
CA CYS A 58 -6.95 -6.35 -6.07
C CYS A 58 -8.30 -5.75 -6.44
N ARG A 59 -9.29 -6.60 -6.68
CA ARG A 59 -10.63 -6.15 -7.05
C ARG A 59 -11.47 -5.84 -5.80
N VAL A 60 -12.78 -5.73 -5.98
CA VAL A 60 -13.69 -5.43 -4.88
C VAL A 60 -13.81 -6.62 -3.92
N ASN A 61 -13.49 -7.82 -4.41
CA ASN A 61 -13.57 -9.02 -3.59
C ASN A 61 -12.36 -9.92 -3.81
N GLU A 62 -11.19 -9.45 -3.38
CA GLU A 62 -9.94 -10.20 -3.55
C GLU A 62 -8.93 -9.80 -2.49
N ILE A 63 -8.95 -8.53 -2.12
CA ILE A 63 -8.04 -8.02 -1.09
C ILE A 63 -8.10 -8.87 0.16
N GLU A 64 -9.28 -9.38 0.47
CA GLU A 64 -9.48 -10.20 1.64
C GLU A 64 -8.79 -11.55 1.49
N THR A 65 -8.74 -12.04 0.26
CA THR A 65 -8.10 -13.32 -0.01
C THR A 65 -6.58 -13.16 0.00
N TYR A 66 -6.08 -12.09 -0.59
CA TYR A 66 -4.65 -11.84 -0.64
C TYR A 66 -4.16 -11.02 0.57
N MET A 67 -5.04 -10.80 1.55
CA MET A 67 -4.66 -10.06 2.75
C MET A 67 -3.83 -10.94 3.71
N ASP A 68 -2.83 -11.64 3.18
CA ASP A 68 -2.00 -12.51 4.00
C ASP A 68 -1.26 -11.70 5.07
N GLY A 69 -1.01 -10.43 4.79
CA GLY A 69 -0.33 -9.58 5.75
C GLY A 69 -0.32 -8.12 5.32
N VAL A 70 -1.49 -7.59 5.03
CA VAL A 70 -1.63 -6.21 4.60
C VAL A 70 -1.70 -5.26 5.79
N HIS A 71 -0.88 -4.21 5.75
CA HIS A 71 -0.84 -3.23 6.83
C HIS A 71 -1.72 -2.02 6.50
N LEU A 72 -2.15 -1.92 5.24
CA LEU A 72 -2.98 -0.80 4.81
C LEU A 72 -3.85 -1.20 3.62
N ILE A 73 -5.04 -0.61 3.52
CA ILE A 73 -5.92 -0.92 2.42
C ILE A 73 -6.63 0.33 1.90
N CYS A 74 -6.85 0.37 0.59
CA CYS A 74 -7.51 1.50 -0.05
C CYS A 74 -8.69 1.04 -0.89
N THR A 75 -9.91 1.25 -0.38
CA THR A 75 -11.12 0.86 -1.10
C THR A 75 -12.21 1.90 -0.90
N THR A 76 -13.07 2.07 -1.91
CA THR A 76 -14.15 3.06 -1.83
C THR A 76 -15.47 2.38 -1.45
N ALA A 77 -15.64 2.12 -0.16
CA ALA A 77 -16.85 1.49 0.35
C ALA A 77 -16.79 1.23 1.86
N ARG A 78 -15.58 1.14 2.40
CA ARG A 78 -15.40 0.89 3.82
C ARG A 78 -15.95 -0.47 4.23
N VAL A 79 -15.50 -1.51 3.53
CA VAL A 79 -15.95 -2.86 3.82
C VAL A 79 -15.25 -3.44 5.04
N ASP A 80 -15.10 -2.63 6.09
CA ASP A 80 -14.46 -3.06 7.32
C ASP A 80 -15.49 -3.45 8.38
N ARG A 81 -16.72 -2.96 8.21
CA ARG A 81 -17.78 -3.25 9.16
C ARG A 81 -18.09 -4.76 9.18
N SER A 82 -17.62 -5.48 8.16
CA SER A 82 -17.85 -6.92 8.08
C SER A 82 -16.54 -7.68 7.89
N PHE A 83 -15.42 -6.95 7.84
CA PHE A 83 -14.11 -7.57 7.65
C PHE A 83 -13.47 -7.91 9.00
N GLY A 84 -13.54 -6.96 9.94
CA GLY A 84 -12.95 -7.18 11.25
C GLY A 84 -12.19 -5.97 11.76
N ASP A 85 -11.04 -5.70 11.16
CA ASP A 85 -10.23 -4.56 11.55
C ASP A 85 -9.37 -4.08 10.38
N ILE A 86 -9.75 -4.47 9.17
CA ILE A 86 -9.00 -4.09 7.97
C ILE A 86 -8.87 -2.56 7.87
N PRO A 87 -7.67 -2.02 8.19
CA PRO A 87 -7.42 -0.57 8.15
C PRO A 87 -7.48 -0.01 6.73
N LEU A 88 -8.69 0.12 6.17
CA LEU A 88 -8.83 0.66 4.81
C LEU A 88 -9.19 2.13 4.81
N VAL A 89 -8.98 2.76 3.66
CA VAL A 89 -9.28 4.17 3.50
C VAL A 89 -9.92 4.42 2.14
N HIS A 90 -10.70 5.50 2.05
CA HIS A 90 -11.37 5.85 0.80
C HIS A 90 -10.42 6.61 -0.11
N GLY A 91 -10.50 6.32 -1.41
CA GLY A 91 -9.64 7.00 -2.36
C GLY A 91 -10.40 7.95 -3.26
N MET A 92 -11.53 8.45 -2.78
CA MET A 92 -12.35 9.37 -3.53
C MET A 92 -11.55 10.59 -3.98
N PRO A 93 -10.81 11.25 -3.06
CA PRO A 93 -10.02 12.43 -3.40
C PRO A 93 -8.74 12.08 -4.15
N PHE A 94 -8.36 10.81 -4.14
CA PHE A 94 -7.15 10.38 -4.83
C PHE A 94 -7.44 10.08 -6.30
N VAL A 95 -8.60 9.49 -6.56
CA VAL A 95 -9.00 9.15 -7.93
C VAL A 95 -9.51 10.38 -8.68
N SER A 96 -9.96 11.38 -7.94
CA SER A 96 -10.48 12.61 -8.53
C SER A 96 -9.43 13.30 -9.41
N GLY A 97 -8.19 13.31 -8.96
CA GLY A 97 -7.13 13.93 -9.72
C GLY A 97 -6.77 15.31 -9.20
N VAL A 98 -7.58 15.83 -8.27
CA VAL A 98 -7.34 17.15 -7.70
C VAL A 98 -6.96 17.08 -6.23
N GLY A 99 -7.16 15.92 -5.60
CA GLY A 99 -6.84 15.78 -4.19
C GLY A 99 -5.65 14.87 -3.94
N ILE A 100 -4.96 14.46 -5.00
CA ILE A 100 -3.81 13.58 -4.85
C ILE A 100 -2.67 14.28 -4.11
N GLU A 101 -2.33 15.47 -4.57
CA GLU A 101 -1.24 16.24 -3.97
C GLU A 101 -1.51 16.50 -2.49
N ALA A 102 -2.72 16.95 -2.19
CA ALA A 102 -3.11 17.23 -0.81
C ALA A 102 -3.09 15.96 0.04
N LEU A 103 -3.69 14.89 -0.48
CA LEU A 103 -3.74 13.62 0.24
C LEU A 103 -2.36 12.98 0.28
N GLN A 104 -1.56 13.22 -0.75
CA GLN A 104 -0.21 12.66 -0.84
C GLN A 104 0.62 13.06 0.38
N ASN A 105 0.67 14.36 0.65
CA ASN A 105 1.43 14.86 1.78
C ASN A 105 0.88 14.32 3.10
N LYS A 106 -0.44 14.29 3.21
CA LYS A 106 -1.09 13.79 4.42
C LYS A 106 -0.83 12.31 4.62
N ILE A 107 -1.04 11.53 3.56
CA ILE A 107 -0.82 10.08 3.64
C ILE A 107 0.64 9.77 3.93
N LEU A 108 1.54 10.62 3.45
CA LEU A 108 2.97 10.41 3.67
C LEU A 108 3.32 10.60 5.14
N THR A 109 2.84 11.70 5.72
CA THR A 109 3.10 12.02 7.12
C THR A 109 2.61 10.90 8.04
N ILE A 110 1.44 10.34 7.71
CA ILE A 110 0.86 9.27 8.52
C ILE A 110 1.70 7.99 8.44
N LEU A 111 2.01 7.56 7.23
CA LEU A 111 2.79 6.35 7.02
C LEU A 111 4.16 6.47 7.69
N GLN A 112 4.73 7.68 7.68
CA GLN A 112 6.03 7.92 8.28
C GLN A 112 5.91 8.06 9.79
N GLY A 113 4.78 8.61 10.25
CA GLY A 113 4.55 8.79 11.66
C GLY A 113 4.32 10.25 12.03
N MET A 1 22.72 10.29 -16.23
CA MET A 1 24.12 9.80 -16.12
C MET A 1 24.63 9.86 -14.69
N GLY A 2 25.89 9.49 -14.50
CA GLY A 2 26.47 9.51 -13.17
C GLY A 2 27.69 8.62 -13.05
N SER A 3 28.71 9.12 -12.37
CA SER A 3 29.95 8.36 -12.18
C SER A 3 30.17 8.05 -10.71
N SER A 4 29.08 7.92 -9.96
CA SER A 4 29.17 7.62 -8.53
C SER A 4 28.28 6.42 -8.17
N HIS A 5 28.34 6.01 -6.91
CA HIS A 5 27.55 4.88 -6.45
C HIS A 5 27.36 4.93 -4.94
N HIS A 6 26.29 5.59 -4.50
CA HIS A 6 25.99 5.71 -3.07
C HIS A 6 27.14 6.41 -2.34
N HIS A 7 27.41 7.65 -2.73
CA HIS A 7 28.47 8.43 -2.10
C HIS A 7 27.91 9.38 -1.05
N HIS A 8 27.07 8.85 -0.17
CA HIS A 8 26.46 9.64 0.89
C HIS A 8 26.08 8.77 2.08
N HIS A 9 27.03 8.54 2.98
CA HIS A 9 26.79 7.71 4.14
C HIS A 9 26.69 8.56 5.41
N HIS A 10 25.48 8.69 5.94
CA HIS A 10 25.25 9.47 7.15
C HIS A 10 24.36 8.71 8.13
N HIS A 11 23.67 7.69 7.65
CA HIS A 11 22.78 6.89 8.50
C HIS A 11 22.64 5.47 7.95
N HIS A 12 22.54 4.50 8.85
CA HIS A 12 22.40 3.10 8.47
C HIS A 12 21.01 2.57 8.78
N GLU A 13 20.33 3.22 9.74
CA GLU A 13 18.99 2.81 10.14
C GLU A 13 19.00 1.45 10.81
N ASN A 14 18.57 1.41 12.07
CA ASN A 14 18.54 0.17 12.83
C ASN A 14 17.10 -0.18 13.23
N LEU A 15 16.18 0.02 12.31
CA LEU A 15 14.76 -0.26 12.57
C LEU A 15 14.49 -1.76 12.53
N TYR A 16 14.40 -2.32 11.33
CA TYR A 16 14.15 -3.74 11.17
C TYR A 16 14.10 -4.12 9.69
N PHE A 17 15.14 -4.78 9.21
CA PHE A 17 15.22 -5.19 7.82
C PHE A 17 15.14 -6.72 7.69
N GLN A 18 13.92 -7.22 7.54
CA GLN A 18 13.70 -8.66 7.40
C GLN A 18 13.15 -9.00 6.02
N GLY A 19 13.41 -8.13 5.05
CA GLY A 19 12.94 -8.36 3.70
C GLY A 19 11.62 -7.65 3.42
N SER A 20 10.53 -8.17 3.98
CA SER A 20 9.21 -7.59 3.79
C SER A 20 8.85 -6.67 4.96
N LYS A 21 7.87 -5.81 4.74
CA LYS A 21 7.43 -4.88 5.79
C LYS A 21 5.92 -4.65 5.73
N ARG A 22 5.48 -3.74 4.86
CA ARG A 22 4.07 -3.43 4.73
C ARG A 22 3.57 -3.81 3.33
N LYS A 23 2.30 -4.22 3.25
CA LYS A 23 1.73 -4.61 1.96
C LYS A 23 0.37 -3.95 1.75
N ILE A 24 0.31 -3.02 0.81
CA ILE A 24 -0.92 -2.30 0.49
C ILE A 24 -1.68 -2.99 -0.64
N ILE A 25 -3.00 -2.87 -0.62
CA ILE A 25 -3.83 -3.47 -1.64
C ILE A 25 -4.74 -2.42 -2.28
N VAL A 26 -5.00 -2.57 -3.58
CA VAL A 26 -5.86 -1.62 -4.29
C VAL A 26 -7.02 -2.34 -4.96
N ALA A 27 -8.23 -2.03 -4.52
CA ALA A 27 -9.43 -2.65 -5.08
C ALA A 27 -10.34 -1.61 -5.72
N CYS A 28 -10.65 -1.82 -7.00
CA CYS A 28 -11.50 -0.90 -7.74
C CYS A 28 -12.06 -1.56 -9.00
N GLY A 29 -13.19 -1.04 -9.49
CA GLY A 29 -13.79 -1.59 -10.68
C GLY A 29 -13.05 -1.21 -11.94
N GLY A 30 -13.79 -1.02 -13.03
CA GLY A 30 -13.17 -0.66 -14.30
C GLY A 30 -12.41 0.64 -14.21
N ALA A 31 -11.11 0.55 -13.95
CA ALA A 31 -10.26 1.73 -13.83
C ALA A 31 -9.99 2.36 -15.19
N VAL A 32 -9.27 1.63 -16.04
CA VAL A 32 -8.93 2.11 -17.38
C VAL A 32 -7.81 3.16 -17.34
N ALA A 33 -7.92 4.11 -16.41
CA ALA A 33 -6.91 5.16 -16.27
C ALA A 33 -6.86 5.68 -14.84
N THR A 34 -6.46 4.80 -13.90
CA THR A 34 -6.36 5.17 -12.50
C THR A 34 -5.35 4.28 -11.78
N SER A 35 -5.37 2.98 -12.10
CA SER A 35 -4.45 2.02 -11.48
C SER A 35 -3.01 2.46 -11.69
N THR A 36 -2.66 2.81 -12.92
CA THR A 36 -1.31 3.25 -13.25
C THR A 36 -0.97 4.52 -12.50
N MET A 37 -1.94 5.43 -12.39
CA MET A 37 -1.73 6.69 -11.69
C MET A 37 -1.41 6.47 -10.22
N ALA A 38 -2.28 5.72 -9.53
CA ALA A 38 -2.08 5.44 -8.12
C ALA A 38 -0.77 4.69 -7.89
N ALA A 39 -0.58 3.60 -8.61
CA ALA A 39 0.64 2.80 -8.49
C ALA A 39 1.89 3.65 -8.69
N GLU A 40 1.95 4.35 -9.83
CA GLU A 40 3.10 5.20 -10.13
C GLU A 40 3.32 6.25 -9.04
N GLU A 41 2.22 6.83 -8.57
CA GLU A 41 2.29 7.86 -7.53
C GLU A 41 2.80 7.27 -6.22
N ILE A 42 2.16 6.20 -5.76
CA ILE A 42 2.56 5.55 -4.52
C ILE A 42 3.99 5.02 -4.61
N LYS A 43 4.31 4.42 -5.76
CA LYS A 43 5.65 3.87 -5.98
C LYS A 43 6.72 4.93 -5.72
N GLU A 44 6.64 6.04 -6.45
CA GLU A 44 7.61 7.12 -6.29
C GLU A 44 7.71 7.55 -4.84
N LEU A 45 6.58 7.51 -4.12
CA LEU A 45 6.55 7.90 -2.73
C LEU A 45 7.36 6.94 -1.87
N CYS A 46 7.09 5.64 -2.01
CA CYS A 46 7.79 4.63 -1.25
C CYS A 46 9.30 4.81 -1.35
N GLN A 47 9.76 5.19 -2.53
CA GLN A 47 11.19 5.41 -2.76
C GLN A 47 11.66 6.71 -2.13
N SER A 48 10.73 7.66 -2.00
CA SER A 48 11.05 8.97 -1.42
C SER A 48 11.57 8.82 0.00
N HIS A 49 10.90 7.98 0.80
CA HIS A 49 11.30 7.75 2.18
C HIS A 49 12.01 6.41 2.34
N ASN A 50 12.23 5.71 1.22
CA ASN A 50 12.90 4.42 1.25
C ASN A 50 12.14 3.43 2.15
N ILE A 51 10.84 3.36 1.96
CA ILE A 51 10.00 2.45 2.75
C ILE A 51 9.52 1.28 1.90
N PRO A 52 10.31 0.20 1.83
CA PRO A 52 9.95 -0.98 1.04
C PRO A 52 8.55 -1.48 1.35
N VAL A 53 7.79 -1.78 0.32
CA VAL A 53 6.42 -2.27 0.47
C VAL A 53 5.97 -3.00 -0.79
N GLU A 54 4.85 -3.71 -0.70
CA GLU A 54 4.33 -4.43 -1.85
C GLU A 54 2.87 -4.05 -2.09
N LEU A 55 2.62 -3.44 -3.24
CA LEU A 55 1.27 -3.01 -3.60
C LEU A 55 0.55 -4.10 -4.39
N ILE A 56 -0.52 -4.61 -3.82
CA ILE A 56 -1.32 -5.66 -4.45
C ILE A 56 -2.62 -5.10 -5.04
N GLN A 57 -3.12 -5.73 -6.10
CA GLN A 57 -4.35 -5.28 -6.73
C GLN A 57 -5.38 -6.40 -6.83
N CYS A 58 -6.60 -6.13 -6.40
CA CYS A 58 -7.67 -7.13 -6.41
C CYS A 58 -9.04 -6.46 -6.55
N ARG A 59 -10.08 -7.26 -6.82
CA ARG A 59 -11.44 -6.75 -6.97
C ARG A 59 -12.02 -6.33 -5.62
N VAL A 60 -13.34 -6.17 -5.57
CA VAL A 60 -14.01 -5.78 -4.34
C VAL A 60 -14.21 -6.96 -3.38
N ASN A 61 -13.82 -8.16 -3.83
CA ASN A 61 -13.96 -9.36 -3.00
C ASN A 61 -12.90 -10.40 -3.34
N GLU A 62 -11.65 -10.10 -2.99
CA GLU A 62 -10.53 -11.00 -3.24
C GLU A 62 -9.43 -10.85 -2.18
N ILE A 63 -9.27 -9.62 -1.69
CA ILE A 63 -8.26 -9.32 -0.68
C ILE A 63 -8.51 -10.10 0.61
N GLU A 64 -9.79 -10.33 0.91
CA GLU A 64 -10.16 -11.06 2.11
C GLU A 64 -9.50 -12.43 2.15
N THR A 65 -9.51 -13.12 1.01
CA THR A 65 -8.91 -14.44 0.91
C THR A 65 -7.39 -14.33 0.81
N TYR A 66 -6.92 -13.35 0.04
CA TYR A 66 -5.48 -13.15 -0.14
C TYR A 66 -4.91 -12.26 0.97
N MET A 67 -5.69 -12.02 2.01
CA MET A 67 -5.24 -11.18 3.12
C MET A 67 -4.23 -11.90 4.01
N ASP A 68 -3.20 -12.49 3.38
CA ASP A 68 -2.17 -13.21 4.11
C ASP A 68 -1.39 -12.28 5.03
N GLY A 69 -1.18 -11.05 4.58
CA GLY A 69 -0.44 -10.08 5.38
C GLY A 69 -0.47 -8.69 4.78
N VAL A 70 -1.62 -8.03 4.90
CA VAL A 70 -1.78 -6.68 4.38
C VAL A 70 -1.61 -5.64 5.48
N HIS A 71 -0.75 -4.65 5.23
CA HIS A 71 -0.49 -3.60 6.21
C HIS A 71 -1.37 -2.39 5.94
N LEU A 72 -1.80 -2.24 4.70
CA LEU A 72 -2.67 -1.13 4.32
C LEU A 72 -3.52 -1.51 3.11
N ILE A 73 -4.72 -0.95 3.03
CA ILE A 73 -5.61 -1.25 1.91
C ILE A 73 -6.32 0.02 1.43
N CYS A 74 -6.54 0.11 0.14
CA CYS A 74 -7.20 1.27 -0.44
C CYS A 74 -8.46 0.86 -1.18
N THR A 75 -9.62 1.12 -0.57
CA THR A 75 -10.89 0.76 -1.16
C THR A 75 -11.94 1.84 -0.87
N THR A 76 -12.84 2.07 -1.81
CA THR A 76 -13.88 3.09 -1.63
C THR A 76 -15.17 2.46 -1.11
N ALA A 77 -15.23 2.21 0.20
CA ALA A 77 -16.40 1.61 0.82
C ALA A 77 -16.21 1.39 2.32
N ARG A 78 -14.96 1.23 2.73
CA ARG A 78 -14.63 1.01 4.14
C ARG A 78 -15.24 -0.30 4.64
N VAL A 79 -14.99 -1.38 3.89
CA VAL A 79 -15.52 -2.68 4.26
C VAL A 79 -14.75 -3.28 5.44
N ASP A 80 -14.53 -2.47 6.48
CA ASP A 80 -13.81 -2.92 7.67
C ASP A 80 -14.77 -3.24 8.81
N ARG A 81 -15.98 -2.68 8.73
CA ARG A 81 -16.98 -2.92 9.77
C ARG A 81 -17.39 -4.40 9.82
N SER A 82 -17.03 -5.16 8.79
CA SER A 82 -17.34 -6.58 8.73
C SER A 82 -16.09 -7.42 8.48
N PHE A 83 -14.92 -6.78 8.58
CA PHE A 83 -13.65 -7.49 8.36
C PHE A 83 -12.93 -7.72 9.69
N GLY A 84 -12.90 -6.69 10.53
CA GLY A 84 -12.24 -6.81 11.81
C GLY A 84 -11.45 -5.56 12.16
N ASP A 85 -10.38 -5.31 11.42
CA ASP A 85 -9.54 -4.14 11.65
C ASP A 85 -8.72 -3.81 10.42
N ILE A 86 -9.19 -4.26 9.25
CA ILE A 86 -8.49 -4.02 8.00
C ILE A 86 -8.26 -2.51 7.80
N PRO A 87 -7.02 -2.05 7.99
CA PRO A 87 -6.67 -0.63 7.83
C PRO A 87 -6.79 -0.14 6.40
N LEU A 88 -8.01 0.05 5.91
CA LEU A 88 -8.22 0.51 4.54
C LEU A 88 -8.51 2.00 4.48
N VAL A 89 -8.36 2.57 3.30
CA VAL A 89 -8.60 3.98 3.07
C VAL A 89 -9.23 4.22 1.70
N HIS A 90 -9.99 5.29 1.58
CA HIS A 90 -10.65 5.64 0.32
C HIS A 90 -9.69 6.39 -0.59
N GLY A 91 -9.78 6.11 -1.88
CA GLY A 91 -8.91 6.77 -2.85
C GLY A 91 -9.68 7.64 -3.83
N MET A 92 -10.90 8.02 -3.45
CA MET A 92 -11.73 8.87 -4.29
C MET A 92 -11.01 10.16 -4.68
N PRO A 93 -10.34 10.83 -3.73
CA PRO A 93 -9.62 12.08 -4.01
C PRO A 93 -8.36 11.85 -4.83
N PHE A 94 -7.67 10.73 -4.57
CA PHE A 94 -6.45 10.41 -5.30
C PHE A 94 -6.73 10.14 -6.78
N VAL A 95 -7.89 9.54 -7.05
CA VAL A 95 -8.28 9.23 -8.42
C VAL A 95 -8.74 10.48 -9.17
N SER A 96 -9.02 11.56 -8.43
CA SER A 96 -9.48 12.80 -9.04
C SER A 96 -8.38 13.42 -9.91
N GLY A 97 -7.13 13.25 -9.49
CA GLY A 97 -6.02 13.81 -10.24
C GLY A 97 -5.76 15.27 -9.91
N VAL A 98 -6.69 15.88 -9.17
CA VAL A 98 -6.56 17.28 -8.79
C VAL A 98 -6.53 17.44 -7.27
N GLY A 99 -6.99 16.41 -6.57
CA GLY A 99 -7.00 16.46 -5.13
C GLY A 99 -5.89 15.62 -4.51
N ILE A 100 -5.12 14.93 -5.35
CA ILE A 100 -4.03 14.10 -4.87
C ILE A 100 -3.01 14.92 -4.08
N GLU A 101 -2.81 16.17 -4.49
CA GLU A 101 -1.87 17.05 -3.81
C GLU A 101 -2.18 17.15 -2.33
N ALA A 102 -3.43 17.49 -2.00
CA ALA A 102 -3.84 17.63 -0.61
C ALA A 102 -3.80 16.27 0.10
N LEU A 103 -4.39 15.26 -0.52
CA LEU A 103 -4.42 13.93 0.08
C LEU A 103 -2.99 13.43 0.32
N GLN A 104 -2.17 13.49 -0.72
CA GLN A 104 -0.79 13.06 -0.62
C GLN A 104 -0.11 13.66 0.61
N ASN A 105 -0.14 14.98 0.72
CA ASN A 105 0.47 15.66 1.86
C ASN A 105 -0.12 15.15 3.17
N LYS A 106 -1.43 15.21 3.30
CA LYS A 106 -2.10 14.75 4.52
C LYS A 106 -1.70 13.32 4.86
N ILE A 107 -1.77 12.41 3.88
CA ILE A 107 -1.41 11.03 4.12
C ILE A 107 0.04 10.89 4.57
N LEU A 108 0.94 11.56 3.86
CA LEU A 108 2.37 11.50 4.19
C LEU A 108 2.63 11.96 5.62
N THR A 109 2.04 13.08 5.99
CA THR A 109 2.22 13.61 7.34
C THR A 109 1.83 12.57 8.39
N ILE A 110 0.75 11.83 8.12
CA ILE A 110 0.28 10.81 9.05
C ILE A 110 1.17 9.56 9.00
N LEU A 111 1.56 9.15 7.80
CA LEU A 111 2.41 7.98 7.64
C LEU A 111 3.70 8.12 8.44
N GLN A 112 4.14 9.36 8.63
CA GLN A 112 5.36 9.64 9.38
C GLN A 112 5.10 9.62 10.88
N GLY A 113 3.82 9.67 11.27
CA GLY A 113 3.47 9.67 12.67
C GLY A 113 3.96 10.90 13.40
N MET A 1 44.64 1.24 -17.28
CA MET A 1 45.14 -0.12 -17.64
C MET A 1 44.01 -1.14 -17.62
N GLY A 2 43.48 -1.42 -16.43
CA GLY A 2 42.41 -2.38 -16.30
C GLY A 2 42.01 -2.61 -14.85
N SER A 3 40.73 -2.39 -14.56
CA SER A 3 40.21 -2.57 -13.21
C SER A 3 38.74 -2.99 -13.24
N SER A 4 38.09 -2.95 -12.08
CA SER A 4 36.69 -3.33 -11.98
C SER A 4 35.94 -2.35 -11.08
N HIS A 5 34.62 -2.51 -11.02
CA HIS A 5 33.78 -1.65 -10.20
C HIS A 5 34.08 -1.85 -8.72
N HIS A 6 33.88 -3.08 -8.25
CA HIS A 6 34.12 -3.41 -6.85
C HIS A 6 33.17 -2.65 -5.93
N HIS A 7 32.71 -3.33 -4.89
CA HIS A 7 31.81 -2.73 -3.93
C HIS A 7 32.24 -3.07 -2.50
N HIS A 8 32.66 -2.05 -1.76
CA HIS A 8 33.10 -2.25 -0.38
C HIS A 8 31.92 -2.47 0.56
N HIS A 9 30.73 -2.66 -0.02
CA HIS A 9 29.53 -2.89 0.76
C HIS A 9 29.28 -4.38 0.98
N HIS A 10 29.96 -4.94 1.98
CA HIS A 10 29.81 -6.36 2.29
C HIS A 10 28.39 -6.67 2.74
N HIS A 11 27.82 -7.76 2.21
CA HIS A 11 26.47 -8.16 2.56
C HIS A 11 26.46 -9.55 3.20
N HIS A 12 26.79 -9.60 4.49
CA HIS A 12 26.81 -10.87 5.21
C HIS A 12 25.69 -10.94 6.24
N GLU A 13 25.16 -9.77 6.62
CA GLU A 13 24.08 -9.71 7.60
C GLU A 13 22.79 -10.30 7.02
N ASN A 14 22.75 -11.63 6.94
CA ASN A 14 21.59 -12.33 6.42
C ASN A 14 21.34 -11.96 4.96
N LEU A 15 20.93 -12.95 4.16
CA LEU A 15 20.65 -12.74 2.75
C LEU A 15 19.26 -13.24 2.38
N TYR A 16 18.37 -13.26 3.36
CA TYR A 16 16.99 -13.71 3.15
C TYR A 16 16.00 -12.63 3.51
N PHE A 17 16.30 -11.40 3.13
CA PHE A 17 15.42 -10.26 3.41
C PHE A 17 14.85 -9.66 2.14
N GLN A 18 13.72 -8.97 2.26
CA GLN A 18 13.07 -8.36 1.11
C GLN A 18 12.88 -6.86 1.35
N GLY A 19 12.45 -6.51 2.57
CA GLY A 19 12.25 -5.11 2.91
C GLY A 19 10.85 -4.63 2.56
N SER A 20 10.07 -4.34 3.60
CA SER A 20 8.70 -3.85 3.42
C SER A 20 8.04 -3.56 4.76
N LYS A 21 7.89 -4.60 5.57
CA LYS A 21 7.27 -4.47 6.90
C LYS A 21 5.77 -4.27 6.78
N ARG A 22 5.36 -3.30 5.96
CA ARG A 22 3.94 -3.02 5.77
C ARG A 22 3.52 -3.31 4.32
N LYS A 23 2.29 -3.81 4.16
CA LYS A 23 1.77 -4.14 2.83
C LYS A 23 0.39 -3.53 2.62
N ILE A 24 0.26 -2.69 1.59
CA ILE A 24 -1.01 -2.05 1.28
C ILE A 24 -1.70 -2.70 0.09
N ILE A 25 -3.02 -2.63 0.03
CA ILE A 25 -3.78 -3.21 -1.09
C ILE A 25 -4.56 -2.13 -1.82
N VAL A 26 -4.68 -2.27 -3.14
CA VAL A 26 -5.43 -1.31 -3.95
C VAL A 26 -6.52 -2.01 -4.75
N ALA A 27 -7.76 -1.57 -4.57
CA ALA A 27 -8.88 -2.18 -5.27
C ALA A 27 -9.71 -1.14 -6.02
N CYS A 28 -9.85 -1.36 -7.31
CA CYS A 28 -10.61 -0.44 -8.16
C CYS A 28 -11.32 -1.20 -9.27
N GLY A 29 -10.54 -1.96 -10.05
CA GLY A 29 -11.11 -2.72 -11.14
C GLY A 29 -11.46 -1.86 -12.34
N GLY A 30 -11.32 -0.55 -12.19
CA GLY A 30 -11.62 0.35 -13.29
C GLY A 30 -10.64 0.22 -14.42
N ALA A 31 -10.33 1.33 -15.08
CA ALA A 31 -9.40 1.33 -16.19
C ALA A 31 -9.18 2.74 -16.72
N VAL A 32 -8.54 2.84 -17.88
CA VAL A 32 -8.26 4.14 -18.49
C VAL A 32 -7.66 5.12 -17.48
N ALA A 33 -6.41 4.86 -17.10
CA ALA A 33 -5.70 5.72 -16.16
C ALA A 33 -6.30 5.59 -14.75
N THR A 34 -6.46 4.36 -14.28
CA THR A 34 -7.01 4.12 -12.95
C THR A 34 -6.17 3.10 -12.19
N SER A 35 -5.98 1.93 -12.80
CA SER A 35 -5.20 0.87 -12.18
C SER A 35 -3.73 1.23 -12.13
N THR A 36 -3.19 1.64 -13.27
CA THR A 36 -1.78 2.02 -13.35
C THR A 36 -1.52 3.29 -12.55
N MET A 37 -2.42 4.25 -12.65
CA MET A 37 -2.28 5.51 -11.92
C MET A 37 -1.96 5.26 -10.46
N ALA A 38 -2.80 4.48 -9.79
CA ALA A 38 -2.60 4.16 -8.38
C ALA A 38 -1.29 3.41 -8.18
N ALA A 39 -1.16 2.27 -8.86
CA ALA A 39 0.04 1.44 -8.77
C ALA A 39 1.30 2.28 -8.93
N GLU A 40 1.38 3.01 -10.05
CA GLU A 40 2.52 3.86 -10.32
C GLU A 40 2.66 4.96 -9.27
N GLU A 41 1.56 5.65 -8.98
CA GLU A 41 1.59 6.73 -8.00
C GLU A 41 2.06 6.23 -6.64
N ILE A 42 1.40 5.20 -6.12
CA ILE A 42 1.77 4.65 -4.82
C ILE A 42 3.18 4.08 -4.86
N LYS A 43 3.59 3.59 -6.02
CA LYS A 43 4.92 3.01 -6.18
C LYS A 43 5.98 4.12 -6.23
N GLU A 44 5.79 5.08 -7.13
CA GLU A 44 6.72 6.19 -7.27
C GLU A 44 6.93 6.91 -5.94
N LEU A 45 5.86 7.09 -5.19
CA LEU A 45 5.93 7.77 -3.89
C LEU A 45 6.79 6.95 -2.92
N CYS A 46 6.42 5.69 -2.74
CA CYS A 46 7.16 4.81 -1.83
C CYS A 46 8.64 4.76 -2.19
N GLN A 47 8.94 4.64 -3.49
CA GLN A 47 10.32 4.58 -3.95
C GLN A 47 10.98 5.95 -3.89
N SER A 48 10.25 6.98 -4.32
CA SER A 48 10.77 8.34 -4.32
C SER A 48 11.29 8.72 -2.94
N HIS A 49 10.54 8.36 -1.91
CA HIS A 49 10.93 8.66 -0.53
C HIS A 49 11.79 7.55 0.07
N ASN A 50 12.04 6.50 -0.72
CA ASN A 50 12.84 5.37 -0.26
C ASN A 50 12.18 4.68 0.93
N ILE A 51 10.91 4.33 0.77
CA ILE A 51 10.15 3.66 1.82
C ILE A 51 9.82 2.22 1.43
N PRO A 52 10.71 1.27 1.76
CA PRO A 52 10.49 -0.14 1.42
C PRO A 52 9.13 -0.65 1.89
N VAL A 53 8.30 -1.04 0.93
CA VAL A 53 6.97 -1.55 1.22
C VAL A 53 6.47 -2.39 0.05
N GLU A 54 5.41 -3.15 0.27
CA GLU A 54 4.85 -3.98 -0.78
C GLU A 54 3.37 -3.67 -0.98
N LEU A 55 3.03 -3.17 -2.16
CA LEU A 55 1.64 -2.82 -2.46
C LEU A 55 1.00 -3.86 -3.38
N ILE A 56 -0.13 -4.38 -2.95
CA ILE A 56 -0.87 -5.39 -3.71
C ILE A 56 -2.07 -4.76 -4.40
N GLN A 57 -2.47 -5.31 -5.53
CA GLN A 57 -3.62 -4.80 -6.27
C GLN A 57 -4.62 -5.91 -6.55
N CYS A 58 -5.87 -5.71 -6.14
CA CYS A 58 -6.93 -6.71 -6.32
C CYS A 58 -8.30 -6.04 -6.41
N ARG A 59 -9.32 -6.79 -6.80
CA ARG A 59 -10.68 -6.27 -6.93
C ARG A 59 -11.32 -6.02 -5.56
N VAL A 60 -12.65 -5.88 -5.58
CA VAL A 60 -13.41 -5.64 -4.36
C VAL A 60 -13.55 -6.89 -3.50
N ASN A 61 -13.26 -8.06 -4.09
CA ASN A 61 -13.37 -9.31 -3.35
C ASN A 61 -12.14 -10.20 -3.56
N GLU A 62 -10.99 -9.71 -3.13
CA GLU A 62 -9.74 -10.45 -3.28
C GLU A 62 -8.84 -10.27 -2.07
N ILE A 63 -8.85 -9.07 -1.50
CA ILE A 63 -8.03 -8.76 -0.35
C ILE A 63 -8.33 -9.70 0.82
N GLU A 64 -9.63 -9.86 1.09
CA GLU A 64 -10.08 -10.73 2.17
C GLU A 64 -9.41 -12.10 2.10
N THR A 65 -9.35 -12.66 0.90
CA THR A 65 -8.74 -13.97 0.68
C THR A 65 -7.22 -13.88 0.62
N TYR A 66 -6.72 -12.81 0.00
CA TYR A 66 -5.28 -12.61 -0.12
C TYR A 66 -4.71 -11.90 1.11
N MET A 67 -5.53 -11.82 2.17
CA MET A 67 -5.11 -11.16 3.40
C MET A 67 -4.04 -11.97 4.15
N ASP A 68 -3.02 -12.42 3.43
CA ASP A 68 -1.94 -13.20 4.03
C ASP A 68 -1.15 -12.36 5.04
N GLY A 69 -0.86 -11.12 4.66
CA GLY A 69 -0.11 -10.23 5.53
C GLY A 69 -0.14 -8.79 5.06
N VAL A 70 -1.30 -8.15 5.20
CA VAL A 70 -1.45 -6.76 4.78
C VAL A 70 -1.46 -5.83 5.98
N HIS A 71 -0.65 -4.79 5.92
CA HIS A 71 -0.56 -3.82 6.99
C HIS A 71 -1.52 -2.64 6.76
N LEU A 72 -2.01 -2.50 5.53
CA LEU A 72 -2.93 -1.43 5.19
C LEU A 72 -3.75 -1.79 3.95
N ILE A 73 -4.96 -1.26 3.89
CA ILE A 73 -5.82 -1.53 2.74
C ILE A 73 -6.38 -0.24 2.14
N CYS A 74 -6.35 -0.16 0.82
CA CYS A 74 -6.86 1.00 0.12
C CYS A 74 -7.87 0.59 -0.94
N THR A 75 -9.14 0.79 -0.65
CA THR A 75 -10.20 0.45 -1.59
C THR A 75 -11.11 1.65 -1.86
N THR A 76 -11.61 1.74 -3.08
CA THR A 76 -12.48 2.85 -3.47
C THR A 76 -13.94 2.40 -3.49
N ALA A 77 -14.45 1.99 -2.33
CA ALA A 77 -15.83 1.53 -2.23
C ALA A 77 -16.35 1.69 -0.81
N ARG A 78 -17.63 2.06 -0.69
CA ARG A 78 -18.26 2.24 0.62
C ARG A 78 -18.49 0.90 1.31
N VAL A 79 -17.43 0.35 1.88
CA VAL A 79 -17.53 -0.94 2.57
C VAL A 79 -17.99 -0.75 4.02
N ASP A 80 -17.95 -1.83 4.81
CA ASP A 80 -18.39 -1.78 6.20
C ASP A 80 -17.20 -1.63 7.16
N ARG A 81 -15.99 -1.86 6.64
CA ARG A 81 -14.76 -1.76 7.45
C ARG A 81 -14.99 -2.20 8.90
N SER A 82 -15.65 -3.34 9.07
CA SER A 82 -15.93 -3.88 10.40
C SER A 82 -15.49 -5.35 10.51
N PHE A 83 -15.01 -5.91 9.40
CA PHE A 83 -14.57 -7.30 9.38
C PHE A 83 -13.16 -7.43 9.96
N GLY A 84 -13.08 -7.90 11.20
CA GLY A 84 -11.79 -8.06 11.85
C GLY A 84 -11.19 -6.73 12.27
N ASP A 85 -10.22 -6.25 11.51
CA ASP A 85 -9.56 -4.98 11.80
C ASP A 85 -8.77 -4.49 10.60
N ILE A 86 -9.23 -4.86 9.41
CA ILE A 86 -8.57 -4.46 8.17
C ILE A 86 -8.54 -2.93 8.04
N PRO A 87 -7.36 -2.31 8.30
CA PRO A 87 -7.20 -0.86 8.21
C PRO A 87 -7.29 -0.37 6.78
N LEU A 88 -8.52 -0.25 6.28
CA LEU A 88 -8.74 0.19 4.90
C LEU A 88 -9.11 1.67 4.85
N VAL A 89 -8.88 2.28 3.68
CA VAL A 89 -9.18 3.70 3.49
C VAL A 89 -9.83 3.94 2.13
N HIS A 90 -10.68 4.97 2.05
CA HIS A 90 -11.36 5.31 0.81
C HIS A 90 -10.46 6.15 -0.09
N GLY A 91 -10.62 6.01 -1.40
CA GLY A 91 -9.82 6.75 -2.34
C GLY A 91 -10.64 7.69 -3.21
N MET A 92 -11.80 8.12 -2.69
CA MET A 92 -12.67 9.03 -3.42
C MET A 92 -11.91 10.30 -3.80
N PRO A 93 -11.28 10.96 -2.82
CA PRO A 93 -10.52 12.20 -3.04
C PRO A 93 -9.22 11.98 -3.82
N PHE A 94 -8.59 10.83 -3.63
CA PHE A 94 -7.34 10.52 -4.32
C PHE A 94 -7.55 10.38 -5.82
N VAL A 95 -8.69 9.80 -6.20
CA VAL A 95 -9.01 9.60 -7.61
C VAL A 95 -9.47 10.87 -8.30
N SER A 96 -9.93 11.84 -7.52
CA SER A 96 -10.40 13.11 -8.08
C SER A 96 -9.29 13.82 -8.85
N GLY A 97 -8.04 13.54 -8.47
CA GLY A 97 -6.92 14.17 -9.15
C GLY A 97 -6.61 15.56 -8.62
N VAL A 98 -7.44 16.05 -7.70
CA VAL A 98 -7.24 17.37 -7.12
C VAL A 98 -6.94 17.30 -5.63
N GLY A 99 -7.40 16.23 -4.98
CA GLY A 99 -7.17 16.07 -3.56
C GLY A 99 -6.05 15.11 -3.22
N ILE A 100 -5.24 14.75 -4.23
CA ILE A 100 -4.14 13.82 -4.02
C ILE A 100 -2.99 14.48 -3.26
N GLU A 101 -2.57 15.65 -3.72
CA GLU A 101 -1.47 16.36 -3.08
C GLU A 101 -1.74 16.57 -1.60
N ALA A 102 -2.87 17.17 -1.28
CA ALA A 102 -3.24 17.43 0.11
C ALA A 102 -3.28 16.12 0.91
N LEU A 103 -3.87 15.08 0.31
CA LEU A 103 -3.97 13.79 0.97
C LEU A 103 -2.60 13.14 1.11
N GLN A 104 -1.82 13.16 0.03
CA GLN A 104 -0.48 12.57 0.04
C GLN A 104 0.33 13.11 1.21
N ASN A 105 0.39 14.44 1.30
CA ASN A 105 1.15 15.09 2.36
C ASN A 105 0.64 14.69 3.74
N LYS A 106 -0.67 14.54 3.87
CA LYS A 106 -1.29 14.17 5.14
C LYS A 106 -1.10 12.69 5.43
N ILE A 107 -1.33 11.86 4.43
CA ILE A 107 -1.19 10.42 4.59
C ILE A 107 0.25 10.04 4.92
N LEU A 108 1.20 10.63 4.18
CA LEU A 108 2.61 10.36 4.41
C LEU A 108 3.03 10.75 5.82
N THR A 109 2.63 11.94 6.24
CA THR A 109 2.97 12.44 7.57
C THR A 109 2.48 11.49 8.66
N ILE A 110 1.33 10.86 8.43
CA ILE A 110 0.77 9.93 9.40
C ILE A 110 1.62 8.66 9.49
N LEU A 111 1.98 8.09 8.34
CA LEU A 111 2.80 6.88 8.32
C LEU A 111 4.21 7.17 8.82
N GLN A 112 4.74 8.34 8.46
CA GLN A 112 6.08 8.74 8.88
C GLN A 112 6.15 8.93 10.39
N GLY A 113 5.10 9.51 10.96
CA GLY A 113 5.08 9.74 12.40
C GLY A 113 5.39 11.18 12.76
N MET A 1 21.44 12.78 -9.52
CA MET A 1 21.42 12.35 -8.10
C MET A 1 19.98 12.08 -7.63
N GLY A 2 19.78 10.95 -6.96
CA GLY A 2 18.47 10.59 -6.48
C GLY A 2 17.83 9.51 -7.33
N SER A 3 18.55 8.41 -7.52
CA SER A 3 18.06 7.29 -8.32
C SER A 3 17.85 6.05 -7.46
N SER A 4 16.86 5.24 -7.84
CA SER A 4 16.54 4.01 -7.11
C SER A 4 16.72 2.79 -8.01
N HIS A 5 17.80 2.05 -7.80
CA HIS A 5 18.09 0.86 -8.59
C HIS A 5 19.07 -0.06 -7.88
N HIS A 6 18.90 -1.36 -8.09
CA HIS A 6 19.78 -2.35 -7.47
C HIS A 6 19.90 -3.62 -8.32
N HIS A 7 18.99 -3.79 -9.27
CA HIS A 7 19.00 -4.96 -10.15
C HIS A 7 18.87 -6.25 -9.34
N HIS A 8 19.98 -6.73 -8.81
CA HIS A 8 19.99 -7.95 -8.01
C HIS A 8 20.42 -7.66 -6.57
N HIS A 9 20.62 -8.73 -5.81
CA HIS A 9 21.04 -8.59 -4.42
C HIS A 9 22.52 -8.21 -4.32
N HIS A 10 23.00 -8.02 -3.10
CA HIS A 10 24.39 -7.65 -2.87
C HIS A 10 25.34 -8.72 -3.43
N HIS A 11 25.45 -9.83 -2.72
CA HIS A 11 26.32 -10.92 -3.15
C HIS A 11 26.28 -12.07 -2.13
N HIS A 12 25.11 -12.29 -1.55
CA HIS A 12 24.94 -13.36 -0.56
C HIS A 12 23.90 -14.37 -1.03
N GLU A 13 22.85 -13.88 -1.69
CA GLU A 13 21.80 -14.74 -2.19
C GLU A 13 21.01 -15.39 -1.05
N ASN A 14 20.84 -14.64 0.03
CA ASN A 14 20.12 -15.14 1.20
C ASN A 14 18.62 -15.01 1.00
N LEU A 15 17.88 -15.97 1.54
CA LEU A 15 16.42 -15.98 1.43
C LEU A 15 15.76 -15.63 2.75
N TYR A 16 16.54 -15.65 3.83
CA TYR A 16 16.02 -15.34 5.16
C TYR A 16 16.40 -13.92 5.58
N PHE A 17 15.57 -12.96 5.21
CA PHE A 17 15.80 -11.56 5.55
C PHE A 17 14.49 -10.82 5.76
N GLN A 18 14.52 -9.79 6.61
CA GLN A 18 13.34 -9.00 6.91
C GLN A 18 13.14 -7.91 5.86
N GLY A 19 13.16 -8.31 4.59
CA GLY A 19 12.98 -7.36 3.51
C GLY A 19 11.53 -7.04 3.24
N SER A 20 10.88 -6.38 4.20
CA SER A 20 9.48 -6.01 4.07
C SER A 20 9.03 -5.22 5.29
N LYS A 21 7.77 -4.78 5.27
CA LYS A 21 7.22 -4.03 6.38
C LYS A 21 5.70 -3.96 6.29
N ARG A 22 5.19 -3.11 5.41
CA ARG A 22 3.75 -2.97 5.24
C ARG A 22 3.32 -3.36 3.82
N LYS A 23 2.11 -3.88 3.69
CA LYS A 23 1.58 -4.29 2.39
C LYS A 23 0.17 -3.72 2.18
N ILE A 24 0.05 -2.82 1.22
CA ILE A 24 -1.24 -2.20 0.93
C ILE A 24 -1.88 -2.81 -0.31
N ILE A 25 -3.21 -2.76 -0.37
CA ILE A 25 -3.93 -3.30 -1.51
C ILE A 25 -4.89 -2.24 -2.07
N VAL A 26 -5.09 -2.23 -3.38
CA VAL A 26 -6.00 -1.27 -4.00
C VAL A 26 -7.03 -2.00 -4.85
N ALA A 27 -8.31 -1.79 -4.54
CA ALA A 27 -9.38 -2.44 -5.28
C ALA A 27 -10.32 -1.44 -5.93
N CYS A 28 -10.51 -1.59 -7.24
CA CYS A 28 -11.40 -0.71 -7.99
C CYS A 28 -11.95 -1.40 -9.24
N GLY A 29 -13.03 -0.85 -9.78
CA GLY A 29 -13.63 -1.42 -10.97
C GLY A 29 -13.01 -0.89 -12.24
N GLY A 30 -11.94 -1.55 -12.69
CA GLY A 30 -11.26 -1.13 -13.90
C GLY A 30 -9.76 -1.21 -13.78
N ALA A 31 -9.06 -0.94 -14.88
CA ALA A 31 -7.60 -0.98 -14.90
C ALA A 31 -7.07 -0.65 -16.29
N VAL A 32 -7.03 0.64 -16.60
CA VAL A 32 -6.53 1.11 -17.90
C VAL A 32 -5.72 2.39 -17.74
N ALA A 33 -6.22 3.29 -16.90
CA ALA A 33 -5.55 4.56 -16.66
C ALA A 33 -5.64 4.95 -15.18
N THR A 34 -6.82 4.75 -14.59
CA THR A 34 -7.04 5.09 -13.19
C THR A 34 -6.16 4.23 -12.28
N SER A 35 -6.32 2.91 -12.38
CA SER A 35 -5.54 1.98 -11.57
C SER A 35 -4.06 2.31 -11.63
N THR A 36 -3.59 2.69 -12.81
CA THR A 36 -2.19 3.03 -13.01
C THR A 36 -1.86 4.36 -12.31
N MET A 37 -2.84 5.25 -12.22
CA MET A 37 -2.65 6.54 -11.58
C MET A 37 -2.20 6.35 -10.12
N ALA A 38 -2.98 5.58 -9.37
CA ALA A 38 -2.66 5.32 -7.98
C ALA A 38 -1.33 4.59 -7.85
N ALA A 39 -1.23 3.43 -8.48
CA ALA A 39 -0.01 2.64 -8.43
C ALA A 39 1.22 3.46 -8.81
N GLU A 40 1.19 4.04 -10.01
CA GLU A 40 2.30 4.85 -10.49
C GLU A 40 2.59 6.01 -9.53
N GLU A 41 1.53 6.58 -8.95
CA GLU A 41 1.69 7.70 -8.03
C GLU A 41 2.26 7.25 -6.69
N ILE A 42 1.63 6.26 -6.08
CA ILE A 42 2.08 5.73 -4.79
C ILE A 42 3.49 5.17 -4.91
N LYS A 43 3.80 4.60 -6.07
CA LYS A 43 5.11 4.02 -6.31
C LYS A 43 6.21 5.08 -6.22
N GLU A 44 6.11 6.10 -7.07
CA GLU A 44 7.10 7.18 -7.07
C GLU A 44 7.25 7.77 -5.68
N LEU A 45 6.14 7.81 -4.94
CA LEU A 45 6.13 8.34 -3.59
C LEU A 45 6.93 7.44 -2.63
N CYS A 46 6.59 6.16 -2.63
CA CYS A 46 7.26 5.17 -1.77
C CYS A 46 8.78 5.29 -1.90
N GLN A 47 9.25 5.57 -3.10
CA GLN A 47 10.69 5.71 -3.34
C GLN A 47 11.20 7.04 -2.81
N SER A 48 10.44 8.10 -3.05
CA SER A 48 10.80 9.43 -2.58
C SER A 48 11.17 9.42 -1.10
N HIS A 49 10.37 8.70 -0.31
CA HIS A 49 10.60 8.61 1.13
C HIS A 49 11.38 7.36 1.49
N ASN A 50 11.69 6.53 0.51
CA ASN A 50 12.44 5.30 0.74
C ASN A 50 11.76 4.45 1.80
N ILE A 51 10.47 4.23 1.62
CA ILE A 51 9.69 3.42 2.56
C ILE A 51 9.40 2.04 1.97
N PRO A 52 10.21 1.03 2.32
CA PRO A 52 10.03 -0.34 1.82
C PRO A 52 8.63 -0.88 2.08
N VAL A 53 7.89 -1.11 1.00
CA VAL A 53 6.53 -1.64 1.11
C VAL A 53 6.10 -2.29 -0.21
N GLU A 54 5.01 -3.04 -0.18
CA GLU A 54 4.52 -3.71 -1.37
C GLU A 54 3.04 -3.40 -1.58
N LEU A 55 2.73 -2.78 -2.71
CA LEU A 55 1.35 -2.44 -3.04
C LEU A 55 0.75 -3.47 -4.00
N ILE A 56 -0.34 -4.09 -3.56
CA ILE A 56 -1.03 -5.11 -4.35
C ILE A 56 -2.34 -4.56 -4.89
N GLN A 57 -2.78 -5.07 -6.03
CA GLN A 57 -4.04 -4.64 -6.62
C GLN A 57 -4.97 -5.83 -6.81
N CYS A 58 -6.22 -5.67 -6.38
CA CYS A 58 -7.21 -6.74 -6.51
C CYS A 58 -8.62 -6.15 -6.56
N ARG A 59 -9.60 -6.98 -6.92
CA ARG A 59 -10.98 -6.53 -7.02
C ARG A 59 -11.60 -6.29 -5.63
N VAL A 60 -12.92 -6.38 -5.54
CA VAL A 60 -13.63 -6.18 -4.27
C VAL A 60 -13.81 -7.50 -3.52
N ASN A 61 -13.41 -8.61 -4.15
CA ASN A 61 -13.53 -9.92 -3.54
C ASN A 61 -12.23 -10.70 -3.68
N GLU A 62 -11.12 -10.06 -3.31
CA GLU A 62 -9.80 -10.69 -3.41
C GLU A 62 -8.93 -10.35 -2.20
N ILE A 63 -9.06 -9.12 -1.70
CA ILE A 63 -8.27 -8.66 -0.56
C ILE A 63 -8.41 -9.63 0.62
N GLU A 64 -9.60 -10.18 0.78
CA GLU A 64 -9.87 -11.12 1.87
C GLU A 64 -9.13 -12.43 1.62
N THR A 65 -9.05 -12.84 0.36
CA THR A 65 -8.37 -14.07 0.01
C THR A 65 -6.86 -13.90 0.04
N TYR A 66 -6.38 -12.77 -0.49
CA TYR A 66 -4.95 -12.49 -0.51
C TYR A 66 -4.52 -11.71 0.74
N MET A 67 -5.40 -11.65 1.74
CA MET A 67 -5.10 -10.95 2.97
C MET A 67 -4.09 -11.72 3.83
N ASP A 68 -3.02 -12.19 3.20
CA ASP A 68 -1.99 -12.94 3.90
C ASP A 68 -1.23 -12.05 4.88
N GLY A 69 -0.95 -10.82 4.45
CA GLY A 69 -0.22 -9.90 5.30
C GLY A 69 -0.35 -8.45 4.85
N VAL A 70 -1.58 -7.96 4.82
CA VAL A 70 -1.83 -6.58 4.40
C VAL A 70 -1.83 -5.64 5.60
N HIS A 71 -1.02 -4.58 5.51
CA HIS A 71 -0.92 -3.61 6.59
C HIS A 71 -1.92 -2.46 6.38
N LEU A 72 -2.36 -2.29 5.15
CA LEU A 72 -3.32 -1.23 4.82
C LEU A 72 -4.10 -1.59 3.55
N ILE A 73 -5.37 -1.21 3.49
CA ILE A 73 -6.17 -1.51 2.32
C ILE A 73 -6.93 -0.27 1.84
N CYS A 74 -7.03 -0.13 0.52
CA CYS A 74 -7.72 1.00 -0.08
C CYS A 74 -8.78 0.54 -1.08
N THR A 75 -10.04 0.85 -0.78
CA THR A 75 -11.15 0.46 -1.66
C THR A 75 -12.19 1.57 -1.71
N THR A 76 -12.89 1.67 -2.84
CA THR A 76 -13.92 2.70 -3.00
C THR A 76 -15.31 2.10 -2.87
N ALA A 77 -15.67 1.71 -1.65
CA ALA A 77 -16.98 1.11 -1.39
C ALA A 77 -17.41 1.35 0.05
N ARG A 78 -18.71 1.47 0.26
CA ARG A 78 -19.26 1.70 1.59
C ARG A 78 -19.28 0.40 2.40
N VAL A 79 -18.10 -0.18 2.62
CA VAL A 79 -17.98 -1.42 3.38
C VAL A 79 -18.45 -1.22 4.82
N ASP A 80 -18.35 -2.27 5.63
CA ASP A 80 -18.77 -2.20 7.02
C ASP A 80 -17.59 -1.88 7.93
N ARG A 81 -16.37 -2.18 7.45
CA ARG A 81 -15.15 -1.93 8.22
C ARG A 81 -15.33 -2.33 9.67
N SER A 82 -16.00 -3.46 9.90
CA SER A 82 -16.24 -3.96 11.24
C SER A 82 -15.76 -5.40 11.38
N PHE A 83 -15.17 -5.94 10.32
CA PHE A 83 -14.68 -7.31 10.32
C PHE A 83 -13.19 -7.35 10.69
N GLY A 84 -12.91 -7.67 11.95
CA GLY A 84 -11.54 -7.74 12.42
C GLY A 84 -10.94 -6.37 12.68
N ASP A 85 -9.87 -6.05 11.97
CA ASP A 85 -9.21 -4.76 12.12
C ASP A 85 -8.58 -4.33 10.81
N ILE A 86 -9.17 -4.78 9.70
CA ILE A 86 -8.66 -4.44 8.38
C ILE A 86 -8.58 -2.92 8.19
N PRO A 87 -7.37 -2.35 8.29
CA PRO A 87 -7.17 -0.90 8.13
C PRO A 87 -7.46 -0.43 6.71
N LEU A 88 -8.74 -0.24 6.41
CA LEU A 88 -9.14 0.19 5.07
C LEU A 88 -9.37 1.69 5.00
N VAL A 89 -9.01 2.25 3.85
CA VAL A 89 -9.17 3.68 3.63
C VAL A 89 -9.75 3.95 2.24
N HIS A 90 -10.50 5.04 2.12
CA HIS A 90 -11.11 5.41 0.86
C HIS A 90 -10.11 6.15 -0.04
N GLY A 91 -10.14 5.87 -1.33
CA GLY A 91 -9.23 6.52 -2.26
C GLY A 91 -9.96 7.35 -3.30
N MET A 92 -11.26 7.55 -3.10
CA MET A 92 -12.07 8.32 -4.02
C MET A 92 -11.49 9.72 -4.25
N PRO A 93 -11.06 10.42 -3.17
CA PRO A 93 -10.50 11.77 -3.30
C PRO A 93 -9.11 11.77 -3.91
N PHE A 94 -8.33 10.74 -3.61
CA PHE A 94 -6.97 10.63 -4.14
C PHE A 94 -6.97 10.30 -5.62
N VAL A 95 -7.93 9.47 -6.04
CA VAL A 95 -8.04 9.08 -7.45
C VAL A 95 -8.56 10.24 -8.30
N SER A 96 -9.23 11.19 -7.66
CA SER A 96 -9.78 12.34 -8.35
C SER A 96 -8.71 13.05 -9.17
N GLY A 97 -7.51 13.12 -8.63
CA GLY A 97 -6.42 13.78 -9.32
C GLY A 97 -6.27 15.23 -8.95
N VAL A 98 -7.23 15.76 -8.20
CA VAL A 98 -7.21 17.16 -7.78
C VAL A 98 -6.97 17.30 -6.29
N GLY A 99 -6.89 16.17 -5.57
CA GLY A 99 -6.65 16.20 -4.14
C GLY A 99 -5.41 15.45 -3.73
N ILE A 100 -4.57 15.11 -4.71
CA ILE A 100 -3.34 14.38 -4.45
C ILE A 100 -2.37 15.22 -3.62
N GLU A 101 -2.14 16.45 -4.05
CA GLU A 101 -1.22 17.35 -3.36
C GLU A 101 -1.52 17.40 -1.85
N ALA A 102 -2.78 17.54 -1.51
CA ALA A 102 -3.20 17.61 -0.11
C ALA A 102 -3.11 16.23 0.56
N LEU A 103 -3.59 15.20 -0.13
CA LEU A 103 -3.56 13.85 0.41
C LEU A 103 -2.13 13.37 0.60
N GLN A 104 -1.28 13.65 -0.39
CA GLN A 104 0.12 13.26 -0.34
C GLN A 104 0.75 13.65 0.98
N ASN A 105 0.66 14.93 1.32
CA ASN A 105 1.23 15.44 2.57
C ASN A 105 0.70 14.65 3.78
N LYS A 106 -0.57 14.27 3.73
CA LYS A 106 -1.17 13.50 4.82
C LYS A 106 -0.58 12.09 4.90
N ILE A 107 -0.35 11.48 3.74
CA ILE A 107 0.21 10.13 3.68
C ILE A 107 1.60 10.09 4.31
N LEU A 108 2.52 10.89 3.77
CA LEU A 108 3.89 10.91 4.28
C LEU A 108 3.91 11.12 5.80
N THR A 109 3.08 12.05 6.28
CA THR A 109 3.01 12.33 7.71
C THR A 109 2.72 11.06 8.50
N ILE A 110 1.80 10.24 8.01
CA ILE A 110 1.45 9.00 8.69
C ILE A 110 2.43 7.89 8.34
N LEU A 111 2.91 7.90 7.11
CA LEU A 111 3.85 6.89 6.65
C LEU A 111 5.26 7.15 7.18
N GLN A 112 5.45 8.33 7.77
CA GLN A 112 6.75 8.71 8.33
C GLN A 112 6.80 8.48 9.83
N GLY A 113 5.68 8.05 10.41
CA GLY A 113 5.62 7.81 11.84
C GLY A 113 4.89 8.91 12.60
N MET A 1 23.60 14.24 1.78
CA MET A 1 25.04 13.96 1.49
C MET A 1 25.36 14.14 0.00
N GLY A 2 24.44 13.74 -0.87
CA GLY A 2 24.65 13.87 -2.29
C GLY A 2 23.75 12.96 -3.10
N SER A 3 24.17 11.72 -3.28
CA SER A 3 23.38 10.76 -4.04
C SER A 3 23.99 9.36 -3.95
N SER A 4 23.11 8.36 -3.88
CA SER A 4 23.55 6.97 -3.79
C SER A 4 22.40 5.99 -4.08
N HIS A 5 21.17 6.50 -4.05
CA HIS A 5 20.00 5.66 -4.32
C HIS A 5 19.90 4.53 -3.29
N HIS A 6 18.89 3.69 -3.45
CA HIS A 6 18.69 2.57 -2.54
C HIS A 6 19.84 1.57 -2.63
N HIS A 7 19.81 0.56 -1.77
CA HIS A 7 20.86 -0.46 -1.75
C HIS A 7 20.96 -1.16 -3.10
N HIS A 8 21.78 -0.61 -3.99
CA HIS A 8 21.96 -1.18 -5.32
C HIS A 8 20.63 -1.30 -6.06
N HIS A 9 20.65 -1.96 -7.20
CA HIS A 9 19.44 -2.16 -8.00
C HIS A 9 19.09 -3.64 -8.11
N HIS A 10 17.80 -3.95 -7.92
CA HIS A 10 17.34 -5.34 -8.00
C HIS A 10 18.22 -6.26 -7.17
N HIS A 11 17.93 -6.35 -5.88
CA HIS A 11 18.69 -7.19 -4.98
C HIS A 11 18.26 -8.66 -5.10
N HIS A 12 18.79 -9.50 -4.22
CA HIS A 12 18.47 -10.92 -4.22
C HIS A 12 17.12 -11.17 -3.54
N GLU A 13 16.82 -12.44 -3.26
CA GLU A 13 15.57 -12.82 -2.62
C GLU A 13 14.38 -12.52 -3.54
N ASN A 14 13.85 -13.57 -4.16
CA ASN A 14 12.71 -13.42 -5.07
C ASN A 14 11.41 -13.25 -4.28
N LEU A 15 10.90 -14.35 -3.75
CA LEU A 15 9.65 -14.32 -2.99
C LEU A 15 9.82 -15.01 -1.64
N TYR A 16 10.48 -14.33 -0.71
CA TYR A 16 10.70 -14.87 0.62
C TYR A 16 10.47 -13.82 1.71
N PHE A 17 9.98 -12.65 1.31
CA PHE A 17 9.71 -11.58 2.26
C PHE A 17 10.98 -11.15 2.98
N GLN A 18 12.14 -11.41 2.35
CA GLN A 18 13.42 -11.04 2.95
C GLN A 18 13.82 -9.62 2.55
N GLY A 19 12.85 -8.84 2.04
CA GLY A 19 13.13 -7.48 1.64
C GLY A 19 11.86 -6.65 1.55
N SER A 20 11.17 -6.50 2.68
CA SER A 20 9.94 -5.73 2.72
C SER A 20 9.57 -5.37 4.16
N LYS A 21 8.65 -4.43 4.30
CA LYS A 21 8.20 -3.99 5.62
C LYS A 21 6.69 -4.09 5.74
N ARG A 22 6.00 -3.48 4.78
CA ARG A 22 4.54 -3.47 4.77
C ARG A 22 3.99 -3.86 3.40
N LYS A 23 2.76 -4.36 3.38
CA LYS A 23 2.13 -4.78 2.13
C LYS A 23 0.73 -4.17 1.99
N ILE A 24 0.57 -3.26 1.03
CA ILE A 24 -0.71 -2.59 0.81
C ILE A 24 -1.48 -3.21 -0.36
N ILE A 25 -2.81 -3.19 -0.29
CA ILE A 25 -3.64 -3.75 -1.37
C ILE A 25 -4.46 -2.66 -2.03
N VAL A 26 -4.68 -2.78 -3.33
CA VAL A 26 -5.49 -1.81 -4.05
C VAL A 26 -6.65 -2.51 -4.77
N ALA A 27 -7.87 -2.21 -4.34
CA ALA A 27 -9.05 -2.81 -4.96
C ALA A 27 -9.90 -1.79 -5.68
N CYS A 28 -10.12 -2.04 -6.97
CA CYS A 28 -10.92 -1.14 -7.79
C CYS A 28 -11.38 -1.84 -9.07
N GLY A 29 -12.48 -1.33 -9.64
CA GLY A 29 -13.01 -1.92 -10.85
C GLY A 29 -12.49 -1.24 -12.10
N GLY A 30 -11.89 -2.02 -12.99
CA GLY A 30 -11.35 -1.47 -14.22
C GLY A 30 -10.17 -0.55 -13.98
N ALA A 31 -9.92 0.34 -14.93
CA ALA A 31 -8.81 1.29 -14.82
C ALA A 31 -9.22 2.67 -15.32
N VAL A 32 -9.24 2.84 -16.62
CA VAL A 32 -9.62 4.12 -17.23
C VAL A 32 -8.90 5.29 -16.55
N ALA A 33 -7.57 5.18 -16.45
CA ALA A 33 -6.77 6.22 -15.82
C ALA A 33 -7.06 6.30 -14.32
N THR A 34 -7.04 5.15 -13.65
CA THR A 34 -7.30 5.11 -12.22
C THR A 34 -6.40 4.08 -11.53
N SER A 35 -6.36 2.87 -12.10
CA SER A 35 -5.54 1.79 -11.55
C SER A 35 -4.06 2.07 -11.73
N THR A 36 -3.65 2.27 -12.97
CA THR A 36 -2.25 2.54 -13.28
C THR A 36 -1.79 3.84 -12.62
N MET A 37 -2.69 4.81 -12.57
CA MET A 37 -2.39 6.10 -11.96
C MET A 37 -2.02 5.93 -10.49
N ALA A 38 -2.90 5.28 -9.73
CA ALA A 38 -2.66 5.07 -8.31
C ALA A 38 -1.41 4.23 -8.08
N ALA A 39 -1.41 3.02 -8.65
CA ALA A 39 -0.27 2.11 -8.52
C ALA A 39 1.04 2.82 -8.82
N GLU A 40 1.14 3.44 -9.98
CA GLU A 40 2.35 4.15 -10.38
C GLU A 40 2.63 5.29 -9.42
N GLU A 41 1.58 5.92 -8.91
CA GLU A 41 1.73 7.03 -7.97
C GLU A 41 2.32 6.55 -6.65
N ILE A 42 1.70 5.54 -6.05
CA ILE A 42 2.18 5.00 -4.78
C ILE A 42 3.57 4.38 -4.95
N LYS A 43 3.79 3.75 -6.10
CA LYS A 43 5.07 3.11 -6.38
C LYS A 43 6.22 4.10 -6.24
N GLU A 44 6.17 5.19 -6.99
CA GLU A 44 7.21 6.21 -6.94
C GLU A 44 7.33 6.76 -5.53
N LEU A 45 6.22 6.86 -4.82
CA LEU A 45 6.21 7.39 -3.46
C LEU A 45 7.09 6.55 -2.53
N CYS A 46 6.72 5.28 -2.37
CA CYS A 46 7.48 4.38 -1.50
C CYS A 46 8.96 4.38 -1.87
N GLN A 47 9.25 4.45 -3.16
CA GLN A 47 10.64 4.47 -3.63
C GLN A 47 11.31 5.79 -3.32
N SER A 48 10.63 6.89 -3.65
CA SER A 48 11.16 8.23 -3.40
C SER A 48 11.55 8.40 -1.94
N HIS A 49 10.69 7.91 -1.04
CA HIS A 49 10.93 8.01 0.39
C HIS A 49 11.83 6.87 0.88
N ASN A 50 12.13 5.94 -0.01
CA ASN A 50 12.99 4.80 0.33
C ASN A 50 12.32 3.93 1.39
N ILE A 51 11.02 3.69 1.21
CA ILE A 51 10.26 2.86 2.15
C ILE A 51 9.91 1.51 1.51
N PRO A 52 10.72 0.47 1.78
CA PRO A 52 10.49 -0.87 1.23
C PRO A 52 9.08 -1.38 1.53
N VAL A 53 8.29 -1.56 0.47
CA VAL A 53 6.93 -2.05 0.60
C VAL A 53 6.48 -2.77 -0.67
N GLU A 54 5.38 -3.53 -0.58
CA GLU A 54 4.86 -4.27 -1.71
C GLU A 54 3.38 -3.93 -1.94
N LEU A 55 3.09 -3.33 -3.10
CA LEU A 55 1.73 -2.95 -3.44
C LEU A 55 1.03 -4.06 -4.23
N ILE A 56 -0.01 -4.63 -3.63
CA ILE A 56 -0.77 -5.72 -4.26
C ILE A 56 -2.11 -5.20 -4.77
N GLN A 57 -2.63 -5.82 -5.82
CA GLN A 57 -3.91 -5.41 -6.40
C GLN A 57 -4.92 -6.56 -6.32
N CYS A 58 -6.18 -6.24 -6.04
CA CYS A 58 -7.23 -7.26 -5.92
C CYS A 58 -8.60 -6.61 -6.05
N ARG A 59 -9.64 -7.43 -6.22
CA ARG A 59 -11.01 -6.91 -6.34
C ARG A 59 -11.58 -6.59 -4.97
N VAL A 60 -12.90 -6.44 -4.91
CA VAL A 60 -13.58 -6.13 -3.65
C VAL A 60 -13.85 -7.40 -2.83
N ASN A 61 -13.56 -8.56 -3.42
CA ASN A 61 -13.77 -9.83 -2.73
C ASN A 61 -12.54 -10.73 -2.87
N GLU A 62 -11.39 -10.23 -2.46
CA GLU A 62 -10.15 -10.98 -2.52
C GLU A 62 -9.17 -10.53 -1.45
N ILE A 63 -9.17 -9.23 -1.17
CA ILE A 63 -8.28 -8.67 -0.16
C ILE A 63 -8.40 -9.41 1.16
N GLU A 64 -9.59 -9.88 1.47
CA GLU A 64 -9.83 -10.60 2.71
C GLU A 64 -9.12 -11.96 2.69
N THR A 65 -9.07 -12.56 1.51
CA THR A 65 -8.41 -13.85 1.36
C THR A 65 -6.90 -13.69 1.36
N TYR A 66 -6.40 -12.67 0.65
CA TYR A 66 -4.96 -12.43 0.58
C TYR A 66 -4.48 -11.49 1.69
N MET A 67 -5.38 -11.09 2.60
CA MET A 67 -5.00 -10.24 3.73
C MET A 67 -4.29 -11.03 4.82
N ASP A 68 -3.34 -11.87 4.44
CA ASP A 68 -2.61 -12.69 5.41
C ASP A 68 -1.43 -11.93 6.00
N GLY A 69 -0.79 -11.11 5.17
CA GLY A 69 0.33 -10.34 5.63
C GLY A 69 0.28 -8.93 5.09
N VAL A 70 -0.93 -8.37 5.04
CA VAL A 70 -1.13 -7.03 4.54
C VAL A 70 -1.11 -6.01 5.67
N HIS A 71 -0.33 -4.95 5.47
CA HIS A 71 -0.18 -3.89 6.47
C HIS A 71 -1.14 -2.73 6.20
N LEU A 72 -1.64 -2.64 4.98
CA LEU A 72 -2.58 -1.58 4.60
C LEU A 72 -3.43 -2.03 3.42
N ILE A 73 -4.61 -1.42 3.28
CA ILE A 73 -5.51 -1.77 2.18
C ILE A 73 -6.17 -0.52 1.62
N CYS A 74 -6.36 -0.49 0.30
CA CYS A 74 -6.98 0.66 -0.35
C CYS A 74 -8.15 0.21 -1.23
N THR A 75 -9.37 0.52 -0.81
CA THR A 75 -10.56 0.14 -1.57
C THR A 75 -11.47 1.35 -1.80
N THR A 76 -12.10 1.39 -2.97
CA THR A 76 -13.01 2.48 -3.31
C THR A 76 -14.36 1.95 -3.79
N ALA A 77 -14.90 0.99 -3.06
CA ALA A 77 -16.18 0.40 -3.41
C ALA A 77 -17.25 0.69 -2.35
N ARG A 78 -16.88 1.43 -1.31
CA ARG A 78 -17.79 1.76 -0.23
C ARG A 78 -18.09 0.54 0.65
N VAL A 79 -17.06 0.05 1.32
CA VAL A 79 -17.21 -1.11 2.18
C VAL A 79 -17.68 -0.70 3.59
N ASP A 80 -17.64 -1.64 4.52
CA ASP A 80 -18.06 -1.37 5.90
C ASP A 80 -16.87 -1.06 6.79
N ARG A 81 -15.69 -1.48 6.36
CA ARG A 81 -14.45 -1.28 7.12
C ARG A 81 -14.68 -1.50 8.61
N SER A 82 -15.45 -2.53 8.93
CA SER A 82 -15.74 -2.88 10.32
C SER A 82 -15.51 -4.37 10.57
N PHE A 83 -14.91 -5.05 9.59
CA PHE A 83 -14.64 -6.48 9.70
C PHE A 83 -13.21 -6.71 10.19
N GLY A 84 -13.09 -7.25 11.41
CA GLY A 84 -11.79 -7.52 11.98
C GLY A 84 -11.04 -6.25 12.30
N ASP A 85 -9.97 -5.98 11.55
CA ASP A 85 -9.17 -4.78 11.77
C ASP A 85 -8.45 -4.37 10.49
N ILE A 86 -9.01 -4.79 9.35
CA ILE A 86 -8.43 -4.48 8.06
C ILE A 86 -8.25 -2.96 7.90
N PRO A 87 -7.01 -2.45 8.06
CA PRO A 87 -6.70 -1.02 7.93
C PRO A 87 -6.85 -0.53 6.50
N LEU A 88 -8.09 -0.40 6.05
CA LEU A 88 -8.35 0.06 4.69
C LEU A 88 -8.68 1.55 4.65
N VAL A 89 -8.55 2.13 3.47
CA VAL A 89 -8.84 3.56 3.29
C VAL A 89 -9.44 3.84 1.91
N HIS A 90 -10.16 4.94 1.81
CA HIS A 90 -10.79 5.33 0.55
C HIS A 90 -9.83 6.19 -0.27
N GLY A 91 -9.94 6.08 -1.59
CA GLY A 91 -9.08 6.85 -2.48
C GLY A 91 -9.87 7.72 -3.42
N MET A 92 -11.11 8.03 -3.06
CA MET A 92 -11.97 8.87 -3.88
C MET A 92 -11.26 10.16 -4.29
N PRO A 93 -10.63 10.87 -3.33
CA PRO A 93 -9.92 12.12 -3.61
C PRO A 93 -8.57 11.88 -4.30
N PHE A 94 -7.97 10.72 -4.06
CA PHE A 94 -6.68 10.39 -4.67
C PHE A 94 -6.83 10.24 -6.18
N VAL A 95 -7.94 9.66 -6.61
CA VAL A 95 -8.19 9.45 -8.03
C VAL A 95 -8.55 10.76 -8.73
N SER A 96 -9.05 11.73 -7.97
CA SER A 96 -9.42 13.02 -8.52
C SER A 96 -8.25 13.68 -9.24
N GLY A 97 -7.04 13.51 -8.70
CA GLY A 97 -5.88 14.11 -9.32
C GLY A 97 -5.63 15.54 -8.86
N VAL A 98 -6.58 16.09 -8.12
CA VAL A 98 -6.47 17.45 -7.62
C VAL A 98 -6.47 17.50 -6.09
N GLY A 99 -7.11 16.51 -5.48
CA GLY A 99 -7.18 16.45 -4.03
C GLY A 99 -5.98 15.76 -3.42
N ILE A 100 -5.04 15.34 -4.27
CA ILE A 100 -3.83 14.67 -3.81
C ILE A 100 -2.95 15.62 -3.01
N GLU A 101 -2.89 16.86 -3.46
CA GLU A 101 -2.08 17.88 -2.79
C GLU A 101 -2.35 17.88 -1.29
N ALA A 102 -3.60 18.08 -0.91
CA ALA A 102 -3.98 18.10 0.50
C ALA A 102 -3.89 16.71 1.11
N LEU A 103 -4.32 15.70 0.35
CA LEU A 103 -4.29 14.33 0.81
C LEU A 103 -2.86 13.89 1.13
N GLN A 104 -1.96 14.07 0.17
CA GLN A 104 -0.56 13.68 0.38
C GLN A 104 -0.02 14.26 1.68
N ASN A 105 -0.22 15.56 1.87
CA ASN A 105 0.26 16.24 3.07
C ASN A 105 -0.22 15.52 4.34
N LYS A 106 -1.52 15.22 4.40
CA LYS A 106 -2.10 14.55 5.56
C LYS A 106 -1.77 13.06 5.58
N ILE A 107 -1.81 12.42 4.42
CA ILE A 107 -1.52 11.00 4.33
C ILE A 107 -0.06 10.70 4.67
N LEU A 108 0.84 11.63 4.32
CA LEU A 108 2.26 11.45 4.62
C LEU A 108 2.54 11.70 6.10
N THR A 109 1.93 12.76 6.64
CA THR A 109 2.10 13.12 8.04
C THR A 109 1.66 11.99 8.97
N ILE A 110 0.58 11.32 8.60
CA ILE A 110 0.06 10.22 9.42
C ILE A 110 0.82 8.93 9.12
N LEU A 111 1.08 8.66 7.85
CA LEU A 111 1.80 7.46 7.45
C LEU A 111 3.12 7.32 8.20
N GLN A 112 3.84 8.44 8.32
CA GLN A 112 5.12 8.46 9.01
C GLN A 112 4.93 8.28 10.52
N GLY A 113 3.80 8.77 11.03
CA GLY A 113 3.52 8.66 12.45
C GLY A 113 2.04 8.53 12.73
N MET A 1 -2.55 12.42 29.65
CA MET A 1 -3.61 11.52 30.17
C MET A 1 -3.28 10.06 29.91
N GLY A 2 -2.07 9.79 29.44
CA GLY A 2 -1.66 8.43 29.17
C GLY A 2 -0.53 8.35 28.17
N SER A 3 -0.51 7.28 27.38
CA SER A 3 0.53 7.10 26.37
C SER A 3 -0.01 6.28 25.19
N SER A 4 0.61 6.49 24.03
CA SER A 4 0.21 5.77 22.83
C SER A 4 1.41 5.13 22.14
N HIS A 5 2.49 4.95 22.89
CA HIS A 5 3.71 4.36 22.35
C HIS A 5 3.52 2.85 22.14
N HIS A 6 4.34 2.28 21.27
CA HIS A 6 4.26 0.85 20.98
C HIS A 6 5.65 0.27 20.71
N HIS A 7 6.16 0.51 19.51
CA HIS A 7 7.48 0.01 19.13
C HIS A 7 8.51 1.14 19.14
N HIS A 8 8.88 1.59 20.34
CA HIS A 8 9.85 2.66 20.49
C HIS A 8 10.72 2.45 21.74
N HIS A 9 10.78 1.21 22.21
CA HIS A 9 11.56 0.86 23.39
C HIS A 9 12.04 -0.57 23.32
N HIS A 10 11.14 -1.48 22.93
CA HIS A 10 11.46 -2.89 22.81
C HIS A 10 11.68 -3.29 21.36
N HIS A 11 11.76 -4.60 21.10
CA HIS A 11 11.98 -5.09 19.75
C HIS A 11 11.37 -6.49 19.59
N HIS A 12 10.32 -6.60 18.78
CA HIS A 12 9.66 -7.87 18.54
C HIS A 12 10.24 -8.56 17.32
N GLU A 13 9.79 -9.79 17.07
CA GLU A 13 10.27 -10.56 15.92
C GLU A 13 9.10 -11.14 15.12
N ASN A 14 8.49 -12.19 15.66
CA ASN A 14 7.36 -12.83 14.99
C ASN A 14 7.74 -13.31 13.59
N LEU A 15 8.90 -13.95 13.47
CA LEU A 15 9.36 -14.45 12.19
C LEU A 15 9.71 -13.29 11.24
N TYR A 16 10.81 -13.44 10.51
CA TYR A 16 11.25 -12.41 9.57
C TYR A 16 11.56 -13.00 8.20
N PHE A 17 10.55 -13.61 7.58
CA PHE A 17 10.71 -14.21 6.27
C PHE A 17 9.46 -13.99 5.41
N GLN A 18 8.63 -13.03 5.82
CA GLN A 18 7.40 -12.72 5.09
C GLN A 18 7.38 -11.25 4.66
N GLY A 19 7.47 -11.02 3.35
CA GLY A 19 7.46 -9.66 2.83
C GLY A 19 8.69 -8.88 3.24
N SER A 20 8.48 -7.79 3.97
CA SER A 20 9.58 -6.95 4.43
C SER A 20 9.14 -6.04 5.57
N LYS A 21 7.89 -5.58 5.52
CA LYS A 21 7.35 -4.71 6.56
C LYS A 21 5.84 -4.60 6.43
N ARG A 22 5.38 -3.81 5.46
CA ARG A 22 3.96 -3.60 5.23
C ARG A 22 3.59 -3.87 3.77
N LYS A 23 2.32 -4.19 3.54
CA LYS A 23 1.84 -4.48 2.19
C LYS A 23 0.49 -3.80 1.93
N ILE A 24 0.45 -2.90 0.95
CA ILE A 24 -0.77 -2.18 0.62
C ILE A 24 -1.43 -2.73 -0.64
N ILE A 25 -2.76 -2.62 -0.70
CA ILE A 25 -3.52 -3.12 -1.84
C ILE A 25 -4.26 -1.98 -2.53
N VAL A 26 -4.37 -2.08 -3.86
CA VAL A 26 -5.08 -1.06 -4.63
C VAL A 26 -6.21 -1.69 -5.44
N ALA A 27 -7.45 -1.34 -5.11
CA ALA A 27 -8.60 -1.90 -5.81
C ALA A 27 -9.38 -0.83 -6.56
N CYS A 28 -9.51 -1.03 -7.87
CA CYS A 28 -10.22 -0.07 -8.72
C CYS A 28 -11.67 -0.48 -8.92
N GLY A 29 -12.37 0.24 -9.80
CA GLY A 29 -13.76 -0.05 -10.08
C GLY A 29 -14.00 -0.50 -11.51
N GLY A 30 -12.93 -0.81 -12.22
CA GLY A 30 -13.05 -1.26 -13.60
C GLY A 30 -12.42 -0.29 -14.58
N ALA A 31 -12.50 1.00 -14.27
CA ALA A 31 -11.95 2.03 -15.14
C ALA A 31 -10.43 1.96 -15.16
N VAL A 32 -9.87 1.48 -16.29
CA VAL A 32 -8.44 1.36 -16.44
C VAL A 32 -7.76 2.73 -16.31
N ALA A 33 -6.43 2.74 -16.19
CA ALA A 33 -5.64 3.97 -16.05
C ALA A 33 -5.63 4.46 -14.61
N THR A 34 -6.73 4.26 -13.90
CA THR A 34 -6.84 4.69 -12.51
C THR A 34 -5.97 3.81 -11.61
N SER A 35 -6.03 2.51 -11.83
CA SER A 35 -5.24 1.56 -11.04
C SER A 35 -3.74 1.84 -11.19
N THR A 36 -3.29 1.99 -12.42
CA THR A 36 -1.88 2.25 -12.70
C THR A 36 -1.46 3.59 -12.11
N MET A 37 -2.38 4.55 -12.11
CA MET A 37 -2.11 5.87 -11.58
C MET A 37 -1.68 5.77 -10.12
N ALA A 38 -2.52 5.11 -9.32
CA ALA A 38 -2.24 4.94 -7.89
C ALA A 38 -0.96 4.13 -7.69
N ALA A 39 -0.83 3.03 -8.44
CA ALA A 39 0.33 2.17 -8.33
C ALA A 39 1.63 2.97 -8.39
N GLU A 40 1.80 3.71 -9.49
CA GLU A 40 3.00 4.53 -9.67
C GLU A 40 3.11 5.59 -8.57
N GLU A 41 2.00 6.27 -8.32
CA GLU A 41 1.96 7.32 -7.29
C GLU A 41 2.36 6.78 -5.93
N ILE A 42 1.73 5.70 -5.51
CA ILE A 42 2.04 5.10 -4.22
C ILE A 42 3.46 4.53 -4.21
N LYS A 43 3.91 4.09 -5.39
CA LYS A 43 5.25 3.52 -5.51
C LYS A 43 6.32 4.60 -5.44
N GLU A 44 6.22 5.63 -6.29
CA GLU A 44 7.19 6.72 -6.31
C GLU A 44 7.35 7.33 -4.92
N LEU A 45 6.25 7.38 -4.16
CA LEU A 45 6.29 7.94 -2.81
C LEU A 45 7.06 7.03 -1.87
N CYS A 46 6.78 5.73 -1.94
CA CYS A 46 7.45 4.76 -1.08
C CYS A 46 8.96 4.82 -1.26
N GLN A 47 9.40 5.01 -2.49
CA GLN A 47 10.83 5.09 -2.79
C GLN A 47 11.39 6.47 -2.43
N SER A 48 10.57 7.49 -2.60
CA SER A 48 10.98 8.86 -2.29
C SER A 48 11.55 8.95 -0.87
N HIS A 49 10.86 8.32 0.08
CA HIS A 49 11.29 8.33 1.47
C HIS A 49 12.06 7.06 1.83
N ASN A 50 12.29 6.20 0.84
CA ASN A 50 13.02 4.96 1.06
C ASN A 50 12.34 4.09 2.13
N ILE A 51 11.11 3.64 1.84
CA ILE A 51 10.37 2.80 2.77
C ILE A 51 10.02 1.46 2.12
N PRO A 52 10.77 0.39 2.42
CA PRO A 52 10.51 -0.94 1.86
C PRO A 52 9.05 -1.35 2.06
N VAL A 53 8.35 -1.58 0.96
CA VAL A 53 6.94 -1.97 1.01
C VAL A 53 6.53 -2.68 -0.26
N GLU A 54 5.42 -3.41 -0.21
CA GLU A 54 4.92 -4.12 -1.38
C GLU A 54 3.50 -3.67 -1.71
N LEU A 55 3.35 -3.03 -2.86
CA LEU A 55 2.04 -2.56 -3.30
C LEU A 55 1.41 -3.54 -4.27
N ILE A 56 0.26 -4.07 -3.87
CA ILE A 56 -0.47 -5.04 -4.68
C ILE A 56 -1.77 -4.43 -5.22
N GLN A 57 -2.21 -4.90 -6.37
CA GLN A 57 -3.44 -4.39 -6.98
C GLN A 57 -4.47 -5.52 -7.09
N CYS A 58 -5.68 -5.27 -6.60
CA CYS A 58 -6.75 -6.27 -6.63
C CYS A 58 -8.08 -5.64 -7.01
N ARG A 59 -9.07 -6.46 -7.32
CA ARG A 59 -10.40 -5.97 -7.69
C ARG A 59 -11.20 -5.60 -6.45
N VAL A 60 -12.50 -5.38 -6.64
CA VAL A 60 -13.38 -5.01 -5.53
C VAL A 60 -13.60 -6.17 -4.57
N ASN A 61 -13.35 -7.40 -5.03
CA ASN A 61 -13.54 -8.57 -4.18
C ASN A 61 -12.40 -9.57 -4.37
N GLU A 62 -11.20 -9.19 -3.93
CA GLU A 62 -10.03 -10.05 -4.05
C GLU A 62 -9.08 -9.85 -2.86
N ILE A 63 -9.02 -8.62 -2.34
CA ILE A 63 -8.15 -8.31 -1.22
C ILE A 63 -8.47 -9.17 0.00
N GLU A 64 -9.74 -9.52 0.15
CA GLU A 64 -10.18 -10.34 1.28
C GLU A 64 -9.58 -11.74 1.22
N THR A 65 -9.56 -12.32 0.03
CA THR A 65 -9.03 -13.66 -0.17
C THR A 65 -7.50 -13.64 -0.15
N TYR A 66 -6.93 -12.60 -0.72
CA TYR A 66 -5.48 -12.45 -0.78
C TYR A 66 -4.95 -11.73 0.47
N MET A 67 -5.79 -11.62 1.49
CA MET A 67 -5.41 -10.96 2.74
C MET A 67 -4.45 -11.82 3.57
N ASP A 68 -3.42 -12.37 2.91
CA ASP A 68 -2.44 -13.22 3.57
C ASP A 68 -1.60 -12.42 4.58
N GLY A 69 -1.23 -11.20 4.20
CA GLY A 69 -0.44 -10.36 5.08
C GLY A 69 -0.41 -8.92 4.63
N VAL A 70 -1.54 -8.25 4.75
CA VAL A 70 -1.66 -6.87 4.34
C VAL A 70 -1.63 -5.91 5.52
N HIS A 71 -0.80 -4.90 5.41
CA HIS A 71 -0.67 -3.91 6.46
C HIS A 71 -1.63 -2.73 6.23
N LEU A 72 -2.03 -2.52 4.98
CA LEU A 72 -2.95 -1.44 4.64
C LEU A 72 -3.62 -1.68 3.28
N ILE A 73 -4.91 -1.36 3.18
CA ILE A 73 -5.64 -1.54 1.92
C ILE A 73 -6.34 -0.25 1.50
N CYS A 74 -6.42 -0.03 0.19
CA CYS A 74 -7.07 1.16 -0.35
C CYS A 74 -8.18 0.79 -1.32
N THR A 75 -9.42 0.92 -0.87
CA THR A 75 -10.58 0.60 -1.70
C THR A 75 -11.70 1.59 -1.47
N THR A 76 -12.60 1.72 -2.46
CA THR A 76 -13.72 2.63 -2.34
C THR A 76 -14.85 1.99 -1.54
N ALA A 77 -14.63 1.82 -0.25
CA ALA A 77 -15.61 1.22 0.64
C ALA A 77 -15.17 1.28 2.10
N ARG A 78 -14.15 0.51 2.44
CA ARG A 78 -13.62 0.48 3.80
C ARG A 78 -14.62 -0.18 4.75
N VAL A 79 -15.25 -1.24 4.29
CA VAL A 79 -16.23 -1.97 5.10
C VAL A 79 -15.56 -2.65 6.30
N ASP A 80 -15.41 -1.89 7.39
CA ASP A 80 -14.79 -2.42 8.61
C ASP A 80 -15.84 -2.77 9.67
N ARG A 81 -17.10 -2.46 9.38
CA ARG A 81 -18.21 -2.74 10.31
C ARG A 81 -18.05 -4.10 10.97
N SER A 82 -17.48 -5.05 10.23
CA SER A 82 -17.27 -6.40 10.74
C SER A 82 -16.07 -7.06 10.07
N PHE A 83 -15.03 -6.27 9.82
CA PHE A 83 -13.83 -6.76 9.17
C PHE A 83 -12.65 -6.78 10.15
N GLY A 84 -12.92 -7.16 11.40
CA GLY A 84 -11.87 -7.22 12.40
C GLY A 84 -11.22 -5.87 12.66
N ASP A 85 -10.14 -5.58 11.93
CA ASP A 85 -9.42 -4.33 12.08
C ASP A 85 -8.68 -3.99 10.80
N ILE A 86 -9.20 -4.45 9.68
CA ILE A 86 -8.60 -4.20 8.38
C ILE A 86 -8.47 -2.70 8.12
N PRO A 87 -7.25 -2.16 8.20
CA PRO A 87 -7.01 -0.73 7.98
C PRO A 87 -7.23 -0.32 6.52
N LEU A 88 -8.49 -0.11 6.14
CA LEU A 88 -8.81 0.29 4.78
C LEU A 88 -9.04 1.79 4.68
N VAL A 89 -8.79 2.34 3.49
CA VAL A 89 -8.97 3.77 3.25
C VAL A 89 -9.60 4.03 1.88
N HIS A 90 -10.45 5.05 1.81
CA HIS A 90 -11.10 5.40 0.55
C HIS A 90 -10.20 6.27 -0.32
N GLY A 91 -10.33 6.11 -1.63
CA GLY A 91 -9.51 6.88 -2.56
C GLY A 91 -10.34 7.65 -3.58
N MET A 92 -11.58 7.98 -3.20
CA MET A 92 -12.48 8.71 -4.08
C MET A 92 -11.82 9.99 -4.62
N PRO A 93 -11.22 10.81 -3.73
CA PRO A 93 -10.57 12.06 -4.13
C PRO A 93 -9.25 11.83 -4.87
N PHE A 94 -8.57 10.75 -4.52
CA PHE A 94 -7.29 10.43 -5.15
C PHE A 94 -7.47 10.20 -6.65
N VAL A 95 -8.60 9.62 -7.02
CA VAL A 95 -8.91 9.35 -8.42
C VAL A 95 -9.31 10.63 -9.15
N SER A 96 -9.68 11.66 -8.40
CA SER A 96 -10.09 12.93 -8.98
C SER A 96 -8.96 13.54 -9.80
N GLY A 97 -7.73 13.36 -9.35
CA GLY A 97 -6.58 13.90 -10.05
C GLY A 97 -6.36 15.38 -9.78
N VAL A 98 -7.29 16.00 -9.07
CA VAL A 98 -7.19 17.42 -8.73
C VAL A 98 -6.94 17.64 -7.24
N GLY A 99 -7.00 16.55 -6.48
CA GLY A 99 -6.77 16.64 -5.05
C GLY A 99 -5.76 15.63 -4.55
N ILE A 100 -5.04 14.99 -5.47
CA ILE A 100 -4.05 14.00 -5.10
C ILE A 100 -2.92 14.64 -4.30
N GLU A 101 -2.49 15.83 -4.73
CA GLU A 101 -1.41 16.53 -4.05
C GLU A 101 -1.74 16.76 -2.57
N ALA A 102 -2.94 17.27 -2.31
CA ALA A 102 -3.37 17.52 -0.94
C ALA A 102 -3.49 16.22 -0.16
N LEU A 103 -4.14 15.22 -0.75
CA LEU A 103 -4.32 13.93 -0.10
C LEU A 103 -2.98 13.24 0.08
N GLN A 104 -2.12 13.32 -0.93
CA GLN A 104 -0.79 12.70 -0.86
C GLN A 104 -0.04 13.23 0.35
N ASN A 105 0.02 14.55 0.49
CA ASN A 105 0.72 15.17 1.60
C ASN A 105 0.16 14.71 2.95
N LYS A 106 -1.15 14.53 3.01
CA LYS A 106 -1.80 14.10 4.25
C LYS A 106 -1.49 12.64 4.55
N ILE A 107 -1.51 11.80 3.51
CA ILE A 107 -1.25 10.38 3.68
C ILE A 107 0.19 10.12 4.15
N LEU A 108 1.14 10.92 3.66
CA LEU A 108 2.54 10.75 4.05
C LEU A 108 2.77 11.26 5.47
N THR A 109 2.12 12.37 5.81
CA THR A 109 2.26 12.96 7.14
C THR A 109 1.85 11.97 8.22
N ILE A 110 0.78 11.22 7.97
CA ILE A 110 0.28 10.24 8.93
C ILE A 110 1.23 9.05 9.02
N LEU A 111 1.70 8.58 7.86
CA LEU A 111 2.61 7.44 7.82
C LEU A 111 3.87 7.71 8.63
N GLN A 112 4.33 8.96 8.59
CA GLN A 112 5.53 9.35 9.34
C GLN A 112 5.19 9.75 10.78
N GLY A 113 3.91 9.60 11.15
CA GLY A 113 3.49 9.96 12.49
C GLY A 113 3.66 8.82 13.47
N MET A 1 22.41 -20.88 31.80
CA MET A 1 21.93 -22.24 31.48
C MET A 1 21.78 -22.45 29.98
N GLY A 2 22.28 -21.50 29.19
CA GLY A 2 22.19 -21.62 27.74
C GLY A 2 22.88 -22.86 27.22
N SER A 3 22.43 -23.33 26.05
CA SER A 3 23.02 -24.52 25.43
C SER A 3 23.78 -24.16 24.16
N SER A 4 23.38 -23.07 23.53
CA SER A 4 24.03 -22.61 22.29
C SER A 4 23.43 -21.30 21.82
N HIS A 5 24.15 -20.62 20.93
CA HIS A 5 23.68 -19.35 20.39
C HIS A 5 23.79 -19.33 18.87
N HIS A 6 22.64 -19.32 18.20
CA HIS A 6 22.60 -19.30 16.75
C HIS A 6 22.66 -17.87 16.21
N HIS A 7 23.62 -17.09 16.73
CA HIS A 7 23.79 -15.71 16.31
C HIS A 7 22.55 -14.88 16.65
N HIS A 8 22.70 -13.96 17.61
CA HIS A 8 21.61 -13.10 18.02
C HIS A 8 20.43 -13.93 18.55
N HIS A 9 20.55 -14.39 19.79
CA HIS A 9 19.51 -15.20 20.41
C HIS A 9 18.60 -14.34 21.28
N HIS A 10 18.24 -13.16 20.78
CA HIS A 10 17.38 -12.25 21.51
C HIS A 10 15.99 -12.16 20.87
N HIS A 11 15.60 -13.23 20.18
CA HIS A 11 14.30 -13.26 19.51
C HIS A 11 13.42 -14.37 20.10
N HIS A 12 12.21 -14.00 20.48
CA HIS A 12 11.26 -14.96 21.05
C HIS A 12 9.86 -14.74 20.50
N GLU A 13 9.77 -14.24 19.28
CA GLU A 13 8.49 -13.98 18.63
C GLU A 13 8.11 -15.14 17.70
N ASN A 14 6.95 -15.05 17.09
CA ASN A 14 6.47 -16.10 16.19
C ASN A 14 7.33 -16.16 14.92
N LEU A 15 6.96 -15.40 13.90
CA LEU A 15 7.71 -15.37 12.64
C LEU A 15 7.03 -14.43 11.64
N TYR A 16 6.73 -13.22 12.06
CA TYR A 16 6.08 -12.24 11.19
C TYR A 16 7.13 -11.37 10.51
N PHE A 17 7.71 -11.89 9.43
CA PHE A 17 8.73 -11.16 8.68
C PHE A 17 8.86 -11.73 7.28
N GLN A 18 7.73 -12.05 6.66
CA GLN A 18 7.73 -12.60 5.31
C GLN A 18 8.05 -11.53 4.28
N GLY A 19 7.13 -10.59 4.10
CA GLY A 19 7.35 -9.52 3.15
C GLY A 19 8.58 -8.69 3.47
N SER A 20 8.36 -7.53 4.10
CA SER A 20 9.47 -6.65 4.48
C SER A 20 9.05 -5.68 5.58
N LYS A 21 7.99 -4.92 5.31
CA LYS A 21 7.49 -3.96 6.28
C LYS A 21 5.96 -3.89 6.23
N ARG A 22 5.44 -3.18 5.23
CA ARG A 22 4.01 -3.03 5.07
C ARG A 22 3.57 -3.44 3.66
N LYS A 23 2.30 -3.82 3.53
CA LYS A 23 1.77 -4.23 2.24
C LYS A 23 0.41 -3.57 1.99
N ILE A 24 0.33 -2.71 0.97
CA ILE A 24 -0.91 -2.02 0.64
C ILE A 24 -1.65 -2.74 -0.49
N ILE A 25 -2.98 -2.74 -0.45
CA ILE A 25 -3.79 -3.38 -1.49
C ILE A 25 -4.63 -2.37 -2.24
N VAL A 26 -4.83 -2.62 -3.52
CA VAL A 26 -5.63 -1.72 -4.35
C VAL A 26 -6.70 -2.53 -5.09
N ALA A 27 -7.97 -2.22 -4.81
CA ALA A 27 -9.08 -2.92 -5.44
C ALA A 27 -9.90 -1.99 -6.32
N CYS A 28 -10.03 -2.35 -7.59
CA CYS A 28 -10.79 -1.54 -8.54
C CYS A 28 -10.23 -0.12 -8.57
N GLY A 29 -10.95 0.79 -9.22
CA GLY A 29 -10.48 2.17 -9.30
C GLY A 29 -11.56 3.14 -9.72
N GLY A 30 -11.36 3.75 -10.89
CA GLY A 30 -12.33 4.70 -11.40
C GLY A 30 -12.64 4.47 -12.87
N ALA A 31 -11.65 4.75 -13.72
CA ALA A 31 -11.81 4.58 -15.16
C ALA A 31 -11.29 3.22 -15.62
N VAL A 32 -11.20 2.28 -14.68
CA VAL A 32 -10.70 0.94 -15.00
C VAL A 32 -9.27 0.99 -15.54
N ALA A 33 -8.59 2.13 -15.33
CA ALA A 33 -7.22 2.29 -15.80
C ALA A 33 -6.41 3.17 -14.84
N THR A 34 -6.96 3.41 -13.65
CA THR A 34 -6.29 4.24 -12.65
C THR A 34 -5.18 3.45 -11.95
N SER A 35 -5.24 2.12 -12.05
CA SER A 35 -4.24 1.26 -11.44
C SER A 35 -2.83 1.72 -11.79
N THR A 36 -2.58 1.89 -13.08
CA THR A 36 -1.27 2.33 -13.55
C THR A 36 -0.93 3.71 -12.98
N MET A 37 -1.85 4.65 -13.17
CA MET A 37 -1.65 6.02 -12.67
C MET A 37 -1.34 6.00 -11.18
N ALA A 38 -2.21 5.37 -10.41
CA ALA A 38 -2.03 5.27 -8.97
C ALA A 38 -0.73 4.54 -8.66
N ALA A 39 -0.61 3.33 -9.20
CA ALA A 39 0.58 2.51 -9.00
C ALA A 39 1.86 3.32 -9.15
N GLU A 40 2.01 4.00 -10.29
CA GLU A 40 3.19 4.82 -10.54
C GLU A 40 3.33 5.92 -9.50
N GLU A 41 2.20 6.47 -9.07
CA GLU A 41 2.22 7.53 -8.06
C GLU A 41 2.64 7.00 -6.70
N ILE A 42 2.05 5.89 -6.27
CA ILE A 42 2.38 5.30 -4.98
C ILE A 42 3.82 4.78 -4.98
N LYS A 43 4.23 4.16 -6.08
CA LYS A 43 5.57 3.61 -6.21
C LYS A 43 6.62 4.72 -6.11
N GLU A 44 6.48 5.74 -6.95
CA GLU A 44 7.42 6.85 -6.96
C GLU A 44 7.52 7.49 -5.58
N LEU A 45 6.42 7.54 -4.86
CA LEU A 45 6.39 8.11 -3.53
C LEU A 45 7.17 7.24 -2.55
N CYS A 46 6.88 5.95 -2.56
CA CYS A 46 7.56 5.00 -1.68
C CYS A 46 9.07 5.15 -1.78
N GLN A 47 9.56 5.47 -2.98
CA GLN A 47 10.98 5.64 -3.21
C GLN A 47 11.45 7.03 -2.76
N SER A 48 10.58 8.02 -2.92
CA SER A 48 10.91 9.39 -2.54
C SER A 48 11.36 9.46 -1.08
N HIS A 49 10.63 8.77 -0.20
CA HIS A 49 10.95 8.75 1.22
C HIS A 49 11.76 7.50 1.59
N ASN A 50 12.03 6.66 0.60
CA ASN A 50 12.79 5.43 0.83
C ASN A 50 12.11 4.56 1.89
N ILE A 51 10.84 4.25 1.66
CA ILE A 51 10.08 3.42 2.60
C ILE A 51 9.74 2.07 1.99
N PRO A 52 10.51 1.02 2.31
CA PRO A 52 10.27 -0.32 1.78
C PRO A 52 8.83 -0.77 1.98
N VAL A 53 8.16 -1.07 0.88
CA VAL A 53 6.77 -1.50 0.92
C VAL A 53 6.41 -2.28 -0.35
N GLU A 54 5.34 -3.07 -0.27
CA GLU A 54 4.89 -3.86 -1.42
C GLU A 54 3.45 -3.54 -1.77
N LEU A 55 3.25 -3.02 -2.98
CA LEU A 55 1.91 -2.67 -3.45
C LEU A 55 1.27 -3.84 -4.19
N ILE A 56 0.22 -4.40 -3.60
CA ILE A 56 -0.51 -5.52 -4.20
C ILE A 56 -1.84 -5.06 -4.77
N GLN A 57 -2.33 -5.76 -5.80
CA GLN A 57 -3.60 -5.41 -6.41
C GLN A 57 -4.56 -6.59 -6.37
N CYS A 58 -5.79 -6.34 -5.95
CA CYS A 58 -6.82 -7.38 -5.86
C CYS A 58 -8.21 -6.78 -6.05
N ARG A 59 -9.21 -7.63 -6.25
CA ARG A 59 -10.59 -7.17 -6.45
C ARG A 59 -11.23 -6.71 -5.14
N VAL A 60 -12.56 -6.62 -5.12
CA VAL A 60 -13.29 -6.22 -3.93
C VAL A 60 -13.58 -7.40 -3.01
N ASN A 61 -13.34 -8.61 -3.51
CA ASN A 61 -13.56 -9.82 -2.72
C ASN A 61 -12.43 -10.82 -2.93
N GLU A 62 -11.27 -10.49 -2.38
CA GLU A 62 -10.09 -11.34 -2.50
C GLU A 62 -9.03 -10.98 -1.47
N ILE A 63 -8.94 -9.68 -1.17
CA ILE A 63 -7.97 -9.19 -0.19
C ILE A 63 -8.13 -9.92 1.14
N GLU A 64 -9.33 -10.41 1.41
CA GLU A 64 -9.62 -11.12 2.65
C GLU A 64 -9.03 -12.52 2.63
N THR A 65 -9.05 -13.17 1.46
CA THR A 65 -8.53 -14.52 1.32
C THR A 65 -7.00 -14.51 1.25
N TYR A 66 -6.46 -13.58 0.47
CA TYR A 66 -5.00 -13.47 0.33
C TYR A 66 -4.40 -12.50 1.36
N MET A 67 -5.20 -12.15 2.38
CA MET A 67 -4.73 -11.24 3.43
C MET A 67 -3.69 -11.90 4.32
N ASP A 68 -2.65 -12.48 3.70
CA ASP A 68 -1.58 -13.15 4.44
C ASP A 68 -0.86 -12.19 5.38
N GLY A 69 -0.57 -10.99 4.89
CA GLY A 69 0.11 -10.01 5.70
C GLY A 69 0.03 -8.62 5.11
N VAL A 70 -1.15 -8.01 5.21
CA VAL A 70 -1.38 -6.68 4.68
C VAL A 70 -1.42 -5.64 5.80
N HIS A 71 -0.63 -4.59 5.66
CA HIS A 71 -0.58 -3.54 6.67
C HIS A 71 -1.51 -2.38 6.31
N LEU A 72 -1.94 -2.33 5.05
CA LEU A 72 -2.85 -1.26 4.60
C LEU A 72 -3.63 -1.71 3.37
N ILE A 73 -4.86 -1.22 3.24
CA ILE A 73 -5.72 -1.57 2.12
C ILE A 73 -6.37 -0.33 1.50
N CYS A 74 -6.53 -0.33 0.19
CA CYS A 74 -7.15 0.79 -0.51
C CYS A 74 -8.28 0.31 -1.42
N THR A 75 -9.52 0.61 -1.04
CA THR A 75 -10.67 0.21 -1.84
C THR A 75 -11.73 1.30 -1.87
N THR A 76 -12.54 1.31 -2.93
CA THR A 76 -13.60 2.31 -3.09
C THR A 76 -14.91 1.78 -2.53
N ALA A 77 -15.00 1.71 -1.21
CA ALA A 77 -16.22 1.23 -0.56
C ALA A 77 -16.10 1.35 0.96
N ARG A 78 -17.18 1.03 1.65
CA ARG A 78 -17.21 1.11 3.10
C ARG A 78 -17.52 -0.27 3.70
N VAL A 79 -16.75 -1.27 3.27
CA VAL A 79 -16.95 -2.63 3.76
C VAL A 79 -16.39 -2.83 5.17
N ASP A 80 -16.34 -1.76 5.96
CA ASP A 80 -15.82 -1.85 7.32
C ASP A 80 -16.93 -2.16 8.32
N ARG A 81 -18.15 -2.35 7.81
CA ARG A 81 -19.29 -2.67 8.66
C ARG A 81 -19.07 -4.00 9.37
N SER A 82 -18.38 -4.92 8.70
CA SER A 82 -18.10 -6.23 9.29
C SER A 82 -16.93 -6.94 8.59
N PHE A 83 -15.82 -6.22 8.43
CA PHE A 83 -14.63 -6.79 7.78
C PHE A 83 -13.51 -6.98 8.79
N GLY A 84 -13.84 -7.55 9.95
CA GLY A 84 -12.83 -7.77 10.98
C GLY A 84 -12.16 -6.47 11.41
N ASP A 85 -11.07 -6.12 10.74
CA ASP A 85 -10.35 -4.89 11.06
C ASP A 85 -9.46 -4.47 9.89
N ILE A 86 -9.82 -4.90 8.69
CA ILE A 86 -9.07 -4.56 7.49
C ILE A 86 -8.79 -3.05 7.42
N PRO A 87 -7.56 -2.61 7.75
CA PRO A 87 -7.20 -1.18 7.71
C PRO A 87 -7.20 -0.59 6.31
N LEU A 88 -8.39 -0.44 5.71
CA LEU A 88 -8.49 0.10 4.36
C LEU A 88 -8.83 1.58 4.36
N VAL A 89 -8.59 2.22 3.22
CA VAL A 89 -8.87 3.64 3.06
C VAL A 89 -9.54 3.93 1.72
N HIS A 90 -10.35 4.98 1.67
CA HIS A 90 -11.06 5.36 0.45
C HIS A 90 -10.19 6.28 -0.41
N GLY A 91 -10.32 6.14 -1.73
CA GLY A 91 -9.55 6.96 -2.64
C GLY A 91 -10.42 7.88 -3.49
N MET A 92 -11.47 8.41 -2.88
CA MET A 92 -12.38 9.30 -3.61
C MET A 92 -11.69 10.61 -4.00
N PRO A 93 -10.94 11.25 -3.09
CA PRO A 93 -10.23 12.50 -3.38
C PRO A 93 -8.96 12.27 -4.19
N PHE A 94 -8.27 11.19 -3.90
CA PHE A 94 -7.02 10.85 -4.59
C PHE A 94 -7.27 10.56 -6.07
N VAL A 95 -8.41 9.97 -6.38
CA VAL A 95 -8.75 9.63 -7.75
C VAL A 95 -9.19 10.88 -8.54
N SER A 96 -9.64 11.90 -7.81
CA SER A 96 -10.09 13.13 -8.43
C SER A 96 -9.02 13.73 -9.33
N GLY A 97 -7.76 13.48 -9.00
CA GLY A 97 -6.67 14.01 -9.80
C GLY A 97 -6.38 15.48 -9.51
N VAL A 98 -7.17 16.09 -8.63
CA VAL A 98 -7.00 17.50 -8.29
C VAL A 98 -6.56 17.66 -6.84
N GLY A 99 -7.00 16.75 -5.98
CA GLY A 99 -6.65 16.83 -4.57
C GLY A 99 -5.61 15.80 -4.16
N ILE A 100 -4.90 15.23 -5.14
CA ILE A 100 -3.87 14.24 -4.86
C ILE A 100 -2.72 14.86 -4.08
N GLU A 101 -2.28 16.02 -4.55
CA GLU A 101 -1.16 16.73 -3.91
C GLU A 101 -1.48 17.05 -2.46
N ALA A 102 -2.71 17.46 -2.19
CA ALA A 102 -3.13 17.80 -0.84
C ALA A 102 -3.27 16.55 0.03
N LEU A 103 -3.89 15.52 -0.52
CA LEU A 103 -4.09 14.26 0.19
C LEU A 103 -2.77 13.52 0.36
N GLN A 104 -1.96 13.55 -0.69
CA GLN A 104 -0.66 12.89 -0.69
C GLN A 104 0.12 13.21 0.57
N ASN A 105 0.20 14.51 0.91
CA ASN A 105 0.91 14.95 2.09
C ASN A 105 0.30 14.33 3.36
N LYS A 106 -1.02 14.33 3.43
CA LYS A 106 -1.73 13.77 4.57
C LYS A 106 -1.34 12.32 4.81
N ILE A 107 -1.36 11.51 3.76
CA ILE A 107 -1.02 10.10 3.87
C ILE A 107 0.42 9.93 4.32
N LEU A 108 1.32 10.72 3.73
CA LEU A 108 2.73 10.65 4.07
C LEU A 108 2.94 10.85 5.57
N THR A 109 2.37 11.92 6.09
CA THR A 109 2.49 12.25 7.50
C THR A 109 2.06 11.08 8.38
N ILE A 110 1.00 10.39 7.97
CA ILE A 110 0.51 9.24 8.72
C ILE A 110 1.54 8.12 8.71
N LEU A 111 2.11 7.85 7.53
CA LEU A 111 3.09 6.80 7.37
C LEU A 111 4.41 7.16 8.06
N GLN A 112 4.82 8.42 7.96
CA GLN A 112 6.07 8.86 8.58
C GLN A 112 5.89 9.07 10.09
N GLY A 113 4.70 9.51 10.48
CA GLY A 113 4.43 9.73 11.89
C GLY A 113 5.44 10.66 12.55
N MET A 1 25.28 -25.22 -17.97
CA MET A 1 26.17 -26.40 -18.08
C MET A 1 25.52 -27.52 -18.90
N GLY A 2 24.89 -27.14 -20.01
CA GLY A 2 24.26 -28.13 -20.88
C GLY A 2 22.75 -27.94 -20.96
N SER A 3 22.03 -28.53 -20.01
CA SER A 3 20.57 -28.43 -19.99
C SER A 3 20.01 -29.06 -18.71
N SER A 4 18.69 -29.21 -18.67
CA SER A 4 18.03 -29.78 -17.51
C SER A 4 18.26 -28.92 -16.27
N HIS A 5 17.34 -27.99 -16.02
CA HIS A 5 17.44 -27.10 -14.87
C HIS A 5 18.67 -26.20 -15.02
N HIS A 6 18.54 -24.97 -14.54
CA HIS A 6 19.64 -24.00 -14.60
C HIS A 6 20.44 -24.00 -13.30
N HIS A 7 19.92 -24.67 -12.28
CA HIS A 7 20.60 -24.74 -10.99
C HIS A 7 20.75 -23.35 -10.37
N HIS A 8 19.78 -22.98 -9.52
CA HIS A 8 19.81 -21.68 -8.85
C HIS A 8 20.28 -21.83 -7.41
N HIS A 9 19.42 -22.41 -6.57
CA HIS A 9 19.74 -22.60 -5.16
C HIS A 9 19.87 -21.27 -4.43
N HIS A 10 20.97 -20.57 -4.68
CA HIS A 10 21.22 -19.28 -4.04
C HIS A 10 21.57 -18.21 -5.09
N HIS A 11 20.88 -18.26 -6.23
CA HIS A 11 21.12 -17.31 -7.31
C HIS A 11 20.29 -16.04 -7.13
N HIS A 12 20.74 -15.17 -6.23
CA HIS A 12 20.03 -13.92 -5.96
C HIS A 12 20.93 -12.92 -5.23
N GLU A 13 21.31 -13.25 -4.00
CA GLU A 13 22.17 -12.39 -3.19
C GLU A 13 21.50 -11.06 -2.89
N ASN A 14 21.37 -10.21 -3.90
CA ASN A 14 20.75 -8.90 -3.73
C ASN A 14 20.33 -8.34 -5.09
N LEU A 15 19.08 -7.90 -5.19
CA LEU A 15 18.56 -7.35 -6.41
C LEU A 15 17.18 -6.72 -6.19
N TYR A 16 17.14 -5.70 -5.34
CA TYR A 16 15.90 -5.00 -5.02
C TYR A 16 14.90 -5.94 -4.35
N PHE A 17 15.22 -6.35 -3.12
CA PHE A 17 14.36 -7.25 -2.37
C PHE A 17 14.33 -6.85 -0.89
N GLN A 18 14.81 -5.65 -0.59
CA GLN A 18 14.81 -5.16 0.79
C GLN A 18 13.61 -4.27 1.05
N GLY A 19 12.50 -4.88 1.43
CA GLY A 19 11.29 -4.12 1.70
C GLY A 19 10.23 -4.90 2.45
N SER A 20 10.67 -5.70 3.42
CA SER A 20 9.75 -6.50 4.21
C SER A 20 9.31 -5.76 5.47
N LYS A 21 8.23 -4.97 5.35
CA LYS A 21 7.72 -4.21 6.48
C LYS A 21 6.19 -4.11 6.41
N ARG A 22 5.68 -3.25 5.53
CA ARG A 22 4.24 -3.07 5.39
C ARG A 22 3.80 -3.35 3.96
N LYS A 23 2.55 -3.77 3.80
CA LYS A 23 2.02 -4.07 2.47
C LYS A 23 0.62 -3.49 2.29
N ILE A 24 0.42 -2.72 1.23
CA ILE A 24 -0.87 -2.10 0.95
C ILE A 24 -1.57 -2.81 -0.20
N ILE A 25 -2.89 -2.86 -0.17
CA ILE A 25 -3.67 -3.50 -1.23
C ILE A 25 -4.57 -2.47 -1.91
N VAL A 26 -4.76 -2.62 -3.22
CA VAL A 26 -5.61 -1.70 -3.97
C VAL A 26 -6.69 -2.47 -4.73
N ALA A 27 -7.95 -2.25 -4.35
CA ALA A 27 -9.06 -2.93 -5.02
C ALA A 27 -9.92 -1.96 -5.82
N CYS A 28 -10.07 -2.26 -7.10
CA CYS A 28 -10.86 -1.41 -8.01
C CYS A 28 -10.43 0.05 -7.90
N GLY A 29 -11.21 0.93 -8.50
CA GLY A 29 -10.88 2.35 -8.46
C GLY A 29 -11.05 3.04 -9.80
N GLY A 30 -11.65 2.34 -10.75
CA GLY A 30 -11.85 2.92 -12.07
C GLY A 30 -10.62 2.78 -12.95
N ALA A 31 -10.78 2.16 -14.10
CA ALA A 31 -9.67 1.95 -15.03
C ALA A 31 -9.48 3.18 -15.92
N VAL A 32 -8.78 2.98 -17.04
CA VAL A 32 -8.53 4.08 -17.97
C VAL A 32 -7.81 5.24 -17.29
N ALA A 33 -6.50 5.32 -17.48
CA ALA A 33 -5.70 6.38 -16.87
C ALA A 33 -6.05 6.57 -15.40
N THR A 34 -5.97 5.49 -14.64
CA THR A 34 -6.28 5.53 -13.21
C THR A 34 -5.52 4.46 -12.46
N SER A 35 -5.55 3.23 -12.97
CA SER A 35 -4.85 2.12 -12.34
C SER A 35 -3.36 2.42 -12.25
N THR A 36 -2.79 2.90 -13.35
CA THR A 36 -1.38 3.23 -13.38
C THR A 36 -1.11 4.50 -12.58
N MET A 37 -2.02 5.47 -12.68
CA MET A 37 -1.88 6.73 -11.96
C MET A 37 -1.57 6.50 -10.49
N ALA A 38 -2.40 5.71 -9.82
CA ALA A 38 -2.19 5.42 -8.40
C ALA A 38 -0.95 4.58 -8.21
N ALA A 39 -0.91 3.41 -8.83
CA ALA A 39 0.23 2.52 -8.72
C ALA A 39 1.55 3.28 -8.89
N GLU A 40 1.69 3.94 -10.04
CA GLU A 40 2.90 4.72 -10.33
C GLU A 40 3.12 5.80 -9.27
N GLU A 41 2.04 6.41 -8.81
CA GLU A 41 2.12 7.47 -7.81
C GLU A 41 2.55 6.91 -6.45
N ILE A 42 1.88 5.85 -6.01
CA ILE A 42 2.20 5.24 -4.73
C ILE A 42 3.59 4.58 -4.77
N LYS A 43 3.93 4.01 -5.92
CA LYS A 43 5.23 3.35 -6.09
C LYS A 43 6.35 4.39 -6.19
N GLU A 44 6.23 5.32 -7.12
CA GLU A 44 7.24 6.36 -7.32
C GLU A 44 7.55 7.07 -6.01
N LEU A 45 6.55 7.17 -5.15
CA LEU A 45 6.70 7.83 -3.86
C LEU A 45 7.39 6.91 -2.85
N CYS A 46 7.02 5.64 -2.88
CA CYS A 46 7.61 4.66 -1.97
C CYS A 46 9.12 4.63 -2.10
N GLN A 47 9.61 4.84 -3.32
CA GLN A 47 11.04 4.84 -3.59
C GLN A 47 11.67 6.17 -3.19
N SER A 48 11.01 7.26 -3.57
CA SER A 48 11.50 8.61 -3.24
C SER A 48 11.77 8.75 -1.74
N HIS A 49 10.85 8.21 -0.94
CA HIS A 49 10.99 8.28 0.52
C HIS A 49 11.82 7.11 1.04
N ASN A 50 12.08 6.12 0.18
CA ASN A 50 12.85 4.96 0.58
C ASN A 50 12.14 4.21 1.70
N ILE A 51 10.86 3.99 1.53
CA ILE A 51 10.06 3.29 2.53
C ILE A 51 9.79 1.85 2.13
N PRO A 52 10.50 0.90 2.74
CA PRO A 52 10.35 -0.52 2.44
C PRO A 52 8.89 -1.00 2.55
N VAL A 53 8.23 -1.12 1.40
CA VAL A 53 6.84 -1.56 1.36
C VAL A 53 6.49 -2.20 0.01
N GLU A 54 5.39 -2.94 -0.02
CA GLU A 54 4.95 -3.61 -1.25
C GLU A 54 3.46 -3.35 -1.50
N LEU A 55 3.14 -2.82 -2.68
CA LEU A 55 1.75 -2.52 -3.05
C LEU A 55 1.13 -3.68 -3.83
N ILE A 56 0.07 -4.27 -3.27
CA ILE A 56 -0.63 -5.38 -3.89
C ILE A 56 -1.93 -4.91 -4.54
N GLN A 57 -2.35 -5.60 -5.60
CA GLN A 57 -3.58 -5.25 -6.30
C GLN A 57 -4.51 -6.45 -6.36
N CYS A 58 -5.76 -6.24 -5.93
CA CYS A 58 -6.76 -7.31 -5.93
C CYS A 58 -8.15 -6.72 -6.15
N ARG A 59 -9.12 -7.57 -6.43
CA ARG A 59 -10.49 -7.13 -6.65
C ARG A 59 -11.21 -6.87 -5.32
N VAL A 60 -12.53 -7.00 -5.30
CA VAL A 60 -13.32 -6.77 -4.09
C VAL A 60 -13.55 -8.09 -3.34
N ASN A 61 -13.12 -9.20 -3.93
CA ASN A 61 -13.29 -10.51 -3.31
C ASN A 61 -11.99 -11.32 -3.36
N GLU A 62 -10.89 -10.67 -3.01
CA GLU A 62 -9.59 -11.32 -3.03
C GLU A 62 -8.73 -10.83 -1.85
N ILE A 63 -8.90 -9.57 -1.48
CA ILE A 63 -8.14 -9.00 -0.38
C ILE A 63 -8.28 -9.86 0.88
N GLU A 64 -9.48 -10.34 1.13
CA GLU A 64 -9.73 -11.17 2.30
C GLU A 64 -8.76 -12.35 2.32
N THR A 65 -8.45 -12.87 1.14
CA THR A 65 -7.53 -13.99 1.04
C THR A 65 -6.08 -13.52 1.06
N TYR A 66 -5.76 -12.43 0.35
CA TYR A 66 -4.39 -11.92 0.32
C TYR A 66 -4.09 -11.07 1.55
N MET A 67 -5.08 -10.85 2.40
CA MET A 67 -4.89 -10.08 3.63
C MET A 67 -4.18 -10.91 4.70
N ASP A 68 -3.11 -11.58 4.32
CA ASP A 68 -2.36 -12.41 5.27
C ASP A 68 -1.39 -11.56 6.07
N GLY A 69 -0.92 -10.48 5.45
CA GLY A 69 0.00 -9.59 6.11
C GLY A 69 -0.06 -8.18 5.56
N VAL A 70 -1.28 -7.71 5.28
CA VAL A 70 -1.47 -6.37 4.76
C VAL A 70 -1.53 -5.36 5.90
N HIS A 71 -0.77 -4.28 5.77
CA HIS A 71 -0.71 -3.24 6.78
C HIS A 71 -1.67 -2.11 6.48
N LEU A 72 -2.14 -2.04 5.23
CA LEU A 72 -3.05 -1.00 4.81
C LEU A 72 -3.82 -1.44 3.56
N ILE A 73 -5.06 -1.00 3.41
CA ILE A 73 -5.85 -1.37 2.24
C ILE A 73 -6.60 -0.17 1.66
N CYS A 74 -6.73 -0.15 0.34
CA CYS A 74 -7.43 0.94 -0.35
C CYS A 74 -8.51 0.38 -1.28
N THR A 75 -9.76 0.69 -0.97
CA THR A 75 -10.88 0.24 -1.78
C THR A 75 -11.92 1.34 -1.95
N THR A 76 -12.58 1.36 -3.10
CA THR A 76 -13.58 2.37 -3.39
C THR A 76 -14.98 1.79 -3.24
N ALA A 77 -15.32 1.36 -2.03
CA ALA A 77 -16.62 0.78 -1.75
C ALA A 77 -17.08 1.12 -0.34
N ARG A 78 -18.35 1.50 -0.20
CA ARG A 78 -18.91 1.86 1.09
C ARG A 78 -19.02 0.64 1.99
N VAL A 79 -17.87 0.14 2.44
CA VAL A 79 -17.83 -1.03 3.31
C VAL A 79 -18.27 -0.67 4.72
N ASP A 80 -18.21 -1.65 5.62
CA ASP A 80 -18.61 -1.43 7.01
C ASP A 80 -17.39 -1.27 7.90
N ARG A 81 -16.25 -1.79 7.46
CA ARG A 81 -15.01 -1.71 8.22
C ARG A 81 -15.22 -2.13 9.66
N SER A 82 -15.87 -3.28 9.85
CA SER A 82 -16.14 -3.79 11.19
C SER A 82 -15.75 -5.27 11.31
N PHE A 83 -15.27 -5.86 10.20
CA PHE A 83 -14.86 -7.25 10.20
C PHE A 83 -13.37 -7.39 10.48
N GLY A 84 -13.06 -7.67 11.74
CA GLY A 84 -11.66 -7.82 12.13
C GLY A 84 -11.02 -6.48 12.47
N ASP A 85 -10.01 -6.09 11.68
CA ASP A 85 -9.32 -4.83 11.91
C ASP A 85 -8.58 -4.40 10.65
N ILE A 86 -9.07 -4.83 9.50
CA ILE A 86 -8.47 -4.50 8.23
C ILE A 86 -8.41 -2.98 8.02
N PRO A 87 -7.21 -2.37 8.18
CA PRO A 87 -7.04 -0.92 8.00
C PRO A 87 -7.26 -0.45 6.57
N LEU A 88 -8.52 -0.28 6.18
CA LEU A 88 -8.84 0.15 4.82
C LEU A 88 -9.12 1.65 4.74
N VAL A 89 -8.83 2.21 3.58
CA VAL A 89 -9.03 3.64 3.34
C VAL A 89 -9.72 3.87 2.00
N HIS A 90 -10.53 4.92 1.94
CA HIS A 90 -11.26 5.25 0.71
C HIS A 90 -10.38 6.05 -0.24
N GLY A 91 -10.55 5.80 -1.53
CA GLY A 91 -9.77 6.50 -2.54
C GLY A 91 -10.61 7.44 -3.38
N MET A 92 -11.77 7.82 -2.86
CA MET A 92 -12.67 8.73 -3.57
C MET A 92 -11.94 10.02 -3.96
N PRO A 93 -11.20 10.63 -3.02
CA PRO A 93 -10.47 11.87 -3.29
C PRO A 93 -9.25 11.67 -4.19
N PHE A 94 -8.56 10.54 -4.03
CA PHE A 94 -7.38 10.24 -4.84
C PHE A 94 -7.76 10.14 -6.32
N VAL A 95 -8.93 9.59 -6.59
CA VAL A 95 -9.41 9.43 -7.96
C VAL A 95 -9.83 10.76 -8.56
N SER A 96 -10.14 11.72 -7.70
CA SER A 96 -10.56 13.05 -8.15
C SER A 96 -9.52 13.67 -9.08
N GLY A 97 -8.25 13.44 -8.75
CA GLY A 97 -7.17 13.99 -9.56
C GLY A 97 -6.89 15.45 -9.26
N VAL A 98 -7.71 16.05 -8.38
CA VAL A 98 -7.54 17.45 -8.03
C VAL A 98 -6.98 17.59 -6.61
N GLY A 99 -7.40 16.68 -5.73
CA GLY A 99 -6.94 16.73 -4.36
C GLY A 99 -5.93 15.64 -4.05
N ILE A 100 -5.33 15.07 -5.10
CA ILE A 100 -4.34 14.01 -4.93
C ILE A 100 -3.12 14.53 -4.18
N GLU A 101 -2.68 15.73 -4.53
CA GLU A 101 -1.53 16.35 -3.89
C GLU A 101 -1.71 16.41 -2.38
N ALA A 102 -2.83 16.98 -1.94
CA ALA A 102 -3.12 17.10 -0.52
C ALA A 102 -3.35 15.73 0.10
N LEU A 103 -4.07 14.87 -0.60
CA LEU A 103 -4.34 13.52 -0.10
C LEU A 103 -3.05 12.73 0.07
N GLN A 104 -2.31 12.60 -1.02
CA GLN A 104 -1.05 11.86 -1.00
C GLN A 104 -0.19 12.26 0.19
N ASN A 105 -0.10 13.56 0.44
CA ASN A 105 0.69 14.07 1.56
C ASN A 105 0.19 13.50 2.88
N LYS A 106 -1.12 13.57 3.10
CA LYS A 106 -1.71 13.05 4.32
C LYS A 106 -1.42 11.57 4.49
N ILE A 107 -1.50 10.82 3.39
CA ILE A 107 -1.24 9.39 3.42
C ILE A 107 0.22 9.11 3.80
N LEU A 108 1.11 9.98 3.35
CA LEU A 108 2.54 9.83 3.63
C LEU A 108 2.82 10.01 5.12
N THR A 109 2.20 11.02 5.71
CA THR A 109 2.38 11.32 7.13
C THR A 109 1.93 10.16 8.00
N ILE A 110 0.78 9.57 7.67
CA ILE A 110 0.24 8.46 8.43
C ILE A 110 1.18 7.26 8.41
N LEU A 111 1.66 6.89 7.22
CA LEU A 111 2.56 5.73 7.11
C LEU A 111 3.85 5.98 7.88
N GLN A 112 4.23 7.25 8.04
CA GLN A 112 5.43 7.60 8.79
C GLN A 112 5.09 8.00 10.23
N GLY A 113 3.80 8.02 10.55
CA GLY A 113 3.37 8.40 11.89
C GLY A 113 2.85 9.82 11.94
N MET A 1 14.58 -21.99 6.04
CA MET A 1 16.04 -22.29 5.98
C MET A 1 16.84 -21.09 5.50
N GLY A 2 18.03 -20.92 6.06
CA GLY A 2 18.88 -19.80 5.69
C GLY A 2 19.22 -18.93 6.88
N SER A 3 20.27 -19.29 7.61
CA SER A 3 20.68 -18.54 8.79
C SER A 3 20.93 -17.06 8.44
N SER A 4 21.78 -16.84 7.45
CA SER A 4 22.10 -15.47 7.02
C SER A 4 21.34 -15.12 5.75
N HIS A 5 20.54 -14.07 5.83
CA HIS A 5 19.75 -13.62 4.67
C HIS A 5 19.50 -12.12 4.75
N HIS A 6 18.74 -11.69 5.75
CA HIS A 6 18.42 -10.28 5.92
C HIS A 6 18.98 -9.75 7.23
N HIS A 7 20.22 -9.26 7.18
CA HIS A 7 20.88 -8.73 8.37
C HIS A 7 20.18 -7.46 8.85
N HIS A 8 19.09 -7.62 9.58
CA HIS A 8 18.33 -6.48 10.09
C HIS A 8 19.20 -5.62 11.00
N HIS A 9 18.77 -4.38 11.21
CA HIS A 9 19.51 -3.45 12.06
C HIS A 9 18.84 -3.31 13.43
N HIS A 10 18.94 -4.37 14.24
CA HIS A 10 18.36 -4.35 15.59
C HIS A 10 16.84 -4.17 15.52
N HIS A 11 16.15 -4.56 16.58
CA HIS A 11 14.70 -4.45 16.64
C HIS A 11 14.06 -5.33 15.58
N HIS A 12 14.74 -6.43 15.27
CA HIS A 12 14.27 -7.38 14.28
C HIS A 12 13.73 -8.64 14.94
N GLU A 13 13.28 -9.58 14.12
CA GLU A 13 12.73 -10.83 14.62
C GLU A 13 11.50 -10.57 15.49
N ASN A 14 10.32 -10.75 14.92
CA ASN A 14 9.08 -10.53 15.65
C ASN A 14 8.00 -11.52 15.20
N LEU A 15 7.48 -11.32 14.00
CA LEU A 15 6.44 -12.19 13.46
C LEU A 15 6.87 -12.79 12.13
N TYR A 16 6.20 -13.86 11.71
CA TYR A 16 6.51 -14.52 10.45
C TYR A 16 5.81 -13.82 9.28
N PHE A 17 6.47 -12.82 8.72
CA PHE A 17 5.91 -12.08 7.60
C PHE A 17 6.37 -12.67 6.27
N GLN A 18 7.68 -12.76 6.08
CA GLN A 18 8.24 -13.33 4.86
C GLN A 18 8.05 -12.37 3.69
N GLY A 19 8.33 -11.09 3.92
CA GLY A 19 8.18 -10.10 2.87
C GLY A 19 9.23 -9.00 2.95
N SER A 20 8.91 -7.95 3.72
CA SER A 20 9.82 -6.83 3.90
C SER A 20 9.44 -5.99 5.11
N LYS A 21 8.23 -5.42 5.06
CA LYS A 21 7.73 -4.60 6.15
C LYS A 21 6.21 -4.53 6.11
N ARG A 22 5.68 -3.74 5.18
CA ARG A 22 4.24 -3.58 5.05
C ARG A 22 3.76 -3.88 3.63
N LYS A 23 2.49 -4.23 3.50
CA LYS A 23 1.92 -4.54 2.20
C LYS A 23 0.52 -3.93 2.05
N ILE A 24 0.32 -3.15 0.99
CA ILE A 24 -0.95 -2.50 0.74
C ILE A 24 -1.66 -3.09 -0.47
N ILE A 25 -2.99 -3.08 -0.46
CA ILE A 25 -3.75 -3.60 -1.58
C ILE A 25 -4.61 -2.51 -2.22
N VAL A 26 -4.77 -2.56 -3.53
CA VAL A 26 -5.60 -1.58 -4.24
C VAL A 26 -6.64 -2.28 -5.09
N ALA A 27 -7.92 -2.08 -4.74
CA ALA A 27 -9.01 -2.70 -5.48
C ALA A 27 -9.79 -1.70 -6.30
N CYS A 28 -9.87 -1.94 -7.60
CA CYS A 28 -10.59 -1.06 -8.51
C CYS A 28 -11.38 -1.87 -9.54
N GLY A 29 -10.67 -2.60 -10.38
CA GLY A 29 -11.31 -3.40 -11.40
C GLY A 29 -11.41 -2.67 -12.73
N GLY A 30 -11.13 -3.39 -13.82
CA GLY A 30 -11.20 -2.78 -15.14
C GLY A 30 -9.88 -2.15 -15.54
N ALA A 31 -9.37 -1.25 -14.70
CA ALA A 31 -8.12 -0.57 -14.97
C ALA A 31 -8.25 0.39 -16.15
N VAL A 32 -8.82 1.56 -15.89
CA VAL A 32 -9.01 2.58 -16.92
C VAL A 32 -8.36 3.90 -16.51
N ALA A 33 -7.03 3.94 -16.61
CA ALA A 33 -6.25 5.13 -16.23
C ALA A 33 -6.14 5.28 -14.72
N THR A 34 -7.14 4.78 -13.98
CA THR A 34 -7.14 4.87 -12.53
C THR A 34 -6.02 4.03 -11.92
N SER A 35 -5.85 2.81 -12.43
CA SER A 35 -4.82 1.91 -11.94
C SER A 35 -3.44 2.44 -12.30
N THR A 36 -3.23 2.71 -13.59
CA THR A 36 -1.95 3.22 -14.06
C THR A 36 -1.56 4.49 -13.31
N MET A 37 -2.57 5.27 -12.92
CA MET A 37 -2.32 6.51 -12.19
C MET A 37 -1.92 6.20 -10.74
N ALA A 38 -2.75 5.40 -10.07
CA ALA A 38 -2.48 5.02 -8.70
C ALA A 38 -1.14 4.32 -8.57
N ALA A 39 -0.98 3.22 -9.29
CA ALA A 39 0.25 2.47 -9.26
C ALA A 39 1.46 3.37 -9.45
N GLU A 40 1.50 4.08 -10.58
CA GLU A 40 2.61 4.99 -10.87
C GLU A 40 2.77 6.02 -9.76
N GLU A 41 1.66 6.58 -9.29
CA GLU A 41 1.70 7.59 -8.23
C GLU A 41 2.24 7.00 -6.94
N ILE A 42 1.64 5.91 -6.49
CA ILE A 42 2.06 5.26 -5.26
C ILE A 42 3.50 4.76 -5.37
N LYS A 43 3.86 4.24 -6.54
CA LYS A 43 5.21 3.73 -6.77
C LYS A 43 6.24 4.83 -6.59
N GLU A 44 6.10 5.90 -7.36
CA GLU A 44 7.02 7.04 -7.30
C GLU A 44 7.12 7.58 -5.87
N LEU A 45 5.99 7.56 -5.16
CA LEU A 45 5.95 8.06 -3.79
C LEU A 45 6.85 7.20 -2.89
N CYS A 46 6.58 5.90 -2.86
CA CYS A 46 7.37 4.98 -2.04
C CYS A 46 8.87 5.18 -2.26
N GLN A 47 9.25 5.42 -3.52
CA GLN A 47 10.64 5.63 -3.87
C GLN A 47 11.14 7.00 -3.40
N SER A 48 10.21 7.94 -3.28
CA SER A 48 10.56 9.29 -2.83
C SER A 48 11.27 9.25 -1.48
N HIS A 49 10.73 8.47 -0.55
CA HIS A 49 11.32 8.34 0.78
C HIS A 49 11.86 6.94 1.01
N ASN A 50 11.93 6.13 -0.04
CA ASN A 50 12.43 4.77 0.06
C ASN A 50 11.71 4.02 1.18
N ILE A 51 10.39 3.93 1.06
CA ILE A 51 9.57 3.24 2.05
C ILE A 51 9.35 1.78 1.66
N PRO A 52 10.10 0.84 2.27
CA PRO A 52 9.97 -0.59 1.95
C PRO A 52 8.54 -1.08 2.09
N VAL A 53 7.88 -1.26 0.95
CA VAL A 53 6.49 -1.72 0.93
C VAL A 53 6.17 -2.37 -0.41
N GLU A 54 5.12 -3.19 -0.42
CA GLU A 54 4.71 -3.86 -1.65
C GLU A 54 3.26 -3.54 -2.00
N LEU A 55 3.06 -2.86 -3.12
CA LEU A 55 1.73 -2.49 -3.56
C LEU A 55 1.08 -3.61 -4.38
N ILE A 56 0.01 -4.17 -3.85
CA ILE A 56 -0.71 -5.24 -4.54
C ILE A 56 -2.06 -4.74 -5.02
N GLN A 57 -2.56 -5.30 -6.11
CA GLN A 57 -3.85 -4.90 -6.66
C GLN A 57 -4.80 -6.10 -6.69
N CYS A 58 -6.05 -5.87 -6.34
CA CYS A 58 -7.04 -6.94 -6.31
C CYS A 58 -8.45 -6.40 -6.55
N ARG A 59 -9.40 -7.29 -6.78
CA ARG A 59 -10.79 -6.90 -7.04
C ARG A 59 -11.49 -6.52 -5.73
N VAL A 60 -12.82 -6.39 -5.82
CA VAL A 60 -13.62 -6.02 -4.66
C VAL A 60 -13.69 -7.15 -3.63
N ASN A 61 -13.44 -8.37 -4.05
CA ASN A 61 -13.49 -9.51 -3.14
C ASN A 61 -12.22 -10.36 -3.24
N GLU A 62 -11.10 -9.78 -2.85
CA GLU A 62 -9.82 -10.47 -2.89
C GLU A 62 -8.97 -10.14 -1.66
N ILE A 63 -9.04 -8.89 -1.22
CA ILE A 63 -8.27 -8.45 -0.05
C ILE A 63 -8.55 -9.35 1.14
N GLU A 64 -9.81 -9.73 1.31
CA GLU A 64 -10.22 -10.60 2.41
C GLU A 64 -9.52 -11.95 2.31
N THR A 65 -9.49 -12.52 1.10
CA THR A 65 -8.86 -13.80 0.88
C THR A 65 -7.33 -13.67 0.92
N TYR A 66 -6.82 -12.60 0.32
CA TYR A 66 -5.39 -12.35 0.30
C TYR A 66 -4.94 -11.58 1.53
N MET A 67 -5.82 -11.49 2.54
CA MET A 67 -5.50 -10.78 3.77
C MET A 67 -4.52 -11.58 4.64
N ASP A 68 -3.46 -12.09 4.02
CA ASP A 68 -2.47 -12.88 4.74
C ASP A 68 -1.56 -11.97 5.57
N GLY A 69 -1.07 -10.92 4.95
CA GLY A 69 -0.19 -9.99 5.65
C GLY A 69 -0.27 -8.59 5.09
N VAL A 70 -1.46 -8.00 5.14
CA VAL A 70 -1.67 -6.65 4.64
C VAL A 70 -1.61 -5.64 5.77
N HIS A 71 -0.80 -4.61 5.58
CA HIS A 71 -0.64 -3.57 6.58
C HIS A 71 -1.58 -2.39 6.31
N LEU A 72 -1.96 -2.23 5.04
CA LEU A 72 -2.86 -1.14 4.66
C LEU A 72 -3.67 -1.54 3.42
N ILE A 73 -4.89 -1.05 3.33
CA ILE A 73 -5.75 -1.38 2.19
C ILE A 73 -6.32 -0.12 1.55
N CYS A 74 -6.35 -0.10 0.22
CA CYS A 74 -6.89 1.04 -0.51
C CYS A 74 -7.99 0.60 -1.46
N THR A 75 -9.23 0.88 -1.08
CA THR A 75 -10.38 0.52 -1.91
C THR A 75 -11.34 1.69 -2.06
N THR A 76 -11.95 1.82 -3.22
CA THR A 76 -12.89 2.90 -3.48
C THR A 76 -14.33 2.40 -3.40
N ALA A 77 -14.75 1.99 -2.21
CA ALA A 77 -16.10 1.48 -2.00
C ALA A 77 -16.59 1.79 -0.59
N ARG A 78 -17.87 2.12 -0.47
CA ARG A 78 -18.47 2.43 0.82
C ARG A 78 -18.57 1.20 1.70
N VAL A 79 -17.43 0.66 2.10
CA VAL A 79 -17.38 -0.52 2.95
C VAL A 79 -17.85 -0.20 4.37
N ASP A 80 -17.80 -1.19 5.25
CA ASP A 80 -18.22 -1.01 6.63
C ASP A 80 -17.03 -0.85 7.58
N ARG A 81 -15.84 -1.21 7.09
CA ARG A 81 -14.61 -1.12 7.89
C ARG A 81 -14.86 -1.45 9.37
N SER A 82 -15.63 -2.49 9.61
CA SER A 82 -15.95 -2.90 10.99
C SER A 82 -15.66 -4.39 11.20
N PHE A 83 -15.15 -5.06 10.16
CA PHE A 83 -14.84 -6.47 10.24
C PHE A 83 -13.36 -6.68 10.52
N GLY A 84 -13.04 -6.98 11.77
CA GLY A 84 -11.65 -7.21 12.15
C GLY A 84 -10.92 -5.91 12.44
N ASP A 85 -9.74 -5.75 11.84
CA ASP A 85 -8.95 -4.55 12.03
C ASP A 85 -8.26 -4.16 10.73
N ILE A 86 -8.82 -4.63 9.61
CA ILE A 86 -8.27 -4.34 8.30
C ILE A 86 -8.11 -2.84 8.08
N PRO A 87 -6.88 -2.32 8.21
CA PRO A 87 -6.60 -0.89 8.02
C PRO A 87 -6.78 -0.45 6.57
N LEU A 88 -8.02 -0.36 6.12
CA LEU A 88 -8.32 0.06 4.74
C LEU A 88 -8.73 1.52 4.69
N VAL A 89 -8.56 2.14 3.53
CA VAL A 89 -8.92 3.54 3.34
C VAL A 89 -9.58 3.77 1.98
N HIS A 90 -10.43 4.77 1.90
CA HIS A 90 -11.13 5.09 0.65
C HIS A 90 -10.25 5.93 -0.26
N GLY A 91 -10.40 5.75 -1.56
CA GLY A 91 -9.61 6.50 -2.52
C GLY A 91 -10.48 7.40 -3.39
N MET A 92 -11.58 7.89 -2.82
CA MET A 92 -12.49 8.76 -3.55
C MET A 92 -11.79 10.06 -3.96
N PRO A 93 -11.16 10.77 -3.01
CA PRO A 93 -10.48 12.02 -3.29
C PRO A 93 -9.13 11.81 -3.99
N PHE A 94 -8.50 10.67 -3.72
CA PHE A 94 -7.21 10.37 -4.33
C PHE A 94 -7.35 10.16 -5.84
N VAL A 95 -8.45 9.53 -6.24
CA VAL A 95 -8.70 9.27 -7.66
C VAL A 95 -9.14 10.54 -8.38
N SER A 96 -9.66 11.49 -7.61
CA SER A 96 -10.11 12.76 -8.18
C SER A 96 -8.96 13.48 -8.90
N GLY A 97 -7.75 13.30 -8.39
CA GLY A 97 -6.59 13.93 -8.99
C GLY A 97 -6.34 15.34 -8.47
N VAL A 98 -7.24 15.82 -7.63
CA VAL A 98 -7.11 17.16 -7.04
C VAL A 98 -6.96 17.09 -5.53
N GLY A 99 -7.39 15.99 -4.93
CA GLY A 99 -7.30 15.84 -3.50
C GLY A 99 -6.07 15.04 -3.07
N ILE A 100 -5.19 14.73 -4.01
CA ILE A 100 -3.99 13.96 -3.72
C ILE A 100 -2.98 14.79 -2.92
N GLU A 101 -2.70 16.00 -3.40
CA GLU A 101 -1.76 16.88 -2.72
C GLU A 101 -2.08 17.03 -1.25
N ALA A 102 -3.34 17.34 -0.94
CA ALA A 102 -3.77 17.50 0.44
C ALA A 102 -3.72 16.19 1.20
N LEU A 103 -4.19 15.12 0.56
CA LEU A 103 -4.19 13.80 1.19
C LEU A 103 -2.76 13.28 1.36
N GLN A 104 -1.91 13.61 0.40
CA GLN A 104 -0.51 13.18 0.46
C GLN A 104 0.18 13.70 1.70
N ASN A 105 0.16 15.01 1.89
CA ASN A 105 0.79 15.63 3.05
C ASN A 105 0.31 14.99 4.35
N LYS A 106 -0.97 14.63 4.38
CA LYS A 106 -1.55 14.01 5.58
C LYS A 106 -1.22 12.52 5.64
N ILE A 107 -1.28 11.85 4.51
CA ILE A 107 -0.99 10.42 4.48
C ILE A 107 0.46 10.14 4.87
N LEU A 108 1.36 11.02 4.46
CA LEU A 108 2.79 10.87 4.77
C LEU A 108 3.05 11.19 6.24
N THR A 109 2.49 12.31 6.71
CA THR A 109 2.67 12.72 8.09
C THR A 109 2.28 11.61 9.06
N ILE A 110 1.27 10.82 8.68
CA ILE A 110 0.81 9.72 9.52
C ILE A 110 1.62 8.45 9.27
N LEU A 111 1.91 8.18 8.00
CA LEU A 111 2.68 6.99 7.62
C LEU A 111 4.07 7.03 8.24
N GLN A 112 4.63 8.24 8.36
CA GLN A 112 5.96 8.41 8.93
C GLN A 112 5.96 8.10 10.42
N GLY A 113 4.89 8.50 11.11
CA GLY A 113 4.78 8.24 12.54
C GLY A 113 4.31 6.84 12.84
N MET A 1 -8.71 -15.15 36.75
CA MET A 1 -8.70 -14.23 35.58
C MET A 1 -8.16 -12.85 35.95
N GLY A 2 -6.90 -12.61 35.60
CA GLY A 2 -6.27 -11.33 35.91
C GLY A 2 -5.61 -10.71 34.70
N SER A 3 -6.38 -10.50 33.64
CA SER A 3 -5.85 -9.91 32.42
C SER A 3 -6.62 -8.65 32.05
N SER A 4 -6.20 -8.00 30.97
CA SER A 4 -6.86 -6.78 30.51
C SER A 4 -6.36 -6.40 29.12
N HIS A 5 -5.06 -6.53 28.89
CA HIS A 5 -4.47 -6.20 27.60
C HIS A 5 -3.10 -6.86 27.44
N HIS A 6 -2.61 -6.92 26.20
CA HIS A 6 -1.32 -7.53 25.92
C HIS A 6 -0.83 -7.16 24.52
N HIS A 7 0.47 -7.21 24.32
CA HIS A 7 1.07 -6.87 23.03
C HIS A 7 1.66 -8.12 22.36
N HIS A 8 0.79 -8.93 21.76
CA HIS A 8 1.22 -10.14 21.08
C HIS A 8 0.80 -10.13 19.61
N HIS A 9 1.71 -10.51 18.73
CA HIS A 9 1.42 -10.54 17.30
C HIS A 9 0.23 -11.45 17.00
N HIS A 10 -0.28 -11.36 15.78
CA HIS A 10 -1.42 -12.18 15.36
C HIS A 10 -1.05 -13.66 15.33
N HIS A 11 -0.22 -14.03 14.36
CA HIS A 11 0.21 -15.42 14.22
C HIS A 11 -0.94 -16.30 13.74
N HIS A 12 -1.24 -16.20 12.45
CA HIS A 12 -2.31 -16.99 11.85
C HIS A 12 -1.76 -18.02 10.85
N GLU A 13 -0.48 -17.89 10.53
CA GLU A 13 0.17 -18.82 9.60
C GLU A 13 1.67 -18.86 9.83
N ASN A 14 2.25 -20.05 9.73
CA ASN A 14 3.68 -20.22 9.93
C ASN A 14 4.47 -19.62 8.78
N LEU A 15 5.45 -18.77 9.11
CA LEU A 15 6.28 -18.13 8.10
C LEU A 15 7.57 -18.91 7.87
N TYR A 16 8.30 -18.51 6.84
CA TYR A 16 9.56 -19.17 6.49
C TYR A 16 10.61 -18.17 6.00
N PHE A 17 10.14 -17.03 5.46
CA PHE A 17 11.03 -16.00 4.95
C PHE A 17 11.43 -15.02 6.05
N GLN A 18 10.44 -14.36 6.63
CA GLN A 18 10.66 -13.39 7.71
C GLN A 18 11.27 -12.10 7.16
N GLY A 19 10.72 -11.61 6.06
CA GLY A 19 11.22 -10.39 5.46
C GLY A 19 10.14 -9.64 4.69
N SER A 20 9.22 -9.00 5.40
CA SER A 20 8.14 -8.25 4.78
C SER A 20 7.61 -7.18 5.74
N LYS A 21 8.02 -5.93 5.52
CA LYS A 21 7.59 -4.82 6.35
C LYS A 21 6.08 -4.59 6.26
N ARG A 22 5.67 -3.54 5.55
CA ARG A 22 4.25 -3.22 5.40
C ARG A 22 3.77 -3.55 3.99
N LYS A 23 2.54 -4.06 3.88
CA LYS A 23 1.98 -4.41 2.58
C LYS A 23 0.60 -3.77 2.40
N ILE A 24 0.47 -2.88 1.42
CA ILE A 24 -0.81 -2.21 1.15
C ILE A 24 -1.51 -2.84 -0.04
N ILE A 25 -2.84 -2.71 -0.09
CA ILE A 25 -3.63 -3.29 -1.18
C ILE A 25 -4.42 -2.21 -1.91
N VAL A 26 -4.56 -2.37 -3.22
CA VAL A 26 -5.29 -1.43 -4.04
C VAL A 26 -6.37 -2.13 -4.84
N ALA A 27 -7.61 -1.82 -4.54
CA ALA A 27 -8.73 -2.44 -5.23
C ALA A 27 -9.63 -1.38 -5.87
N CYS A 28 -9.84 -1.54 -7.17
CA CYS A 28 -10.65 -0.60 -7.93
C CYS A 28 -11.75 -1.33 -8.70
N GLY A 29 -12.59 -0.54 -9.37
CA GLY A 29 -13.69 -1.12 -10.13
C GLY A 29 -14.18 -0.20 -11.23
N GLY A 30 -13.39 -0.07 -12.28
CA GLY A 30 -13.77 0.80 -13.38
C GLY A 30 -12.65 0.98 -14.40
N ALA A 31 -12.16 2.22 -14.51
CA ALA A 31 -11.08 2.51 -15.45
C ALA A 31 -9.76 1.91 -14.98
N VAL A 32 -9.13 1.14 -15.85
CA VAL A 32 -7.87 0.48 -15.53
C VAL A 32 -6.77 1.49 -15.18
N ALA A 33 -6.67 2.55 -15.98
CA ALA A 33 -5.67 3.58 -15.76
C ALA A 33 -5.75 4.15 -14.34
N THR A 34 -6.93 4.06 -13.74
CA THR A 34 -7.15 4.57 -12.40
C THR A 34 -6.40 3.74 -11.36
N SER A 35 -6.68 2.44 -11.36
CA SER A 35 -6.04 1.52 -10.43
C SER A 35 -4.52 1.61 -10.52
N THR A 36 -4.01 1.71 -11.74
CA THR A 36 -2.57 1.81 -11.95
C THR A 36 -2.08 3.23 -11.65
N MET A 37 -2.95 4.21 -11.88
CA MET A 37 -2.60 5.61 -11.61
C MET A 37 -2.05 5.76 -10.19
N ALA A 38 -2.82 5.30 -9.22
CA ALA A 38 -2.40 5.39 -7.83
C ALA A 38 -1.15 4.55 -7.60
N ALA A 39 -1.23 3.26 -7.95
CA ALA A 39 -0.10 2.35 -7.79
C ALA A 39 1.21 2.98 -8.24
N GLU A 40 1.27 3.40 -9.50
CA GLU A 40 2.47 4.02 -10.04
C GLU A 40 2.84 5.28 -9.25
N GLU A 41 1.83 5.95 -8.70
CA GLU A 41 2.04 7.15 -7.92
C GLU A 41 2.63 6.83 -6.55
N ILE A 42 2.00 5.89 -5.84
CA ILE A 42 2.49 5.50 -4.52
C ILE A 42 3.89 4.91 -4.61
N LYS A 43 4.19 4.26 -5.73
CA LYS A 43 5.49 3.64 -5.95
C LYS A 43 6.59 4.69 -6.05
N GLU A 44 6.45 5.61 -7.00
CA GLU A 44 7.44 6.66 -7.20
C GLU A 44 7.71 7.40 -5.89
N LEU A 45 6.68 7.52 -5.07
CA LEU A 45 6.81 8.20 -3.79
C LEU A 45 7.67 7.38 -2.83
N CYS A 46 7.26 6.15 -2.58
CA CYS A 46 7.99 5.26 -1.68
C CYS A 46 9.49 5.31 -1.94
N GLN A 47 9.86 5.33 -3.21
CA GLN A 47 11.27 5.39 -3.61
C GLN A 47 11.87 6.75 -3.30
N SER A 48 11.11 7.80 -3.59
CA SER A 48 11.57 9.17 -3.34
C SER A 48 12.09 9.34 -1.91
N HIS A 49 11.37 8.77 -0.95
CA HIS A 49 11.76 8.85 0.45
C HIS A 49 12.51 7.60 0.91
N ASN A 50 12.69 6.65 -0.01
CA ASN A 50 13.41 5.41 0.30
C ASN A 50 12.73 4.65 1.44
N ILE A 51 11.45 4.33 1.28
CA ILE A 51 10.70 3.59 2.30
C ILE A 51 10.34 2.19 1.81
N PRO A 52 11.12 1.16 2.21
CA PRO A 52 10.86 -0.22 1.79
C PRO A 52 9.43 -0.66 2.08
N VAL A 53 8.63 -0.80 1.02
CA VAL A 53 7.24 -1.23 1.14
C VAL A 53 6.79 -2.01 -0.09
N GLU A 54 5.72 -2.78 0.05
CA GLU A 54 5.18 -3.57 -1.05
C GLU A 54 3.69 -3.30 -1.26
N LEU A 55 3.34 -2.83 -2.45
CA LEU A 55 1.95 -2.49 -2.76
C LEU A 55 1.29 -3.57 -3.63
N ILE A 56 0.18 -4.14 -3.13
CA ILE A 56 -0.56 -5.18 -3.86
C ILE A 56 -1.82 -4.61 -4.49
N GLN A 57 -2.24 -5.20 -5.61
CA GLN A 57 -3.44 -4.75 -6.31
C GLN A 57 -4.42 -5.90 -6.47
N CYS A 58 -5.67 -5.69 -6.06
CA CYS A 58 -6.69 -6.73 -6.16
C CYS A 58 -8.06 -6.10 -6.43
N ARG A 59 -9.03 -6.93 -6.79
CA ARG A 59 -10.37 -6.45 -7.08
C ARG A 59 -11.14 -6.12 -5.79
N VAL A 60 -12.46 -6.03 -5.90
CA VAL A 60 -13.30 -5.71 -4.74
C VAL A 60 -13.69 -6.97 -3.98
N ASN A 61 -13.54 -8.13 -4.63
CA ASN A 61 -13.88 -9.41 -4.01
C ASN A 61 -12.74 -10.40 -4.15
N GLU A 62 -11.61 -10.08 -3.54
CA GLU A 62 -10.42 -10.93 -3.60
C GLU A 62 -9.40 -10.52 -2.54
N ILE A 63 -9.35 -9.23 -2.24
CA ILE A 63 -8.43 -8.70 -1.24
C ILE A 63 -8.61 -9.40 0.10
N GLU A 64 -9.85 -9.79 0.39
CA GLU A 64 -10.17 -10.48 1.64
C GLU A 64 -9.46 -11.83 1.72
N THR A 65 -9.43 -12.54 0.60
CA THR A 65 -8.78 -13.85 0.55
C THR A 65 -7.27 -13.69 0.47
N TYR A 66 -6.81 -12.68 -0.26
CA TYR A 66 -5.38 -12.43 -0.39
C TYR A 66 -4.83 -11.64 0.80
N MET A 67 -5.62 -11.53 1.86
CA MET A 67 -5.20 -10.82 3.06
C MET A 67 -4.19 -11.64 3.87
N ASP A 68 -3.19 -12.20 3.19
CA ASP A 68 -2.19 -13.02 3.85
C ASP A 68 -1.35 -12.20 4.82
N GLY A 69 -1.00 -10.99 4.40
CA GLY A 69 -0.20 -10.12 5.26
C GLY A 69 -0.24 -8.67 4.80
N VAL A 70 -1.39 -8.02 4.98
CA VAL A 70 -1.56 -6.65 4.58
C VAL A 70 -1.53 -5.71 5.79
N HIS A 71 -0.73 -4.66 5.69
CA HIS A 71 -0.62 -3.67 6.76
C HIS A 71 -1.54 -2.48 6.52
N LEU A 72 -1.98 -2.31 5.27
CA LEU A 72 -2.85 -1.21 4.92
C LEU A 72 -3.74 -1.60 3.73
N ILE A 73 -4.95 -1.07 3.70
CA ILE A 73 -5.89 -1.39 2.61
C ILE A 73 -6.45 -0.10 2.00
N CYS A 74 -6.44 -0.04 0.67
CA CYS A 74 -6.95 1.13 -0.03
C CYS A 74 -7.99 0.72 -1.07
N THR A 75 -9.26 0.95 -0.77
CA THR A 75 -10.34 0.61 -1.68
C THR A 75 -11.43 1.67 -1.65
N THR A 76 -12.22 1.74 -2.72
CA THR A 76 -13.30 2.70 -2.81
C THR A 76 -14.62 2.08 -2.32
N ALA A 77 -14.69 1.84 -1.01
CA ALA A 77 -15.88 1.25 -0.42
C ALA A 77 -15.73 1.12 1.10
N ARG A 78 -16.79 0.67 1.76
CA ARG A 78 -16.77 0.50 3.22
C ARG A 78 -16.96 -0.96 3.59
N VAL A 79 -15.88 -1.73 3.51
CA VAL A 79 -15.93 -3.14 3.84
C VAL A 79 -15.40 -3.39 5.26
N ASP A 80 -15.47 -2.36 6.09
CA ASP A 80 -15.00 -2.46 7.47
C ASP A 80 -16.02 -3.19 8.36
N ARG A 81 -17.15 -3.59 7.77
CA ARG A 81 -18.18 -4.30 8.52
C ARG A 81 -18.10 -5.80 8.26
N SER A 82 -16.88 -6.29 8.05
CA SER A 82 -16.67 -7.70 7.78
C SER A 82 -15.36 -8.19 8.43
N PHE A 83 -14.31 -7.38 8.34
CA PHE A 83 -13.01 -7.74 8.90
C PHE A 83 -12.97 -7.44 10.40
N GLY A 84 -13.60 -6.34 10.80
CA GLY A 84 -13.61 -5.97 12.20
C GLY A 84 -12.86 -4.68 12.47
N ASP A 85 -11.73 -4.49 11.80
CA ASP A 85 -10.92 -3.29 11.98
C ASP A 85 -10.01 -3.05 10.78
N ILE A 86 -10.38 -3.59 9.63
CA ILE A 86 -9.58 -3.44 8.42
C ILE A 86 -9.19 -1.97 8.20
N PRO A 87 -7.91 -1.62 8.43
CA PRO A 87 -7.42 -0.26 8.24
C PRO A 87 -7.49 0.19 6.78
N LEU A 88 -8.70 0.23 6.22
CA LEU A 88 -8.88 0.61 4.82
C LEU A 88 -9.29 2.08 4.70
N VAL A 89 -9.11 2.64 3.51
CA VAL A 89 -9.45 4.03 3.25
C VAL A 89 -10.00 4.21 1.83
N HIS A 90 -10.80 5.26 1.65
CA HIS A 90 -11.40 5.54 0.34
C HIS A 90 -10.41 6.32 -0.54
N GLY A 91 -10.47 6.07 -1.85
CA GLY A 91 -9.57 6.75 -2.77
C GLY A 91 -10.31 7.69 -3.71
N MET A 92 -11.42 8.23 -3.25
CA MET A 92 -12.22 9.14 -4.07
C MET A 92 -11.43 10.40 -4.45
N PRO A 93 -10.73 11.03 -3.50
CA PRO A 93 -9.96 12.25 -3.76
C PRO A 93 -8.65 11.98 -4.51
N PHE A 94 -8.09 10.80 -4.32
CA PHE A 94 -6.84 10.44 -4.97
C PHE A 94 -7.02 10.39 -6.48
N VAL A 95 -8.18 9.88 -6.90
CA VAL A 95 -8.49 9.77 -8.33
C VAL A 95 -8.89 11.13 -8.90
N SER A 96 -9.24 12.07 -8.03
CA SER A 96 -9.66 13.39 -8.47
C SER A 96 -8.60 14.07 -9.34
N GLY A 97 -7.33 13.91 -8.95
CA GLY A 97 -6.25 14.51 -9.71
C GLY A 97 -6.04 15.98 -9.36
N VAL A 98 -6.93 16.53 -8.54
CA VAL A 98 -6.83 17.94 -8.15
C VAL A 98 -6.49 18.08 -6.67
N GLY A 99 -6.99 17.16 -5.85
CA GLY A 99 -6.70 17.21 -4.42
C GLY A 99 -5.61 16.25 -4.00
N ILE A 100 -4.85 15.74 -4.97
CA ILE A 100 -3.76 14.81 -4.67
C ILE A 100 -2.72 15.47 -3.77
N GLU A 101 -2.42 16.73 -4.05
CA GLU A 101 -1.42 17.49 -3.29
C GLU A 101 -1.76 17.47 -1.79
N ALA A 102 -3.01 17.75 -1.47
CA ALA A 102 -3.46 17.77 -0.08
C ALA A 102 -3.50 16.35 0.49
N LEU A 103 -4.12 15.43 -0.26
CA LEU A 103 -4.24 14.05 0.17
C LEU A 103 -2.85 13.45 0.38
N GLN A 104 -2.01 13.51 -0.65
CA GLN A 104 -0.66 12.98 -0.58
C GLN A 104 0.06 13.49 0.67
N ASN A 105 0.00 14.80 0.90
CA ASN A 105 0.66 15.39 2.06
C ASN A 105 0.19 14.75 3.36
N LYS A 106 -1.11 14.50 3.45
CA LYS A 106 -1.69 13.89 4.65
C LYS A 106 -1.39 12.38 4.72
N ILE A 107 -1.53 11.69 3.59
CA ILE A 107 -1.26 10.25 3.56
C ILE A 107 0.20 9.96 3.87
N LEU A 108 1.07 10.89 3.50
CA LEU A 108 2.50 10.73 3.74
C LEU A 108 2.84 10.92 5.22
N THR A 109 2.32 11.98 5.81
CA THR A 109 2.58 12.27 7.22
C THR A 109 2.16 11.10 8.10
N ILE A 110 1.07 10.46 7.74
CA ILE A 110 0.57 9.31 8.50
C ILE A 110 1.47 8.11 8.35
N LEU A 111 1.88 7.83 7.11
CA LEU A 111 2.76 6.69 6.84
C LEU A 111 4.16 6.93 7.41
N GLN A 112 4.56 8.19 7.48
CA GLN A 112 5.88 8.55 8.01
C GLN A 112 5.81 8.83 9.51
N GLY A 113 4.60 8.96 10.04
CA GLY A 113 4.44 9.22 11.46
C GLY A 113 3.45 8.28 12.12
N MET A 1 22.61 -8.53 19.56
CA MET A 1 22.43 -8.88 21.00
C MET A 1 23.28 -8.01 21.91
N GLY A 2 24.54 -7.79 21.52
CA GLY A 2 25.44 -6.97 22.31
C GLY A 2 25.70 -5.62 21.67
N SER A 3 25.73 -5.60 20.34
CA SER A 3 25.96 -4.36 19.59
C SER A 3 27.40 -3.88 19.77
N SER A 4 28.33 -4.57 19.12
CA SER A 4 29.75 -4.20 19.20
C SER A 4 30.41 -4.26 17.83
N HIS A 5 29.87 -5.07 16.93
CA HIS A 5 30.42 -5.21 15.58
C HIS A 5 29.47 -4.63 14.55
N HIS A 6 29.78 -3.43 14.06
CA HIS A 6 28.97 -2.77 13.06
C HIS A 6 27.56 -2.51 13.58
N HIS A 7 27.32 -1.29 14.06
CA HIS A 7 26.02 -0.90 14.59
C HIS A 7 24.99 -0.83 13.47
N HIS A 8 23.82 -0.25 13.76
CA HIS A 8 22.75 -0.12 12.78
C HIS A 8 22.16 -1.48 12.45
N HIS A 9 21.36 -2.01 13.37
CA HIS A 9 20.72 -3.30 13.17
C HIS A 9 19.34 -3.14 12.53
N HIS A 10 18.72 -4.26 12.19
CA HIS A 10 17.40 -4.25 11.58
C HIS A 10 16.79 -5.64 11.56
N HIS A 11 15.58 -5.75 11.01
CA HIS A 11 14.89 -7.03 10.94
C HIS A 11 15.70 -8.04 10.14
N HIS A 12 16.34 -8.97 10.84
CA HIS A 12 17.15 -9.99 10.18
C HIS A 12 16.35 -11.29 9.97
N GLU A 13 15.03 -11.17 10.01
CA GLU A 13 14.13 -12.33 9.82
C GLU A 13 14.66 -13.57 10.52
N ASN A 14 14.09 -14.73 10.20
CA ASN A 14 14.51 -15.99 10.81
C ASN A 14 13.90 -17.18 10.06
N LEU A 15 13.96 -17.13 8.73
CA LEU A 15 13.42 -18.20 7.90
C LEU A 15 11.91 -18.32 8.11
N TYR A 16 11.27 -19.17 7.31
CA TYR A 16 9.82 -19.36 7.40
C TYR A 16 9.07 -18.04 7.23
N PHE A 17 9.73 -17.09 6.56
CA PHE A 17 9.12 -15.78 6.32
C PHE A 17 9.89 -15.03 5.24
N GLN A 18 9.15 -14.26 4.44
CA GLN A 18 9.75 -13.48 3.37
C GLN A 18 8.96 -12.19 3.14
N GLY A 19 8.83 -11.39 4.19
CA GLY A 19 8.11 -10.13 4.10
C GLY A 19 8.98 -8.94 4.41
N SER A 20 8.91 -7.92 3.55
CA SER A 20 9.70 -6.72 3.73
C SER A 20 9.33 -6.02 5.04
N LYS A 21 8.07 -5.63 5.15
CA LYS A 21 7.57 -4.95 6.35
C LYS A 21 6.06 -4.79 6.28
N ARG A 22 5.61 -3.82 5.49
CA ARG A 22 4.19 -3.54 5.32
C ARG A 22 3.72 -3.90 3.92
N LYS A 23 2.45 -4.28 3.81
CA LYS A 23 1.87 -4.68 2.53
C LYS A 23 0.50 -4.01 2.33
N ILE A 24 0.45 -3.05 1.40
CA ILE A 24 -0.79 -2.34 1.11
C ILE A 24 -1.53 -2.97 -0.06
N ILE A 25 -2.85 -2.81 -0.09
CA ILE A 25 -3.65 -3.37 -1.16
C ILE A 25 -4.56 -2.30 -1.74
N VAL A 26 -4.78 -2.37 -3.05
CA VAL A 26 -5.64 -1.40 -3.74
C VAL A 26 -6.70 -2.11 -4.55
N ALA A 27 -7.96 -1.93 -4.15
CA ALA A 27 -9.07 -2.56 -4.84
C ALA A 27 -9.87 -1.55 -5.65
N CYS A 28 -10.00 -1.81 -6.94
CA CYS A 28 -10.74 -0.92 -7.84
C CYS A 28 -10.75 -1.46 -9.26
N GLY A 29 -11.53 -0.81 -10.12
CA GLY A 29 -11.61 -1.24 -11.51
C GLY A 29 -11.66 -0.07 -12.46
N GLY A 30 -10.55 0.17 -13.15
CA GLY A 30 -10.49 1.27 -14.09
C GLY A 30 -10.00 0.85 -15.45
N ALA A 31 -8.76 0.38 -15.51
CA ALA A 31 -8.16 -0.04 -16.77
C ALA A 31 -8.04 1.13 -17.75
N VAL A 32 -8.21 2.35 -17.25
CA VAL A 32 -8.13 3.55 -18.07
C VAL A 32 -7.15 4.57 -17.49
N ALA A 33 -7.53 5.16 -16.36
CA ALA A 33 -6.68 6.16 -15.70
C ALA A 33 -6.92 6.17 -14.20
N THR A 34 -6.81 5.00 -13.57
CA THR A 34 -7.02 4.88 -12.12
C THR A 34 -6.09 3.82 -11.53
N SER A 35 -5.87 2.74 -12.28
CA SER A 35 -5.01 1.65 -11.83
C SER A 35 -3.55 2.04 -11.96
N THR A 36 -3.13 2.39 -13.16
CA THR A 36 -1.75 2.78 -13.40
C THR A 36 -1.42 4.05 -12.62
N MET A 37 -2.31 5.04 -12.69
CA MET A 37 -2.12 6.30 -11.98
C MET A 37 -1.80 6.07 -10.51
N ALA A 38 -2.66 5.31 -9.83
CA ALA A 38 -2.47 5.02 -8.41
C ALA A 38 -1.19 4.21 -8.19
N ALA A 39 -1.06 3.10 -8.91
CA ALA A 39 0.11 2.24 -8.79
C ALA A 39 1.40 3.02 -9.00
N GLU A 40 1.50 3.69 -10.14
CA GLU A 40 2.69 4.48 -10.46
C GLU A 40 2.92 5.56 -9.40
N GLU A 41 1.82 6.13 -8.91
CA GLU A 41 1.90 7.17 -7.88
C GLU A 41 2.37 6.60 -6.55
N ILE A 42 1.70 5.56 -6.09
CA ILE A 42 2.05 4.92 -4.82
C ILE A 42 3.42 4.26 -4.91
N LYS A 43 3.69 3.60 -6.03
CA LYS A 43 4.96 2.93 -6.23
C LYS A 43 6.13 3.91 -6.16
N GLU A 44 6.09 4.93 -7.03
CA GLU A 44 7.15 5.93 -7.05
C GLU A 44 7.32 6.57 -5.67
N LEU A 45 6.24 6.62 -4.91
CA LEU A 45 6.27 7.21 -3.57
C LEU A 45 7.14 6.40 -2.62
N CYS A 46 6.76 5.14 -2.39
CA CYS A 46 7.51 4.27 -1.49
C CYS A 46 9.00 4.31 -1.82
N GLN A 47 9.31 4.41 -3.10
CA GLN A 47 10.70 4.45 -3.55
C GLN A 47 11.32 5.83 -3.27
N SER A 48 10.62 6.89 -3.65
CA SER A 48 11.10 8.25 -3.45
C SER A 48 11.44 8.51 -1.99
N HIS A 49 10.55 8.08 -1.10
CA HIS A 49 10.73 8.27 0.34
C HIS A 49 11.65 7.19 0.92
N ASN A 50 11.92 6.16 0.14
CA ASN A 50 12.79 5.06 0.57
C ASN A 50 12.13 4.24 1.67
N ILE A 51 10.84 3.93 1.50
CA ILE A 51 10.10 3.13 2.47
C ILE A 51 9.80 1.73 1.93
N PRO A 52 10.58 0.72 2.33
CA PRO A 52 10.36 -0.66 1.87
C PRO A 52 8.93 -1.11 2.11
N VAL A 53 8.17 -1.28 1.03
CA VAL A 53 6.78 -1.72 1.10
C VAL A 53 6.36 -2.42 -0.18
N GLU A 54 5.30 -3.23 -0.11
CA GLU A 54 4.81 -3.94 -1.28
C GLU A 54 3.34 -3.59 -1.56
N LEU A 55 3.10 -2.96 -2.70
CA LEU A 55 1.75 -2.57 -3.10
C LEU A 55 1.07 -3.68 -3.90
N ILE A 56 0.00 -4.24 -3.33
CA ILE A 56 -0.74 -5.31 -3.99
C ILE A 56 -2.04 -4.77 -4.58
N GLN A 57 -2.52 -5.40 -5.65
CA GLN A 57 -3.76 -4.96 -6.31
C GLN A 57 -4.73 -6.13 -6.43
N CYS A 58 -6.00 -5.87 -6.14
CA CYS A 58 -7.03 -6.91 -6.20
C CYS A 58 -8.39 -6.33 -6.58
N ARG A 59 -9.34 -7.20 -6.89
CA ARG A 59 -10.68 -6.77 -7.26
C ARG A 59 -11.49 -6.38 -6.03
N VAL A 60 -12.80 -6.22 -6.23
CA VAL A 60 -13.70 -5.84 -5.14
C VAL A 60 -13.93 -7.00 -4.16
N ASN A 61 -13.70 -8.23 -4.63
CA ASN A 61 -13.90 -9.41 -3.80
C ASN A 61 -12.77 -10.42 -4.01
N GLU A 62 -11.62 -10.15 -3.39
CA GLU A 62 -10.46 -11.03 -3.51
C GLU A 62 -9.42 -10.71 -2.43
N ILE A 63 -9.34 -9.44 -2.05
CA ILE A 63 -8.40 -9.00 -1.03
C ILE A 63 -8.61 -9.71 0.30
N GLU A 64 -9.88 -9.95 0.63
CA GLU A 64 -10.23 -10.62 1.88
C GLU A 64 -9.54 -11.99 1.97
N THR A 65 -9.51 -12.70 0.84
CA THR A 65 -8.88 -14.02 0.79
C THR A 65 -7.36 -13.90 0.69
N TYR A 66 -6.89 -12.94 -0.08
CA TYR A 66 -5.46 -12.73 -0.26
C TYR A 66 -4.84 -11.99 0.93
N MET A 67 -5.60 -11.89 2.02
CA MET A 67 -5.12 -11.21 3.22
C MET A 67 -3.97 -11.97 3.90
N ASP A 68 -2.99 -12.40 3.09
CA ASP A 68 -1.84 -13.14 3.61
C ASP A 68 -1.11 -12.35 4.69
N GLY A 69 -0.90 -11.07 4.42
CA GLY A 69 -0.22 -10.22 5.38
C GLY A 69 -0.20 -8.76 4.97
N VAL A 70 -1.39 -8.17 4.82
CA VAL A 70 -1.51 -6.78 4.43
C VAL A 70 -1.48 -5.87 5.66
N HIS A 71 -0.64 -4.84 5.61
CA HIS A 71 -0.52 -3.90 6.72
C HIS A 71 -1.47 -2.72 6.54
N LEU A 72 -1.91 -2.50 5.30
CA LEU A 72 -2.83 -1.40 5.01
C LEU A 72 -3.74 -1.77 3.83
N ILE A 73 -4.98 -1.30 3.87
CA ILE A 73 -5.94 -1.61 2.82
C ILE A 73 -6.47 -0.36 2.15
N CYS A 74 -6.53 -0.37 0.82
CA CYS A 74 -7.05 0.79 0.09
C CYS A 74 -8.18 0.37 -0.85
N THR A 75 -9.40 0.67 -0.45
CA THR A 75 -10.58 0.33 -1.24
C THR A 75 -11.61 1.45 -1.17
N THR A 76 -12.42 1.58 -2.21
CA THR A 76 -13.44 2.61 -2.26
C THR A 76 -14.77 2.09 -1.70
N ALA A 77 -14.85 1.97 -0.38
CA ALA A 77 -16.05 1.48 0.28
C ALA A 77 -15.85 1.40 1.79
N ARG A 78 -16.89 0.95 2.49
CA ARG A 78 -16.83 0.81 3.94
C ARG A 78 -17.01 -0.64 4.36
N VAL A 79 -16.10 -1.49 3.91
CA VAL A 79 -16.15 -2.91 4.24
C VAL A 79 -15.49 -3.20 5.59
N ASP A 80 -15.42 -2.19 6.45
CA ASP A 80 -14.81 -2.34 7.77
C ASP A 80 -15.85 -2.77 8.80
N ARG A 81 -17.08 -2.95 8.36
CA ARG A 81 -18.16 -3.38 9.26
C ARG A 81 -18.35 -4.89 9.21
N SER A 82 -17.61 -5.57 8.33
CA SER A 82 -17.71 -7.01 8.21
C SER A 82 -16.34 -7.67 8.40
N PHE A 83 -15.27 -6.92 8.15
CA PHE A 83 -13.92 -7.44 8.29
C PHE A 83 -13.51 -7.51 9.76
N GLY A 84 -13.78 -6.46 10.51
CA GLY A 84 -13.43 -6.43 11.93
C GLY A 84 -12.62 -5.20 12.30
N ASP A 85 -11.38 -5.16 11.82
CA ASP A 85 -10.50 -4.03 12.10
C ASP A 85 -9.62 -3.74 10.89
N ILE A 86 -10.03 -4.24 9.73
CA ILE A 86 -9.29 -4.04 8.50
C ILE A 86 -8.96 -2.55 8.30
N PRO A 87 -7.68 -2.16 8.53
CA PRO A 87 -7.23 -0.77 8.38
C PRO A 87 -7.29 -0.28 6.94
N LEU A 88 -8.50 -0.15 6.39
CA LEU A 88 -8.66 0.30 5.00
C LEU A 88 -8.99 1.79 4.93
N VAL A 89 -8.78 2.36 3.75
CA VAL A 89 -9.03 3.78 3.52
C VAL A 89 -9.70 4.00 2.16
N HIS A 90 -10.50 5.06 2.08
CA HIS A 90 -11.21 5.39 0.86
C HIS A 90 -10.33 6.23 -0.07
N GLY A 91 -10.51 6.05 -1.37
CA GLY A 91 -9.73 6.80 -2.34
C GLY A 91 -10.56 7.83 -3.07
N MET A 92 -11.59 8.34 -2.41
CA MET A 92 -12.46 9.35 -3.01
C MET A 92 -11.66 10.56 -3.47
N PRO A 93 -10.81 11.14 -2.61
CA PRO A 93 -10.00 12.30 -2.97
C PRO A 93 -8.78 11.94 -3.83
N PHE A 94 -8.44 10.66 -3.89
CA PHE A 94 -7.30 10.21 -4.68
C PHE A 94 -7.69 10.09 -6.15
N VAL A 95 -8.92 9.62 -6.40
CA VAL A 95 -9.41 9.46 -7.76
C VAL A 95 -9.82 10.80 -8.36
N SER A 96 -10.11 11.77 -7.50
CA SER A 96 -10.51 13.11 -7.95
C SER A 96 -9.52 13.70 -8.95
N GLY A 97 -8.26 13.26 -8.87
CA GLY A 97 -7.24 13.77 -9.79
C GLY A 97 -6.78 15.17 -9.44
N VAL A 98 -7.32 15.75 -8.37
CA VAL A 98 -6.96 17.09 -7.96
C VAL A 98 -6.65 17.17 -6.46
N GLY A 99 -7.19 16.23 -5.69
CA GLY A 99 -6.96 16.23 -4.25
C GLY A 99 -5.84 15.30 -3.84
N ILE A 100 -5.09 14.79 -4.82
CA ILE A 100 -3.99 13.88 -4.53
C ILE A 100 -2.85 14.63 -3.86
N GLU A 101 -2.47 15.76 -4.46
CA GLU A 101 -1.39 16.59 -3.94
C GLU A 101 -1.59 16.90 -2.46
N ALA A 102 -2.73 17.51 -2.14
CA ALA A 102 -3.04 17.87 -0.77
C ALA A 102 -3.11 16.64 0.12
N LEU A 103 -3.81 15.61 -0.35
CA LEU A 103 -3.95 14.38 0.41
C LEU A 103 -2.59 13.72 0.62
N GLN A 104 -1.76 13.76 -0.42
CA GLN A 104 -0.43 13.17 -0.36
C GLN A 104 0.39 13.78 0.75
N ASN A 105 0.54 15.10 0.70
CA ASN A 105 1.30 15.82 1.72
C ASN A 105 0.78 15.51 3.11
N LYS A 106 -0.54 15.48 3.26
CA LYS A 106 -1.15 15.20 4.54
C LYS A 106 -0.93 13.74 4.93
N ILE A 107 -1.11 12.83 3.98
CA ILE A 107 -0.93 11.41 4.28
C ILE A 107 0.53 11.07 4.57
N LEU A 108 1.46 11.74 3.89
CA LEU A 108 2.88 11.50 4.10
C LEU A 108 3.33 12.03 5.45
N THR A 109 2.85 13.22 5.81
CA THR A 109 3.21 13.84 7.08
C THR A 109 2.73 13.01 8.26
N ILE A 110 1.57 12.38 8.12
CA ILE A 110 1.02 11.55 9.20
C ILE A 110 1.55 10.13 9.12
N LEU A 111 1.64 9.57 7.92
CA LEU A 111 2.13 8.21 7.75
C LEU A 111 3.55 8.06 8.32
N GLN A 112 4.34 9.14 8.19
CA GLN A 112 5.70 9.13 8.70
C GLN A 112 5.73 9.41 10.19
N GLY A 113 4.77 10.20 10.65
CA GLY A 113 4.70 10.52 12.07
C GLY A 113 4.63 12.02 12.31
N MET A 1 29.90 -10.78 13.80
CA MET A 1 28.53 -11.12 13.33
C MET A 1 27.44 -10.78 14.37
N GLY A 2 27.81 -10.09 15.44
CA GLY A 2 26.84 -9.73 16.45
C GLY A 2 27.44 -8.85 17.54
N SER A 3 27.06 -7.57 17.55
CA SER A 3 27.56 -6.64 18.55
C SER A 3 27.11 -7.03 19.95
N SER A 4 28.06 -7.11 20.87
CA SER A 4 27.78 -7.47 22.26
C SER A 4 28.46 -6.50 23.21
N HIS A 5 29.78 -6.54 23.23
CA HIS A 5 30.57 -5.67 24.10
C HIS A 5 31.92 -5.30 23.47
N HIS A 6 32.44 -6.20 22.63
CA HIS A 6 33.71 -5.97 21.96
C HIS A 6 33.90 -6.95 20.81
N HIS A 7 33.59 -6.48 19.59
CA HIS A 7 33.73 -7.31 18.40
C HIS A 7 34.22 -6.49 17.22
N HIS A 8 34.36 -7.14 16.06
CA HIS A 8 34.81 -6.47 14.86
C HIS A 8 33.71 -6.43 13.81
N HIS A 9 33.79 -5.44 12.93
CA HIS A 9 32.80 -5.28 11.86
C HIS A 9 33.42 -5.51 10.49
N HIS A 10 32.63 -6.06 9.58
CA HIS A 10 33.11 -6.34 8.22
C HIS A 10 32.53 -5.35 7.23
N HIS A 11 32.73 -5.64 5.94
CA HIS A 11 32.21 -4.76 4.88
C HIS A 11 32.09 -5.52 3.57
N HIS A 12 31.38 -6.65 3.60
CA HIS A 12 31.18 -7.48 2.42
C HIS A 12 29.77 -7.31 1.87
N GLU A 13 29.47 -8.01 0.79
CA GLU A 13 28.15 -7.94 0.16
C GLU A 13 27.09 -8.54 1.07
N ASN A 14 25.86 -8.04 0.94
CA ASN A 14 24.75 -8.53 1.74
C ASN A 14 23.61 -9.03 0.85
N LEU A 15 22.83 -9.98 1.35
CA LEU A 15 21.72 -10.53 0.60
C LEU A 15 20.45 -9.72 0.82
N TYR A 16 20.22 -8.75 -0.06
CA TYR A 16 19.04 -7.89 0.04
C TYR A 16 17.81 -8.60 -0.50
N PHE A 17 16.67 -7.91 -0.46
CA PHE A 17 15.41 -8.47 -0.94
C PHE A 17 14.57 -7.41 -1.64
N GLN A 18 13.92 -6.56 -0.86
CA GLN A 18 13.09 -5.49 -1.41
C GLN A 18 12.51 -4.62 -0.30
N GLY A 19 11.98 -5.27 0.72
CA GLY A 19 11.40 -4.54 1.83
C GLY A 19 10.81 -5.45 2.88
N SER A 20 9.76 -6.19 2.50
CA SER A 20 9.10 -7.11 3.42
C SER A 20 8.68 -6.39 4.70
N LYS A 21 7.65 -5.56 4.61
CA LYS A 21 7.17 -4.81 5.76
C LYS A 21 5.67 -4.56 5.67
N ARG A 22 5.27 -3.46 5.03
CA ARG A 22 3.86 -3.13 4.89
C ARG A 22 3.44 -3.20 3.43
N LYS A 23 2.19 -3.57 3.18
CA LYS A 23 1.68 -3.69 1.82
C LYS A 23 0.26 -3.16 1.71
N ILE A 24 0.01 -2.35 0.68
CA ILE A 24 -1.32 -1.78 0.48
C ILE A 24 -2.05 -2.48 -0.66
N ILE A 25 -3.38 -2.54 -0.58
CA ILE A 25 -4.19 -3.18 -1.59
C ILE A 25 -5.14 -2.16 -2.25
N VAL A 26 -5.38 -2.34 -3.55
CA VAL A 26 -6.27 -1.45 -4.28
C VAL A 26 -7.31 -2.26 -5.06
N ALA A 27 -8.57 -2.07 -4.73
CA ALA A 27 -9.65 -2.79 -5.40
C ALA A 27 -10.53 -1.85 -6.21
N CYS A 28 -10.67 -2.16 -7.50
CA CYS A 28 -11.48 -1.32 -8.39
C CYS A 28 -11.11 0.15 -8.24
N GLY A 29 -11.94 1.03 -8.78
CA GLY A 29 -11.67 2.46 -8.67
C GLY A 29 -11.08 3.02 -9.95
N GLY A 30 -11.09 2.21 -11.01
CA GLY A 30 -10.56 2.65 -12.28
C GLY A 30 -9.24 1.96 -12.63
N ALA A 31 -9.33 0.81 -13.27
CA ALA A 31 -8.14 0.06 -13.65
C ALA A 31 -8.01 -0.05 -15.17
N VAL A 32 -8.27 1.05 -15.87
CA VAL A 32 -8.17 1.07 -17.33
C VAL A 32 -7.31 2.23 -17.82
N ALA A 33 -7.46 3.39 -17.18
CA ALA A 33 -6.68 4.57 -17.57
C ALA A 33 -6.13 5.29 -16.35
N THR A 34 -6.90 5.30 -15.26
CA THR A 34 -6.47 5.96 -14.03
C THR A 34 -5.62 5.02 -13.18
N SER A 35 -5.73 3.73 -13.42
CA SER A 35 -4.96 2.74 -12.67
C SER A 35 -3.48 3.11 -12.63
N THR A 36 -2.96 3.51 -13.78
CA THR A 36 -1.56 3.88 -13.89
C THR A 36 -1.26 5.11 -13.03
N MET A 37 -2.25 6.00 -12.90
CA MET A 37 -2.08 7.19 -12.09
C MET A 37 -1.74 6.82 -10.65
N ALA A 38 -2.58 5.98 -10.04
CA ALA A 38 -2.35 5.54 -8.67
C ALA A 38 -1.11 4.68 -8.57
N ALA A 39 -1.08 3.57 -9.31
CA ALA A 39 0.06 2.66 -9.31
C ALA A 39 1.38 3.42 -9.35
N GLU A 40 1.57 4.21 -10.39
CA GLU A 40 2.80 4.99 -10.54
C GLU A 40 2.94 6.01 -9.42
N GLU A 41 1.82 6.57 -8.97
CA GLU A 41 1.83 7.56 -7.90
C GLU A 41 2.30 6.93 -6.59
N ILE A 42 1.67 5.83 -6.21
CA ILE A 42 2.02 5.14 -4.97
C ILE A 42 3.43 4.55 -5.06
N LYS A 43 3.79 4.07 -6.24
CA LYS A 43 5.11 3.48 -6.45
C LYS A 43 6.20 4.54 -6.33
N GLU A 44 6.09 5.59 -7.14
CA GLU A 44 7.08 6.67 -7.12
C GLU A 44 7.25 7.22 -5.71
N LEU A 45 6.16 7.23 -4.94
CA LEU A 45 6.19 7.74 -3.57
C LEU A 45 7.07 6.86 -2.68
N CYS A 46 6.72 5.58 -2.59
CA CYS A 46 7.48 4.64 -1.76
C CYS A 46 8.97 4.72 -2.07
N GLN A 47 9.29 4.92 -3.35
CA GLN A 47 10.69 5.02 -3.77
C GLN A 47 11.25 6.40 -3.46
N SER A 48 10.41 7.42 -3.58
CA SER A 48 10.82 8.79 -3.30
C SER A 48 11.49 8.90 -1.94
N HIS A 49 10.87 8.29 -0.93
CA HIS A 49 11.39 8.33 0.43
C HIS A 49 12.06 7.01 0.80
N ASN A 50 12.18 6.11 -0.17
CA ASN A 50 12.80 4.81 0.07
C ASN A 50 12.07 4.05 1.17
N ILE A 51 10.74 4.06 1.12
CA ILE A 51 9.93 3.37 2.11
C ILE A 51 9.56 1.96 1.64
N PRO A 52 10.19 0.93 2.22
CA PRO A 52 9.93 -0.47 1.85
C PRO A 52 8.46 -0.84 1.95
N VAL A 53 7.77 -0.79 0.81
CA VAL A 53 6.35 -1.13 0.75
C VAL A 53 6.01 -1.79 -0.58
N GLU A 54 5.02 -2.67 -0.57
CA GLU A 54 4.58 -3.36 -1.78
C GLU A 54 3.08 -3.15 -2.01
N LEU A 55 2.75 -2.62 -3.18
CA LEU A 55 1.36 -2.34 -3.54
C LEU A 55 0.75 -3.49 -4.34
N ILE A 56 -0.32 -4.07 -3.80
CA ILE A 56 -1.01 -5.19 -4.44
C ILE A 56 -2.31 -4.72 -5.07
N GLN A 57 -2.74 -5.40 -6.14
CA GLN A 57 -3.97 -5.05 -6.82
C GLN A 57 -4.88 -6.28 -6.93
N CYS A 58 -6.13 -6.13 -6.47
CA CYS A 58 -7.10 -7.22 -6.52
C CYS A 58 -8.52 -6.68 -6.35
N ARG A 59 -9.52 -7.52 -6.63
CA ARG A 59 -10.91 -7.10 -6.51
C ARG A 59 -11.28 -6.76 -5.07
N VAL A 60 -12.59 -6.75 -4.78
CA VAL A 60 -13.08 -6.46 -3.43
C VAL A 60 -13.31 -7.74 -2.64
N ASN A 61 -13.14 -8.88 -3.28
CA ASN A 61 -13.34 -10.18 -2.64
C ASN A 61 -12.14 -11.09 -2.86
N GLU A 62 -10.98 -10.67 -2.35
CA GLU A 62 -9.75 -11.43 -2.48
C GLU A 62 -8.71 -10.96 -1.46
N ILE A 63 -8.71 -9.66 -1.18
CA ILE A 63 -7.78 -9.09 -0.23
C ILE A 63 -7.81 -9.83 1.09
N GLU A 64 -8.99 -10.30 1.47
CA GLU A 64 -9.16 -11.02 2.72
C GLU A 64 -8.52 -12.41 2.64
N THR A 65 -8.51 -13.01 1.45
CA THR A 65 -7.95 -14.33 1.28
C THR A 65 -6.42 -14.28 1.19
N TYR A 66 -5.90 -13.32 0.42
CA TYR A 66 -4.45 -13.17 0.27
C TYR A 66 -3.89 -12.16 1.28
N MET A 67 -4.68 -11.79 2.29
CA MET A 67 -4.21 -10.86 3.31
C MET A 67 -3.26 -11.55 4.28
N ASP A 68 -2.25 -12.23 3.74
CA ASP A 68 -1.27 -12.92 4.58
C ASP A 68 -0.60 -11.94 5.53
N GLY A 69 -0.44 -10.70 5.07
CA GLY A 69 0.17 -9.67 5.89
C GLY A 69 0.00 -8.28 5.30
N VAL A 70 -1.24 -7.81 5.25
CA VAL A 70 -1.52 -6.48 4.71
C VAL A 70 -1.43 -5.42 5.80
N HIS A 71 -0.69 -4.36 5.52
CA HIS A 71 -0.53 -3.27 6.47
C HIS A 71 -1.56 -2.18 6.23
N LEU A 72 -2.05 -2.08 5.00
CA LEU A 72 -3.06 -1.08 4.63
C LEU A 72 -3.86 -1.52 3.41
N ILE A 73 -5.13 -1.16 3.36
CA ILE A 73 -5.97 -1.52 2.23
C ILE A 73 -6.79 -0.32 1.74
N CYS A 74 -6.98 -0.25 0.43
CA CYS A 74 -7.73 0.84 -0.16
C CYS A 74 -8.85 0.31 -1.06
N THR A 75 -10.08 0.38 -0.58
CA THR A 75 -11.22 -0.09 -1.35
C THR A 75 -12.27 1.02 -1.51
N THR A 76 -12.95 1.02 -2.65
CA THR A 76 -13.98 2.02 -2.91
C THR A 76 -15.28 1.37 -3.37
N ALA A 77 -15.74 0.38 -2.61
CA ALA A 77 -16.98 -0.32 -2.93
C ALA A 77 -18.11 0.12 -2.01
N ARG A 78 -18.49 -0.74 -1.06
CA ARG A 78 -19.57 -0.43 -0.11
C ARG A 78 -19.42 -1.28 1.16
N VAL A 79 -18.19 -1.45 1.61
CA VAL A 79 -17.91 -2.24 2.80
C VAL A 79 -18.47 -1.56 4.05
N ASP A 80 -18.50 -2.28 5.18
CA ASP A 80 -19.01 -1.73 6.43
C ASP A 80 -17.88 -1.26 7.33
N ARG A 81 -16.68 -1.80 7.12
CA ARG A 81 -15.52 -1.43 7.93
C ARG A 81 -15.77 -1.69 9.40
N SER A 82 -16.48 -2.78 9.69
CA SER A 82 -16.79 -3.14 11.07
C SER A 82 -16.38 -4.59 11.36
N PHE A 83 -15.55 -5.15 10.49
CA PHE A 83 -15.09 -6.53 10.67
C PHE A 83 -13.61 -6.57 11.04
N GLY A 84 -13.32 -6.92 12.28
CA GLY A 84 -11.95 -7.00 12.74
C GLY A 84 -11.34 -5.63 12.96
N ASP A 85 -10.32 -5.30 12.17
CA ASP A 85 -9.65 -4.02 12.29
C ASP A 85 -8.87 -3.70 11.01
N ILE A 86 -9.34 -4.25 9.89
CA ILE A 86 -8.70 -4.03 8.61
C ILE A 86 -8.52 -2.53 8.33
N PRO A 87 -7.28 -2.03 8.44
CA PRO A 87 -6.99 -0.61 8.21
C PRO A 87 -7.17 -0.21 6.74
N LEU A 88 -8.42 -0.20 6.28
CA LEU A 88 -8.70 0.16 4.89
C LEU A 88 -9.13 1.61 4.76
N VAL A 89 -9.03 2.13 3.54
CA VAL A 89 -9.41 3.51 3.27
C VAL A 89 -9.97 3.66 1.86
N HIS A 90 -10.73 4.72 1.64
CA HIS A 90 -11.33 4.96 0.33
C HIS A 90 -10.32 5.65 -0.59
N GLY A 91 -10.41 5.34 -1.88
CA GLY A 91 -9.52 5.94 -2.86
C GLY A 91 -10.19 7.04 -3.66
N MET A 92 -11.38 7.45 -3.24
CA MET A 92 -12.12 8.50 -3.92
C MET A 92 -11.28 9.77 -4.06
N PRO A 93 -10.56 10.19 -2.99
CA PRO A 93 -9.74 11.41 -3.05
C PRO A 93 -8.45 11.21 -3.84
N PHE A 94 -8.09 9.96 -4.11
CA PHE A 94 -6.88 9.66 -4.87
C PHE A 94 -7.15 9.69 -6.37
N VAL A 95 -8.32 9.22 -6.76
CA VAL A 95 -8.71 9.19 -8.17
C VAL A 95 -8.99 10.61 -8.70
N SER A 96 -9.32 11.51 -7.77
CA SER A 96 -9.62 12.89 -8.13
C SER A 96 -8.53 13.49 -9.02
N GLY A 97 -7.28 13.10 -8.77
CA GLY A 97 -6.17 13.61 -9.55
C GLY A 97 -5.85 15.06 -9.21
N VAL A 98 -6.51 15.59 -8.19
CA VAL A 98 -6.29 16.98 -7.78
C VAL A 98 -6.15 17.13 -6.26
N GLY A 99 -6.82 16.26 -5.51
CA GLY A 99 -6.75 16.33 -4.05
C GLY A 99 -5.65 15.47 -3.46
N ILE A 100 -4.75 14.99 -4.31
CA ILE A 100 -3.64 14.14 -3.86
C ILE A 100 -2.60 14.95 -3.08
N GLU A 101 -2.34 16.17 -3.54
CA GLU A 101 -1.36 17.03 -2.90
C GLU A 101 -1.55 17.05 -1.38
N ALA A 102 -2.80 17.26 -0.96
CA ALA A 102 -3.12 17.29 0.46
C ALA A 102 -3.21 15.88 1.03
N LEU A 103 -3.87 14.99 0.28
CA LEU A 103 -4.03 13.60 0.69
C LEU A 103 -2.67 12.94 0.91
N GLN A 104 -1.83 12.96 -0.12
CA GLN A 104 -0.51 12.36 -0.05
C GLN A 104 0.25 12.88 1.17
N ASN A 105 0.29 14.19 1.33
CA ASN A 105 1.00 14.81 2.45
C ASN A 105 0.46 14.29 3.78
N LYS A 106 -0.85 14.36 3.96
CA LYS A 106 -1.49 13.92 5.19
C LYS A 106 -1.25 12.43 5.44
N ILE A 107 -1.39 11.61 4.40
CA ILE A 107 -1.18 10.18 4.53
C ILE A 107 0.28 9.85 4.82
N LEU A 108 1.19 10.65 4.27
CA LEU A 108 2.61 10.43 4.48
C LEU A 108 3.02 10.88 5.89
N THR A 109 2.50 12.03 6.31
CA THR A 109 2.79 12.57 7.63
C THR A 109 2.48 11.56 8.72
N ILE A 110 1.36 10.84 8.55
CA ILE A 110 0.95 9.84 9.52
C ILE A 110 1.83 8.59 9.42
N LEU A 111 2.19 8.22 8.19
CA LEU A 111 3.03 7.04 7.98
C LEU A 111 4.43 7.24 8.55
N GLN A 112 4.88 8.50 8.58
CA GLN A 112 6.20 8.82 9.09
C GLN A 112 6.17 9.00 10.61
N GLY A 113 5.02 9.41 11.13
CA GLY A 113 4.88 9.61 12.56
C GLY A 113 4.36 8.38 13.27
N MET A 1 18.12 -12.83 -11.42
CA MET A 1 19.51 -12.81 -11.95
C MET A 1 19.86 -11.44 -12.51
N GLY A 2 21.13 -11.27 -12.88
CA GLY A 2 21.58 -10.00 -13.43
C GLY A 2 23.07 -9.76 -13.24
N SER A 3 23.72 -10.62 -12.44
CA SER A 3 25.15 -10.48 -12.20
C SER A 3 25.84 -11.84 -12.25
N SER A 4 27.15 -11.82 -12.50
CA SER A 4 27.92 -13.06 -12.57
C SER A 4 28.79 -13.24 -11.33
N HIS A 5 28.14 -13.46 -10.19
CA HIS A 5 28.86 -13.64 -8.94
C HIS A 5 28.37 -14.90 -8.21
N HIS A 6 28.22 -15.99 -8.97
CA HIS A 6 27.76 -17.25 -8.40
C HIS A 6 28.43 -18.44 -9.09
N HIS A 7 27.92 -18.79 -10.28
CA HIS A 7 28.46 -19.91 -11.04
C HIS A 7 28.35 -21.22 -10.25
N HIS A 8 27.49 -21.23 -9.24
CA HIS A 8 27.29 -22.42 -8.41
C HIS A 8 25.85 -22.50 -7.92
N HIS A 9 25.49 -23.62 -7.32
CA HIS A 9 24.15 -23.82 -6.80
C HIS A 9 24.18 -24.17 -5.32
N HIS A 10 23.01 -24.15 -4.69
CA HIS A 10 22.90 -24.46 -3.26
C HIS A 10 23.61 -23.40 -2.43
N HIS A 11 23.61 -23.59 -1.11
CA HIS A 11 24.25 -22.67 -0.19
C HIS A 11 23.50 -21.34 -0.14
N HIS A 12 23.52 -20.61 -1.24
CA HIS A 12 22.83 -19.32 -1.34
C HIS A 12 23.46 -18.30 -0.38
N GLU A 13 24.62 -17.78 -0.77
CA GLU A 13 25.33 -16.80 0.04
C GLU A 13 24.52 -15.51 0.16
N ASN A 14 24.01 -15.03 -0.97
CA ASN A 14 23.21 -13.81 -1.00
C ASN A 14 21.73 -14.13 -1.09
N LEU A 15 20.92 -13.13 -1.40
CA LEU A 15 19.48 -13.30 -1.52
C LEU A 15 18.89 -13.81 -0.21
N TYR A 16 19.14 -13.08 0.87
CA TYR A 16 18.64 -13.45 2.19
C TYR A 16 18.48 -12.23 3.10
N PHE A 17 18.98 -11.08 2.65
CA PHE A 17 18.90 -9.85 3.44
C PHE A 17 17.94 -8.86 2.79
N GLN A 18 16.93 -9.40 2.09
CA GLN A 18 15.95 -8.56 1.42
C GLN A 18 14.54 -8.88 1.92
N GLY A 19 14.34 -8.71 3.22
CA GLY A 19 13.04 -8.99 3.80
C GLY A 19 12.04 -7.89 3.52
N SER A 20 10.81 -8.10 3.95
CA SER A 20 9.75 -7.11 3.74
C SER A 20 9.26 -6.59 5.08
N LYS A 21 8.27 -5.72 5.03
CA LYS A 21 7.70 -5.12 6.23
C LYS A 21 6.22 -4.86 6.06
N ARG A 22 5.91 -3.79 5.33
CA ARG A 22 4.53 -3.41 5.07
C ARG A 22 4.13 -3.73 3.65
N LYS A 23 2.85 -4.05 3.45
CA LYS A 23 2.34 -4.38 2.13
C LYS A 23 1.03 -3.64 1.87
N ILE A 24 1.03 -2.72 0.92
CA ILE A 24 -0.18 -1.98 0.59
C ILE A 24 -0.86 -2.60 -0.64
N ILE A 25 -2.19 -2.55 -0.65
CA ILE A 25 -2.97 -3.12 -1.75
C ILE A 25 -4.00 -2.09 -2.24
N VAL A 26 -4.27 -2.10 -3.54
CA VAL A 26 -5.24 -1.18 -4.12
C VAL A 26 -6.30 -1.93 -4.90
N ALA A 27 -7.57 -1.68 -4.57
CA ALA A 27 -8.67 -2.35 -5.25
C ALA A 27 -9.47 -1.38 -6.12
N CYS A 28 -9.59 -1.73 -7.40
CA CYS A 28 -10.32 -0.91 -8.35
C CYS A 28 -11.82 -0.96 -8.09
N GLY A 29 -12.42 0.22 -7.96
CA GLY A 29 -13.85 0.31 -7.71
C GLY A 29 -14.48 1.56 -8.31
N GLY A 30 -13.65 2.52 -8.73
CA GLY A 30 -14.17 3.74 -9.31
C GLY A 30 -13.82 3.88 -10.78
N ALA A 31 -12.56 4.23 -11.06
CA ALA A 31 -12.11 4.39 -12.43
C ALA A 31 -11.47 3.10 -12.96
N VAL A 32 -11.33 3.01 -14.27
CA VAL A 32 -10.73 1.83 -14.90
C VAL A 32 -9.52 2.21 -15.74
N ALA A 33 -9.03 3.44 -15.57
CA ALA A 33 -7.87 3.93 -16.31
C ALA A 33 -6.76 4.39 -15.37
N THR A 34 -7.01 4.30 -14.06
CA THR A 34 -6.02 4.72 -13.07
C THR A 34 -5.22 3.52 -12.56
N SER A 35 -4.97 2.57 -13.45
CA SER A 35 -4.22 1.37 -13.08
C SER A 35 -2.73 1.68 -12.97
N THR A 36 -2.15 2.18 -14.05
CA THR A 36 -0.73 2.54 -14.07
C THR A 36 -0.46 3.75 -13.21
N MET A 37 -1.40 4.70 -13.22
CA MET A 37 -1.26 5.93 -12.45
C MET A 37 -1.15 5.63 -10.96
N ALA A 38 -2.13 4.89 -10.43
CA ALA A 38 -2.12 4.52 -9.02
C ALA A 38 -0.87 3.72 -8.66
N ALA A 39 -0.61 2.69 -9.47
CA ALA A 39 0.55 1.85 -9.26
C ALA A 39 1.84 2.67 -9.24
N GLU A 40 2.05 3.44 -10.30
CA GLU A 40 3.24 4.28 -10.42
C GLU A 40 3.27 5.39 -9.36
N GLU A 41 2.12 6.04 -9.15
CA GLU A 41 2.05 7.12 -8.15
C GLU A 41 2.48 6.63 -6.78
N ILE A 42 1.83 5.57 -6.31
CA ILE A 42 2.14 5.01 -5.00
C ILE A 42 3.52 4.36 -4.99
N LYS A 43 3.87 3.70 -6.09
CA LYS A 43 5.15 3.03 -6.20
C LYS A 43 6.29 4.04 -6.05
N GLU A 44 6.28 5.07 -6.88
CA GLU A 44 7.32 6.09 -6.83
C GLU A 44 7.37 6.75 -5.46
N LEU A 45 6.20 6.87 -4.82
CA LEU A 45 6.12 7.48 -3.49
C LEU A 45 6.88 6.65 -2.46
N CYS A 46 6.48 5.39 -2.32
CA CYS A 46 7.13 4.49 -1.35
C CYS A 46 8.63 4.46 -1.56
N GLN A 47 9.06 4.48 -2.82
CA GLN A 47 10.47 4.46 -3.16
C GLN A 47 11.11 5.84 -2.95
N SER A 48 10.30 6.88 -3.12
CA SER A 48 10.77 8.25 -2.95
C SER A 48 11.40 8.44 -1.57
N HIS A 49 10.73 7.94 -0.54
CA HIS A 49 11.23 8.07 0.83
C HIS A 49 11.92 6.78 1.28
N ASN A 50 12.22 5.89 0.33
CA ASN A 50 12.88 4.63 0.65
C ASN A 50 12.11 3.87 1.73
N ILE A 51 10.80 3.74 1.53
CA ILE A 51 9.95 3.04 2.48
C ILE A 51 9.72 1.60 2.05
N PRO A 52 10.42 0.62 2.65
CA PRO A 52 10.26 -0.79 2.31
C PRO A 52 8.81 -1.23 2.37
N VAL A 53 8.22 -1.46 1.20
CA VAL A 53 6.83 -1.88 1.11
C VAL A 53 6.56 -2.54 -0.24
N GLU A 54 5.47 -3.31 -0.32
CA GLU A 54 5.09 -3.97 -1.56
C GLU A 54 3.68 -3.57 -1.98
N LEU A 55 3.56 -2.95 -3.16
CA LEU A 55 2.25 -2.53 -3.65
C LEU A 55 1.57 -3.65 -4.40
N ILE A 56 0.48 -4.14 -3.83
CA ILE A 56 -0.30 -5.21 -4.42
C ILE A 56 -1.57 -4.69 -5.06
N GLN A 57 -2.07 -5.38 -6.07
CA GLN A 57 -3.30 -4.98 -6.76
C GLN A 57 -4.29 -6.15 -6.77
N CYS A 58 -5.53 -5.88 -6.38
CA CYS A 58 -6.57 -6.90 -6.33
C CYS A 58 -7.95 -6.29 -6.49
N ARG A 59 -8.97 -7.12 -6.70
CA ARG A 59 -10.33 -6.62 -6.88
C ARG A 59 -10.95 -6.22 -5.53
N VAL A 60 -12.27 -6.08 -5.54
CA VAL A 60 -13.02 -5.71 -4.34
C VAL A 60 -13.31 -6.93 -3.47
N ASN A 61 -13.12 -8.12 -4.03
CA ASN A 61 -13.37 -9.36 -3.29
C ASN A 61 -12.24 -10.36 -3.53
N GLU A 62 -11.07 -10.07 -2.98
CA GLU A 62 -9.91 -10.93 -3.12
C GLU A 62 -8.89 -10.66 -2.01
N ILE A 63 -8.77 -9.39 -1.61
CA ILE A 63 -7.83 -9.01 -0.57
C ILE A 63 -8.09 -9.77 0.72
N GLU A 64 -9.33 -10.19 0.92
CA GLU A 64 -9.71 -10.92 2.11
C GLU A 64 -9.14 -12.33 2.10
N THR A 65 -9.10 -12.94 0.91
CA THR A 65 -8.60 -14.31 0.78
C THR A 65 -7.07 -14.32 0.76
N TYR A 66 -6.46 -13.39 0.03
CA TYR A 66 -5.01 -13.31 -0.04
C TYR A 66 -4.45 -12.39 1.04
N MET A 67 -5.28 -12.04 2.02
CA MET A 67 -4.86 -11.17 3.12
C MET A 67 -3.87 -11.88 4.04
N ASP A 68 -2.79 -12.40 3.46
CA ASP A 68 -1.77 -13.10 4.23
C ASP A 68 -1.01 -12.13 5.14
N GLY A 69 -0.65 -10.98 4.59
CA GLY A 69 0.07 -9.99 5.37
C GLY A 69 0.04 -8.61 4.74
N VAL A 70 -1.07 -7.92 4.90
CA VAL A 70 -1.23 -6.58 4.33
C VAL A 70 -1.13 -5.52 5.43
N HIS A 71 -0.26 -4.53 5.22
CA HIS A 71 -0.05 -3.46 6.18
C HIS A 71 -1.07 -2.34 5.98
N LEU A 72 -1.59 -2.23 4.75
CA LEU A 72 -2.57 -1.20 4.43
C LEU A 72 -3.41 -1.60 3.21
N ILE A 73 -4.68 -1.18 3.22
CA ILE A 73 -5.59 -1.50 2.13
C ILE A 73 -6.21 -0.23 1.54
N CYS A 74 -6.33 -0.19 0.22
CA CYS A 74 -6.92 0.98 -0.44
C CYS A 74 -8.07 0.55 -1.34
N THR A 75 -9.30 0.80 -0.88
CA THR A 75 -10.49 0.44 -1.64
C THR A 75 -11.56 1.51 -1.50
N THR A 76 -12.37 1.67 -2.55
CA THR A 76 -13.45 2.65 -2.55
C THR A 76 -14.72 2.03 -1.97
N ALA A 77 -14.75 1.83 -0.66
CA ALA A 77 -15.90 1.24 0.01
C ALA A 77 -15.69 1.15 1.52
N ARG A 78 -14.44 1.02 1.94
CA ARG A 78 -14.11 0.92 3.36
C ARG A 78 -15.02 -0.06 4.08
N VAL A 79 -15.30 -1.18 3.42
CA VAL A 79 -16.16 -2.21 3.99
C VAL A 79 -15.51 -2.84 5.21
N ASP A 80 -15.34 -2.05 6.27
CA ASP A 80 -14.72 -2.52 7.50
C ASP A 80 -15.77 -2.84 8.55
N ARG A 81 -16.96 -2.28 8.39
CA ARG A 81 -18.06 -2.50 9.33
C ARG A 81 -18.35 -3.99 9.48
N SER A 82 -18.20 -4.74 8.38
CA SER A 82 -18.44 -6.17 8.39
C SER A 82 -17.15 -6.96 8.16
N PHE A 83 -16.03 -6.25 8.10
CA PHE A 83 -14.73 -6.89 7.88
C PHE A 83 -14.05 -7.19 9.21
N GLY A 84 -13.99 -6.18 10.08
CA GLY A 84 -13.36 -6.34 11.37
C GLY A 84 -12.53 -5.14 11.77
N ASP A 85 -11.33 -5.04 11.19
CA ASP A 85 -10.44 -3.92 11.48
C ASP A 85 -9.48 -3.69 10.32
N ILE A 86 -9.85 -4.19 9.14
CA ILE A 86 -9.03 -4.04 7.95
C ILE A 86 -8.61 -2.58 7.75
N PRO A 87 -7.33 -2.26 8.03
CA PRO A 87 -6.80 -0.89 7.89
C PRO A 87 -6.79 -0.37 6.46
N LEU A 88 -7.97 -0.15 5.88
CA LEU A 88 -8.06 0.34 4.52
C LEU A 88 -8.42 1.82 4.47
N VAL A 89 -8.18 2.44 3.32
CA VAL A 89 -8.48 3.85 3.11
C VAL A 89 -9.07 4.08 1.73
N HIS A 90 -9.83 5.17 1.61
CA HIS A 90 -10.47 5.53 0.34
C HIS A 90 -9.50 6.27 -0.58
N GLY A 91 -9.67 6.08 -1.88
CA GLY A 91 -8.82 6.75 -2.84
C GLY A 91 -9.61 7.65 -3.78
N MET A 92 -10.77 8.09 -3.33
CA MET A 92 -11.63 8.96 -4.13
C MET A 92 -10.82 10.13 -4.71
N PRO A 93 -10.06 10.83 -3.85
CA PRO A 93 -9.26 11.98 -4.28
C PRO A 93 -8.01 11.58 -5.05
N PHE A 94 -7.50 10.36 -4.79
CA PHE A 94 -6.32 9.88 -5.49
C PHE A 94 -6.63 9.64 -6.96
N VAL A 95 -7.84 9.15 -7.23
CA VAL A 95 -8.27 8.87 -8.59
C VAL A 95 -8.62 10.16 -9.33
N SER A 96 -8.94 11.21 -8.57
CA SER A 96 -9.31 12.49 -9.17
C SER A 96 -8.14 13.08 -9.94
N GLY A 97 -6.94 12.92 -9.41
CA GLY A 97 -5.76 13.45 -10.07
C GLY A 97 -5.53 14.93 -9.77
N VAL A 98 -6.48 15.55 -9.08
CA VAL A 98 -6.37 16.96 -8.74
C VAL A 98 -6.41 17.19 -7.23
N GLY A 99 -7.10 16.29 -6.53
CA GLY A 99 -7.21 16.41 -5.09
C GLY A 99 -6.06 15.76 -4.34
N ILE A 100 -5.14 15.14 -5.09
CA ILE A 100 -3.98 14.49 -4.47
C ILE A 100 -3.08 15.50 -3.78
N GLU A 101 -2.91 16.67 -4.38
CA GLU A 101 -2.07 17.71 -3.81
C GLU A 101 -2.38 17.93 -2.33
N ALA A 102 -3.64 18.20 -2.03
CA ALA A 102 -4.07 18.43 -0.65
C ALA A 102 -4.06 17.12 0.15
N LEU A 103 -4.59 16.06 -0.46
CA LEU A 103 -4.65 14.76 0.20
C LEU A 103 -3.27 14.26 0.57
N GLN A 104 -2.29 14.49 -0.31
CA GLN A 104 -0.93 14.05 -0.07
C GLN A 104 -0.47 14.40 1.34
N ASN A 105 -0.65 15.65 1.72
CA ASN A 105 -0.26 16.10 3.05
C ASN A 105 -0.90 15.23 4.13
N LYS A 106 -2.20 15.01 4.02
CA LYS A 106 -2.93 14.19 4.99
C LYS A 106 -2.39 12.76 5.01
N ILE A 107 -2.23 12.17 3.83
CA ILE A 107 -1.72 10.80 3.73
C ILE A 107 -0.37 10.67 4.41
N LEU A 108 0.54 11.60 4.12
CA LEU A 108 1.87 11.59 4.71
C LEU A 108 1.79 11.56 6.23
N THR A 109 0.98 12.46 6.79
CA THR A 109 0.81 12.55 8.24
C THR A 109 0.49 11.18 8.85
N ILE A 110 -0.41 10.44 8.19
CA ILE A 110 -0.80 9.12 8.67
C ILE A 110 0.37 8.15 8.59
N LEU A 111 1.11 8.19 7.49
CA LEU A 111 2.25 7.29 7.31
C LEU A 111 3.36 7.62 8.30
N GLN A 112 3.48 8.90 8.64
CA GLN A 112 4.51 9.34 9.59
C GLN A 112 4.24 8.78 10.98
N GLY A 113 3.06 9.06 11.50
CA GLY A 113 2.69 8.58 12.83
C GLY A 113 2.76 9.67 13.87
N MET A 1 21.69 -24.54 -16.64
CA MET A 1 22.56 -25.60 -16.03
C MET A 1 21.76 -26.45 -15.04
N GLY A 2 20.48 -26.68 -15.34
CA GLY A 2 19.64 -27.47 -14.46
C GLY A 2 19.28 -26.74 -13.19
N SER A 3 20.00 -27.01 -12.11
CA SER A 3 19.75 -26.36 -10.83
C SER A 3 20.20 -24.91 -10.87
N SER A 4 19.28 -24.00 -10.55
CA SER A 4 19.58 -22.57 -10.56
C SER A 4 19.95 -22.10 -9.15
N HIS A 5 21.22 -22.25 -8.81
CA HIS A 5 21.71 -21.84 -7.49
C HIS A 5 21.66 -20.32 -7.35
N HIS A 6 22.30 -19.81 -6.29
CA HIS A 6 22.33 -18.38 -6.03
C HIS A 6 23.76 -17.86 -6.06
N HIS A 7 24.57 -18.38 -6.99
CA HIS A 7 25.96 -17.95 -7.13
C HIS A 7 26.05 -16.47 -7.48
N HIS A 8 27.28 -15.96 -7.56
CA HIS A 8 27.51 -14.56 -7.88
C HIS A 8 27.75 -14.37 -9.37
N HIS A 9 28.91 -14.84 -9.85
CA HIS A 9 29.27 -14.73 -11.25
C HIS A 9 29.31 -13.27 -11.70
N HIS A 10 28.16 -12.72 -12.07
CA HIS A 10 28.07 -11.33 -12.52
C HIS A 10 27.31 -10.47 -11.52
N HIS A 11 27.20 -9.19 -11.80
CA HIS A 11 26.49 -8.26 -10.92
C HIS A 11 25.04 -8.73 -10.70
N HIS A 12 24.40 -9.17 -11.78
CA HIS A 12 23.02 -9.65 -11.70
C HIS A 12 22.08 -8.51 -11.30
N GLU A 13 20.79 -8.81 -11.25
CA GLU A 13 19.78 -7.82 -10.88
C GLU A 13 19.68 -7.70 -9.36
N ASN A 14 20.74 -7.18 -8.74
CA ASN A 14 20.77 -7.02 -7.29
C ASN A 14 19.55 -6.24 -6.79
N LEU A 15 19.49 -4.95 -7.14
CA LEU A 15 18.38 -4.10 -6.74
C LEU A 15 18.31 -3.99 -5.21
N TYR A 16 18.12 -2.76 -4.73
CA TYR A 16 18.04 -2.52 -3.29
C TYR A 16 16.77 -3.14 -2.72
N PHE A 17 16.95 -4.02 -1.72
CA PHE A 17 15.82 -4.68 -1.09
C PHE A 17 16.29 -5.55 0.07
N GLN A 18 15.39 -5.82 1.02
CA GLN A 18 15.72 -6.64 2.16
C GLN A 18 14.95 -7.96 2.14
N GLY A 19 13.62 -7.86 2.11
CA GLY A 19 12.80 -9.05 2.08
C GLY A 19 11.31 -8.72 2.04
N SER A 20 10.83 -8.05 3.08
CA SER A 20 9.43 -7.67 3.16
C SER A 20 9.15 -6.84 4.41
N LYS A 21 8.32 -5.82 4.26
CA LYS A 21 7.98 -4.94 5.38
C LYS A 21 6.47 -4.74 5.47
N ARG A 22 5.91 -3.96 4.55
CA ARG A 22 4.49 -3.70 4.54
C ARG A 22 3.85 -4.17 3.25
N LYS A 23 2.59 -4.60 3.32
CA LYS A 23 1.87 -5.08 2.15
C LYS A 23 0.55 -4.32 1.99
N ILE A 24 0.51 -3.40 1.00
CA ILE A 24 -0.68 -2.61 0.75
C ILE A 24 -1.45 -3.14 -0.45
N ILE A 25 -2.77 -2.97 -0.47
CA ILE A 25 -3.58 -3.42 -1.60
C ILE A 25 -4.38 -2.26 -2.18
N VAL A 26 -4.55 -2.26 -3.50
CA VAL A 26 -5.32 -1.21 -4.17
C VAL A 26 -6.47 -1.81 -4.95
N ALA A 27 -7.70 -1.46 -4.56
CA ALA A 27 -8.87 -2.00 -5.24
C ALA A 27 -9.66 -0.90 -5.96
N CYS A 28 -9.85 -1.09 -7.27
CA CYS A 28 -10.56 -0.12 -8.08
C CYS A 28 -11.32 -0.80 -9.23
N GLY A 29 -12.03 0.00 -10.01
CA GLY A 29 -12.79 -0.53 -11.13
C GLY A 29 -11.93 -0.83 -12.34
N GLY A 30 -11.41 -2.05 -12.42
CA GLY A 30 -10.58 -2.44 -13.54
C GLY A 30 -9.27 -1.68 -13.57
N ALA A 31 -8.92 -1.16 -14.74
CA ALA A 31 -7.69 -0.41 -14.90
C ALA A 31 -7.62 0.27 -16.26
N VAL A 32 -7.83 1.58 -16.27
CA VAL A 32 -7.80 2.35 -17.51
C VAL A 32 -6.94 3.59 -17.35
N ALA A 33 -7.41 4.55 -16.55
CA ALA A 33 -6.68 5.79 -16.32
C ALA A 33 -6.80 6.25 -14.86
N THR A 34 -6.56 5.34 -13.94
CA THR A 34 -6.64 5.64 -12.52
C THR A 34 -5.84 4.65 -11.68
N SER A 35 -5.88 3.38 -12.08
CA SER A 35 -5.17 2.34 -11.36
C SER A 35 -3.65 2.53 -11.44
N THR A 36 -3.16 2.81 -12.65
CA THR A 36 -1.72 3.02 -12.84
C THR A 36 -1.31 4.37 -12.27
N MET A 37 -2.22 5.35 -12.35
CA MET A 37 -1.94 6.69 -11.83
C MET A 37 -1.66 6.62 -10.34
N ALA A 38 -2.59 6.03 -9.59
CA ALA A 38 -2.43 5.89 -8.15
C ALA A 38 -1.20 5.05 -7.84
N ALA A 39 -1.17 3.84 -8.39
CA ALA A 39 -0.06 2.92 -8.20
C ALA A 39 1.29 3.64 -8.31
N GLU A 40 1.50 4.34 -9.42
CA GLU A 40 2.75 5.07 -9.64
C GLU A 40 2.95 6.12 -8.56
N GLU A 41 1.87 6.76 -8.14
CA GLU A 41 1.93 7.79 -7.11
C GLU A 41 2.29 7.20 -5.75
N ILE A 42 1.58 6.15 -5.36
CA ILE A 42 1.83 5.50 -4.08
C ILE A 42 3.22 4.86 -4.05
N LYS A 43 3.65 4.33 -5.20
CA LYS A 43 4.94 3.69 -5.31
C LYS A 43 6.07 4.71 -5.30
N GLU A 44 5.97 5.70 -6.18
CA GLU A 44 6.98 6.76 -6.27
C GLU A 44 7.26 7.37 -4.91
N LEU A 45 6.22 7.47 -4.09
CA LEU A 45 6.34 8.04 -2.75
C LEU A 45 7.04 7.07 -1.81
N CYS A 46 6.63 5.81 -1.85
CA CYS A 46 7.22 4.78 -1.00
C CYS A 46 8.75 4.78 -1.12
N GLN A 47 9.24 4.90 -2.35
CA GLN A 47 10.67 4.91 -2.60
C GLN A 47 11.27 6.27 -2.24
N SER A 48 10.46 7.32 -2.34
CA SER A 48 10.91 8.67 -2.03
C SER A 48 11.50 8.74 -0.62
N HIS A 49 10.79 8.14 0.33
CA HIS A 49 11.24 8.12 1.72
C HIS A 49 11.96 6.82 2.07
N ASN A 50 12.23 5.99 1.05
CA ASN A 50 12.92 4.73 1.26
C ASN A 50 12.17 3.85 2.27
N ILE A 51 10.90 3.55 1.97
CA ILE A 51 10.09 2.72 2.85
C ILE A 51 9.74 1.40 2.17
N PRO A 52 10.42 0.30 2.55
CA PRO A 52 10.17 -1.03 1.97
C PRO A 52 8.70 -1.41 2.03
N VAL A 53 8.05 -1.48 0.86
CA VAL A 53 6.64 -1.86 0.77
C VAL A 53 6.33 -2.55 -0.56
N GLU A 54 5.20 -3.26 -0.62
CA GLU A 54 4.79 -3.95 -1.83
C GLU A 54 3.38 -3.49 -2.25
N LEU A 55 3.31 -2.82 -3.40
CA LEU A 55 2.03 -2.32 -3.90
C LEU A 55 1.30 -3.38 -4.73
N ILE A 56 0.20 -3.90 -4.20
CA ILE A 56 -0.56 -4.92 -4.90
C ILE A 56 -1.95 -4.40 -5.27
N GLN A 57 -2.51 -4.89 -6.37
CA GLN A 57 -3.83 -4.47 -6.81
C GLN A 57 -4.83 -5.59 -6.61
N CYS A 58 -6.09 -5.23 -6.35
CA CYS A 58 -7.14 -6.21 -6.12
C CYS A 58 -8.51 -5.60 -6.39
N ARG A 59 -9.54 -6.45 -6.45
CA ARG A 59 -10.90 -5.98 -6.70
C ARG A 59 -11.58 -5.61 -5.38
N VAL A 60 -12.90 -5.43 -5.42
CA VAL A 60 -13.67 -5.07 -4.24
C VAL A 60 -13.83 -6.25 -3.27
N ASN A 61 -13.55 -7.46 -3.75
CA ASN A 61 -13.67 -8.66 -2.91
C ASN A 61 -12.48 -9.60 -3.11
N GLU A 62 -11.29 -9.11 -2.78
CA GLU A 62 -10.08 -9.92 -2.93
C GLU A 62 -9.17 -9.77 -1.71
N ILE A 63 -9.11 -8.56 -1.15
CA ILE A 63 -8.27 -8.32 0.02
C ILE A 63 -8.61 -9.30 1.14
N GLU A 64 -9.88 -9.61 1.27
CA GLU A 64 -10.34 -10.53 2.30
C GLU A 64 -9.79 -11.94 2.05
N THR A 65 -9.78 -12.34 0.79
CA THR A 65 -9.28 -13.66 0.42
C THR A 65 -7.76 -13.68 0.39
N TYR A 66 -7.15 -12.63 -0.17
CA TYR A 66 -5.71 -12.52 -0.26
C TYR A 66 -5.11 -11.87 0.98
N MET A 67 -5.90 -11.78 2.04
CA MET A 67 -5.45 -11.18 3.29
C MET A 67 -4.34 -11.99 3.97
N ASP A 68 -3.34 -12.38 3.19
CA ASP A 68 -2.23 -13.17 3.70
C ASP A 68 -1.41 -12.39 4.74
N GLY A 69 -1.06 -11.15 4.41
CA GLY A 69 -0.28 -10.34 5.33
C GLY A 69 -0.20 -8.89 4.90
N VAL A 70 -1.36 -8.25 4.73
CA VAL A 70 -1.39 -6.84 4.32
C VAL A 70 -1.29 -5.90 5.51
N HIS A 71 -0.40 -4.94 5.40
CA HIS A 71 -0.19 -3.96 6.45
C HIS A 71 -1.16 -2.79 6.29
N LEU A 72 -1.59 -2.53 5.05
CA LEU A 72 -2.53 -1.44 4.77
C LEU A 72 -3.37 -1.74 3.53
N ILE A 73 -4.57 -1.18 3.48
CA ILE A 73 -5.46 -1.40 2.34
C ILE A 73 -6.19 -0.13 1.93
N CYS A 74 -6.44 0.00 0.62
CA CYS A 74 -7.14 1.16 0.09
C CYS A 74 -8.32 0.72 -0.78
N THR A 75 -9.53 0.87 -0.24
CA THR A 75 -10.74 0.51 -0.97
C THR A 75 -11.74 1.66 -0.95
N THR A 76 -12.42 1.87 -2.07
CA THR A 76 -13.41 2.94 -2.18
C THR A 76 -14.71 2.57 -1.47
N ALA A 77 -14.66 2.56 -0.14
CA ALA A 77 -15.82 2.22 0.67
C ALA A 77 -16.49 0.95 0.18
N ARG A 78 -16.14 -0.18 0.79
CA ARG A 78 -16.71 -1.46 0.41
C ARG A 78 -17.43 -2.12 1.59
N VAL A 79 -16.80 -2.09 2.76
CA VAL A 79 -17.38 -2.69 3.96
C VAL A 79 -18.22 -1.68 4.73
N ASP A 80 -18.68 -2.06 5.92
CA ASP A 80 -19.48 -1.15 6.75
C ASP A 80 -18.66 -0.57 7.89
N ARG A 81 -17.61 -1.29 8.28
CA ARG A 81 -16.75 -0.86 9.38
C ARG A 81 -15.36 -1.48 9.29
N SER A 82 -15.17 -2.63 9.93
CA SER A 82 -13.89 -3.31 9.92
C SER A 82 -14.06 -4.78 10.29
N PHE A 83 -13.97 -5.65 9.29
CA PHE A 83 -14.13 -7.09 9.51
C PHE A 83 -12.93 -7.67 10.26
N GLY A 84 -12.45 -6.98 11.28
CA GLY A 84 -11.31 -7.44 12.05
C GLY A 84 -10.37 -6.31 12.42
N ASP A 85 -9.20 -6.24 11.78
CA ASP A 85 -8.25 -5.19 12.06
C ASP A 85 -7.64 -4.68 10.77
N ILE A 86 -8.35 -4.89 9.67
CA ILE A 86 -7.88 -4.46 8.36
C ILE A 86 -7.85 -2.94 8.23
N PRO A 87 -6.66 -2.35 8.38
CA PRO A 87 -6.48 -0.90 8.26
C PRO A 87 -6.68 -0.43 6.83
N LEU A 88 -7.93 -0.19 6.43
CA LEU A 88 -8.22 0.26 5.09
C LEU A 88 -8.69 1.71 5.10
N VAL A 89 -8.56 2.38 3.96
CA VAL A 89 -8.98 3.77 3.85
C VAL A 89 -9.65 4.02 2.50
N HIS A 90 -10.50 5.05 2.46
CA HIS A 90 -11.22 5.41 1.25
C HIS A 90 -10.35 6.29 0.34
N GLY A 91 -10.58 6.22 -0.96
CA GLY A 91 -9.82 7.02 -1.90
C GLY A 91 -10.70 7.79 -2.86
N MET A 92 -11.88 8.19 -2.40
CA MET A 92 -12.82 8.94 -3.23
C MET A 92 -12.14 10.16 -3.87
N PRO A 93 -11.42 10.96 -3.07
CA PRO A 93 -10.74 12.16 -3.59
C PRO A 93 -9.49 11.82 -4.40
N PHE A 94 -8.89 10.66 -4.10
CA PHE A 94 -7.70 10.23 -4.82
C PHE A 94 -8.00 9.98 -6.29
N VAL A 95 -9.20 9.47 -6.56
CA VAL A 95 -9.60 9.18 -7.93
C VAL A 95 -9.91 10.47 -8.70
N SER A 96 -10.21 11.55 -7.96
CA SER A 96 -10.51 12.83 -8.58
C SER A 96 -9.38 13.30 -9.48
N GLY A 97 -8.15 13.01 -9.08
CA GLY A 97 -6.99 13.42 -9.87
C GLY A 97 -6.69 14.90 -9.76
N VAL A 98 -7.50 15.61 -9.00
CA VAL A 98 -7.32 17.05 -8.82
C VAL A 98 -6.70 17.37 -7.46
N GLY A 99 -7.17 16.68 -6.42
CA GLY A 99 -6.66 16.91 -5.09
C GLY A 99 -5.65 15.85 -4.66
N ILE A 100 -4.96 15.28 -5.63
CA ILE A 100 -3.96 14.24 -5.35
C ILE A 100 -2.79 14.81 -4.57
N GLU A 101 -2.29 15.95 -5.03
CA GLU A 101 -1.16 16.60 -4.38
C GLU A 101 -1.43 16.81 -2.90
N ALA A 102 -2.62 17.33 -2.58
CA ALA A 102 -3.00 17.58 -1.20
C ALA A 102 -3.30 16.27 -0.47
N LEU A 103 -4.03 15.38 -1.13
CA LEU A 103 -4.38 14.09 -0.55
C LEU A 103 -3.12 13.31 -0.20
N GLN A 104 -2.23 13.14 -1.19
CA GLN A 104 -0.98 12.42 -1.00
C GLN A 104 -0.26 12.90 0.26
N ASN A 105 -0.15 14.22 0.41
CA ASN A 105 0.52 14.82 1.56
C ASN A 105 0.00 14.23 2.86
N LYS A 106 -1.29 13.92 2.89
CA LYS A 106 -1.90 13.35 4.09
C LYS A 106 -1.51 11.89 4.23
N ILE A 107 -1.49 11.18 3.11
CA ILE A 107 -1.12 9.76 3.12
C ILE A 107 0.27 9.57 3.74
N LEU A 108 1.24 10.33 3.26
CA LEU A 108 2.60 10.23 3.79
C LEU A 108 2.67 10.64 5.25
N THR A 109 1.93 11.69 5.61
CA THR A 109 1.92 12.16 7.00
C THR A 109 1.46 11.07 7.95
N ILE A 110 0.44 10.33 7.55
CA ILE A 110 -0.10 9.26 8.39
C ILE A 110 0.92 8.12 8.55
N LEU A 111 1.48 7.68 7.44
CA LEU A 111 2.45 6.58 7.47
C LEU A 111 3.78 7.01 8.12
N GLN A 112 4.02 8.32 8.18
CA GLN A 112 5.25 8.82 8.80
C GLN A 112 5.03 9.13 10.27
N GLY A 113 3.78 9.36 10.66
CA GLY A 113 3.46 9.65 12.04
C GLY A 113 3.43 11.15 12.32
N MET A 1 44.23 -12.27 -8.59
CA MET A 1 42.98 -12.15 -7.80
C MET A 1 42.48 -10.71 -7.76
N GLY A 2 41.17 -10.54 -7.61
CA GLY A 2 40.59 -9.21 -7.56
C GLY A 2 39.65 -9.03 -6.38
N SER A 3 39.74 -7.88 -5.73
CA SER A 3 38.90 -7.58 -4.59
C SER A 3 37.75 -6.64 -4.98
N SER A 4 36.55 -6.97 -4.54
CA SER A 4 35.38 -6.16 -4.83
C SER A 4 34.89 -5.42 -3.60
N HIS A 5 34.37 -6.17 -2.63
CA HIS A 5 33.87 -5.59 -1.39
C HIS A 5 32.76 -4.59 -1.67
N HIS A 6 31.54 -5.09 -1.88
CA HIS A 6 30.39 -4.24 -2.16
C HIS A 6 29.10 -5.03 -2.09
N HIS A 7 28.24 -4.67 -1.14
CA HIS A 7 26.96 -5.34 -0.95
C HIS A 7 25.82 -4.51 -1.53
N HIS A 8 26.08 -3.88 -2.68
CA HIS A 8 25.08 -3.06 -3.34
C HIS A 8 24.69 -3.65 -4.70
N HIS A 9 23.39 -3.59 -5.01
CA HIS A 9 22.89 -4.12 -6.26
C HIS A 9 21.41 -3.82 -6.43
N HIS A 10 20.70 -3.67 -5.31
CA HIS A 10 19.28 -3.39 -5.33
C HIS A 10 18.50 -4.49 -6.06
N HIS A 11 17.18 -4.35 -6.07
CA HIS A 11 16.32 -5.34 -6.72
C HIS A 11 15.74 -4.78 -8.00
N HIS A 12 14.89 -5.57 -8.67
CA HIS A 12 14.26 -5.15 -9.91
C HIS A 12 13.31 -6.24 -10.42
N GLU A 13 12.01 -5.92 -10.42
CA GLU A 13 11.00 -6.86 -10.89
C GLU A 13 10.95 -8.10 -9.99
N ASN A 14 10.93 -7.89 -8.69
CA ASN A 14 10.89 -8.99 -7.73
C ASN A 14 12.13 -9.86 -7.86
N LEU A 15 12.58 -10.42 -6.73
CA LEU A 15 13.76 -11.27 -6.73
C LEU A 15 13.56 -12.48 -5.82
N TYR A 16 14.10 -12.45 -4.60
CA TYR A 16 13.97 -13.56 -3.66
C TYR A 16 14.33 -13.10 -2.25
N PHE A 17 13.37 -12.47 -1.57
CA PHE A 17 13.58 -11.97 -0.21
C PHE A 17 14.57 -10.81 -0.21
N GLN A 18 14.12 -9.67 -0.72
CA GLN A 18 14.94 -8.47 -0.79
C GLN A 18 14.52 -7.45 0.26
N GLY A 19 13.39 -7.71 0.91
CA GLY A 19 12.88 -6.81 1.92
C GLY A 19 11.40 -7.02 2.19
N SER A 20 11.07 -7.27 3.45
CA SER A 20 9.68 -7.50 3.84
C SER A 20 9.33 -6.67 5.07
N LYS A 21 8.40 -5.73 4.90
CA LYS A 21 7.97 -4.86 5.99
C LYS A 21 6.46 -4.70 5.99
N ARG A 22 5.95 -3.78 5.16
CA ARG A 22 4.52 -3.55 5.08
C ARG A 22 4.00 -3.89 3.69
N LYS A 23 2.77 -4.38 3.62
CA LYS A 23 2.15 -4.75 2.34
C LYS A 23 0.76 -4.15 2.22
N ILE A 24 0.57 -3.29 1.21
CA ILE A 24 -0.72 -2.64 0.99
C ILE A 24 -1.45 -3.26 -0.20
N ILE A 25 -2.78 -3.14 -0.20
CA ILE A 25 -3.60 -3.70 -1.29
C ILE A 25 -4.45 -2.62 -1.94
N VAL A 26 -4.65 -2.73 -3.24
CA VAL A 26 -5.47 -1.76 -3.97
C VAL A 26 -6.55 -2.45 -4.78
N ALA A 27 -7.81 -2.13 -4.48
CA ALA A 27 -8.93 -2.74 -5.19
C ALA A 27 -9.73 -1.71 -5.97
N CYS A 28 -9.86 -1.93 -7.28
CA CYS A 28 -10.59 -1.02 -8.14
C CYS A 28 -11.32 -1.77 -9.26
N GLY A 29 -10.57 -2.25 -10.24
CA GLY A 29 -11.16 -2.97 -11.34
C GLY A 29 -11.95 -2.08 -12.26
N GLY A 30 -11.26 -1.18 -12.95
CA GLY A 30 -11.93 -0.25 -13.86
C GLY A 30 -11.08 0.07 -15.08
N ALA A 31 -10.84 1.37 -15.29
CA ALA A 31 -10.05 1.81 -16.42
C ALA A 31 -8.58 1.93 -16.05
N VAL A 32 -7.71 2.02 -17.06
CA VAL A 32 -6.28 2.14 -16.85
C VAL A 32 -5.91 3.54 -16.35
N ALA A 33 -6.88 4.46 -16.38
CA ALA A 33 -6.65 5.82 -15.93
C ALA A 33 -7.01 5.99 -14.46
N THR A 34 -6.95 4.89 -13.71
CA THR A 34 -7.27 4.91 -12.29
C THR A 34 -6.35 3.97 -11.51
N SER A 35 -6.44 2.68 -11.81
CA SER A 35 -5.61 1.68 -11.13
C SER A 35 -4.13 2.02 -11.28
N THR A 36 -3.70 2.26 -12.52
CA THR A 36 -2.32 2.60 -12.79
C THR A 36 -1.95 3.93 -12.14
N MET A 37 -2.84 4.91 -12.25
CA MET A 37 -2.61 6.23 -11.68
C MET A 37 -2.22 6.12 -10.21
N ALA A 38 -3.06 5.44 -9.43
CA ALA A 38 -2.79 5.26 -8.01
C ALA A 38 -1.52 4.44 -7.80
N ALA A 39 -1.48 3.26 -8.42
CA ALA A 39 -0.33 2.38 -8.31
C ALA A 39 0.98 3.14 -8.52
N GLU A 40 1.10 3.80 -9.66
CA GLU A 40 2.30 4.56 -9.98
C GLU A 40 2.54 5.65 -8.94
N GLU A 41 1.46 6.27 -8.46
CA GLU A 41 1.56 7.33 -7.48
C GLU A 41 2.09 6.78 -6.15
N ILE A 42 1.44 5.73 -5.64
CA ILE A 42 1.85 5.13 -4.38
C ILE A 42 3.26 4.55 -4.48
N LYS A 43 3.60 4.05 -5.66
CA LYS A 43 4.92 3.46 -5.88
C LYS A 43 6.02 4.51 -5.75
N GLU A 44 5.94 5.56 -6.56
CA GLU A 44 6.92 6.62 -6.54
C GLU A 44 7.09 7.19 -5.14
N LEU A 45 5.98 7.25 -4.40
CA LEU A 45 5.99 7.76 -3.03
C LEU A 45 6.80 6.84 -2.11
N CYS A 46 6.50 5.55 -2.16
CA CYS A 46 7.19 4.58 -1.34
C CYS A 46 8.70 4.66 -1.53
N GLN A 47 9.12 4.79 -2.80
CA GLN A 47 10.54 4.88 -3.12
C GLN A 47 11.11 6.25 -2.74
N SER A 48 10.39 7.31 -3.09
CA SER A 48 10.82 8.66 -2.78
C SER A 48 11.12 8.82 -1.29
N HIS A 49 10.23 8.28 -0.46
CA HIS A 49 10.40 8.36 0.99
C HIS A 49 11.26 7.21 1.52
N ASN A 50 11.56 6.24 0.66
CA ASN A 50 12.38 5.09 1.04
C ASN A 50 11.65 4.19 2.03
N ILE A 51 10.38 3.87 1.74
CA ILE A 51 9.58 3.01 2.60
C ILE A 51 9.33 1.65 1.96
N PRO A 52 10.23 0.68 2.18
CA PRO A 52 10.08 -0.66 1.62
C PRO A 52 8.71 -1.26 1.87
N VAL A 53 7.98 -1.56 0.79
CA VAL A 53 6.65 -2.14 0.89
C VAL A 53 6.26 -2.82 -0.42
N GLU A 54 5.17 -3.59 -0.39
CA GLU A 54 4.70 -4.28 -1.58
C GLU A 54 3.26 -3.90 -1.90
N LEU A 55 3.07 -3.22 -3.04
CA LEU A 55 1.76 -2.80 -3.46
C LEU A 55 1.09 -3.84 -4.36
N ILE A 56 0.04 -4.47 -3.84
CA ILE A 56 -0.68 -5.49 -4.58
C ILE A 56 -2.05 -4.98 -5.00
N GLN A 57 -2.56 -5.49 -6.11
CA GLN A 57 -3.87 -5.09 -6.62
C GLN A 57 -4.84 -6.27 -6.59
N CYS A 58 -6.12 -5.98 -6.39
CA CYS A 58 -7.13 -7.04 -6.33
C CYS A 58 -8.52 -6.46 -6.60
N ARG A 59 -9.51 -7.32 -6.82
CA ARG A 59 -10.88 -6.89 -7.08
C ARG A 59 -11.59 -6.55 -5.77
N VAL A 60 -12.91 -6.41 -5.84
CA VAL A 60 -13.71 -6.09 -4.65
C VAL A 60 -13.88 -7.31 -3.74
N ASN A 61 -13.49 -8.49 -4.24
CA ASN A 61 -13.61 -9.71 -3.45
C ASN A 61 -12.38 -10.60 -3.63
N GLU A 62 -11.23 -10.11 -3.15
CA GLU A 62 -9.99 -10.86 -3.26
C GLU A 62 -9.03 -10.50 -2.12
N ILE A 63 -9.03 -9.23 -1.72
CA ILE A 63 -8.16 -8.77 -0.64
C ILE A 63 -8.41 -9.57 0.64
N GLU A 64 -9.67 -9.83 0.93
CA GLU A 64 -10.05 -10.58 2.12
C GLU A 64 -9.39 -11.95 2.14
N THR A 65 -9.35 -12.60 0.97
CA THR A 65 -8.75 -13.92 0.85
C THR A 65 -7.23 -13.83 0.86
N TYR A 66 -6.71 -12.79 0.22
CA TYR A 66 -5.27 -12.57 0.16
C TYR A 66 -4.76 -11.78 1.37
N MET A 67 -5.62 -11.65 2.38
CA MET A 67 -5.26 -10.92 3.59
C MET A 67 -4.33 -11.74 4.48
N ASP A 68 -3.30 -12.33 3.89
CA ASP A 68 -2.35 -13.14 4.62
C ASP A 68 -1.38 -12.28 5.41
N GLY A 69 -0.90 -11.21 4.78
CA GLY A 69 0.04 -10.32 5.43
C GLY A 69 -0.04 -8.90 4.90
N VAL A 70 -1.19 -8.26 5.11
CA VAL A 70 -1.39 -6.89 4.65
C VAL A 70 -1.30 -5.91 5.80
N HIS A 71 -0.49 -4.86 5.61
CA HIS A 71 -0.33 -3.83 6.63
C HIS A 71 -1.27 -2.65 6.37
N LEU A 72 -1.74 -2.53 5.13
CA LEU A 72 -2.64 -1.45 4.76
C LEU A 72 -3.48 -1.82 3.53
N ILE A 73 -4.73 -1.38 3.50
CA ILE A 73 -5.61 -1.67 2.38
C ILE A 73 -6.22 -0.40 1.81
N CYS A 74 -6.31 -0.33 0.48
CA CYS A 74 -6.89 0.84 -0.17
C CYS A 74 -7.98 0.42 -1.16
N THR A 75 -9.23 0.66 -0.78
CA THR A 75 -10.37 0.30 -1.63
C THR A 75 -11.37 1.45 -1.71
N THR A 76 -12.01 1.59 -2.87
CA THR A 76 -13.00 2.63 -3.07
C THR A 76 -14.31 2.06 -3.57
N ALA A 77 -14.80 1.02 -2.89
CA ALA A 77 -16.04 0.36 -3.27
C ALA A 77 -17.14 0.63 -2.24
N ARG A 78 -16.83 1.39 -1.20
CA ARG A 78 -17.79 1.72 -0.15
C ARG A 78 -18.01 0.54 0.80
N VAL A 79 -16.93 0.14 1.48
CA VAL A 79 -16.99 -0.97 2.42
C VAL A 79 -17.48 -0.52 3.80
N ASP A 80 -17.46 -1.42 4.76
CA ASP A 80 -17.91 -1.11 6.12
C ASP A 80 -16.73 -0.79 7.04
N ARG A 81 -15.55 -1.27 6.68
CA ARG A 81 -14.35 -1.04 7.48
C ARG A 81 -14.62 -1.24 8.97
N SER A 82 -15.39 -2.26 9.30
CA SER A 82 -15.73 -2.56 10.68
C SER A 82 -15.50 -4.04 11.01
N PHE A 83 -14.94 -4.77 10.05
CA PHE A 83 -14.67 -6.19 10.25
C PHE A 83 -13.23 -6.42 10.69
N GLY A 84 -13.06 -6.92 11.91
CA GLY A 84 -11.73 -7.16 12.44
C GLY A 84 -10.97 -5.89 12.71
N ASP A 85 -9.83 -5.72 12.03
CA ASP A 85 -9.01 -4.54 12.19
C ASP A 85 -8.32 -4.18 10.89
N ILE A 86 -8.87 -4.66 9.78
CA ILE A 86 -8.31 -4.40 8.46
C ILE A 86 -8.08 -2.91 8.23
N PRO A 87 -6.82 -2.44 8.34
CA PRO A 87 -6.48 -1.03 8.15
C PRO A 87 -6.64 -0.60 6.69
N LEU A 88 -7.89 -0.51 6.23
CA LEU A 88 -8.17 -0.11 4.87
C LEU A 88 -8.56 1.36 4.79
N VAL A 89 -8.38 1.96 3.61
CA VAL A 89 -8.71 3.37 3.41
C VAL A 89 -9.34 3.61 2.04
N HIS A 90 -10.12 4.68 1.93
CA HIS A 90 -10.79 5.02 0.69
C HIS A 90 -9.98 6.04 -0.11
N GLY A 91 -10.15 6.02 -1.42
CA GLY A 91 -9.44 6.94 -2.29
C GLY A 91 -10.37 7.80 -3.11
N MET A 92 -11.49 8.21 -2.50
CA MET A 92 -12.47 9.04 -3.19
C MET A 92 -11.84 10.36 -3.66
N PRO A 93 -11.10 11.05 -2.78
CA PRO A 93 -10.45 12.33 -3.12
C PRO A 93 -9.23 12.14 -4.01
N PHE A 94 -8.57 11.00 -3.86
CA PHE A 94 -7.37 10.70 -4.65
C PHE A 94 -7.72 10.54 -6.13
N VAL A 95 -8.89 9.97 -6.40
CA VAL A 95 -9.33 9.76 -7.77
C VAL A 95 -9.84 11.05 -8.40
N SER A 96 -10.21 12.01 -7.55
CA SER A 96 -10.71 13.30 -8.03
C SER A 96 -9.62 14.04 -8.78
N GLY A 97 -8.40 13.97 -8.28
CA GLY A 97 -7.28 14.64 -8.92
C GLY A 97 -7.11 16.07 -8.44
N VAL A 98 -8.11 16.58 -7.73
CA VAL A 98 -8.06 17.95 -7.22
C VAL A 98 -7.59 17.98 -5.76
N GLY A 99 -7.47 16.81 -5.15
CA GLY A 99 -7.03 16.72 -3.77
C GLY A 99 -5.88 15.75 -3.60
N ILE A 100 -5.18 15.44 -4.69
CA ILE A 100 -4.05 14.52 -4.67
C ILE A 100 -2.95 15.05 -3.75
N GLU A 101 -2.57 16.30 -3.97
CA GLU A 101 -1.53 16.95 -3.18
C GLU A 101 -1.87 16.94 -1.69
N ALA A 102 -3.04 17.45 -1.36
CA ALA A 102 -3.48 17.51 0.03
C ALA A 102 -3.55 16.13 0.65
N LEU A 103 -4.08 15.15 -0.10
CA LEU A 103 -4.18 13.79 0.39
C LEU A 103 -2.82 13.11 0.40
N GLN A 104 -1.98 13.44 -0.58
CA GLN A 104 -0.66 12.88 -0.68
C GLN A 104 0.20 13.30 0.51
N ASN A 105 0.30 14.60 0.72
CA ASN A 105 1.10 15.12 1.83
C ASN A 105 0.56 14.61 3.17
N LYS A 106 -0.75 14.41 3.25
CA LYS A 106 -1.37 13.94 4.47
C LYS A 106 -1.06 12.46 4.69
N ILE A 107 -1.11 11.67 3.63
CA ILE A 107 -0.83 10.24 3.73
C ILE A 107 0.62 9.98 4.12
N LEU A 108 1.54 10.79 3.59
CA LEU A 108 2.96 10.62 3.90
C LEU A 108 3.27 11.10 5.31
N THR A 109 2.71 12.23 5.70
CA THR A 109 2.94 12.78 7.03
C THR A 109 2.48 11.80 8.11
N ILE A 110 1.31 11.20 7.92
CA ILE A 110 0.78 10.25 8.88
C ILE A 110 1.60 8.96 8.90
N LEU A 111 1.98 8.48 7.73
CA LEU A 111 2.76 7.26 7.63
C LEU A 111 4.12 7.42 8.30
N GLN A 112 4.76 8.56 8.08
CA GLN A 112 6.06 8.84 8.67
C GLN A 112 5.92 9.31 10.12
N GLY A 113 4.72 9.76 10.49
CA GLY A 113 4.48 10.23 11.84
C GLY A 113 3.06 10.01 12.29
N MET A 1 10.26 -20.82 42.22
CA MET A 1 11.26 -19.72 42.39
C MET A 1 11.39 -18.89 41.12
N GLY A 2 11.46 -19.57 39.97
CA GLY A 2 11.58 -18.87 38.70
C GLY A 2 13.02 -18.82 38.22
N SER A 3 13.42 -17.67 37.70
CA SER A 3 14.77 -17.47 37.19
C SER A 3 15.37 -16.18 37.71
N SER A 4 14.60 -15.10 37.66
CA SER A 4 15.05 -13.79 38.13
C SER A 4 13.98 -12.73 37.93
N HIS A 5 14.33 -11.47 38.22
CA HIS A 5 13.39 -10.35 38.08
C HIS A 5 14.10 -9.02 38.29
N HIS A 6 13.56 -7.96 37.70
CA HIS A 6 14.14 -6.63 37.82
C HIS A 6 15.52 -6.59 37.19
N HIS A 7 15.63 -7.15 35.99
CA HIS A 7 16.89 -7.19 35.27
C HIS A 7 16.75 -6.56 33.89
N HIS A 8 15.69 -6.94 33.18
CA HIS A 8 15.44 -6.41 31.85
C HIS A 8 14.12 -6.92 31.29
N HIS A 9 13.32 -6.01 30.76
CA HIS A 9 12.02 -6.37 30.19
C HIS A 9 12.07 -6.34 28.66
N HIS A 10 11.66 -7.45 28.04
CA HIS A 10 11.66 -7.55 26.58
C HIS A 10 13.07 -7.36 26.02
N HIS A 11 13.63 -8.44 25.48
CA HIS A 11 14.96 -8.39 24.90
C HIS A 11 14.94 -7.63 23.57
N HIS A 12 14.47 -8.29 22.53
CA HIS A 12 14.40 -7.67 21.20
C HIS A 12 13.66 -8.58 20.22
N GLU A 13 12.81 -9.46 20.73
CA GLU A 13 12.05 -10.38 19.89
C GLU A 13 12.99 -11.31 19.10
N ASN A 14 12.40 -12.12 18.23
CA ASN A 14 13.18 -13.05 17.42
C ASN A 14 13.52 -12.44 16.06
N LEU A 15 12.61 -11.64 15.53
CA LEU A 15 12.82 -10.99 14.24
C LEU A 15 13.69 -9.76 14.38
N TYR A 16 14.87 -9.81 13.77
CA TYR A 16 15.81 -8.69 13.84
C TYR A 16 16.14 -8.18 12.44
N PHE A 17 15.20 -7.43 11.85
CA PHE A 17 15.38 -6.88 10.51
C PHE A 17 15.59 -8.00 9.49
N GLN A 18 14.51 -8.39 8.82
CA GLN A 18 14.57 -9.44 7.81
C GLN A 18 14.26 -8.89 6.42
N GLY A 19 13.02 -8.45 6.24
CA GLY A 19 12.60 -7.91 4.97
C GLY A 19 11.13 -7.58 4.93
N SER A 20 10.75 -6.65 4.06
CA SER A 20 9.36 -6.23 3.94
C SER A 20 8.93 -5.41 5.15
N LYS A 21 7.73 -4.83 5.06
CA LYS A 21 7.20 -4.02 6.14
C LYS A 21 5.68 -3.91 6.03
N ARG A 22 5.22 -3.00 5.18
CA ARG A 22 3.80 -2.78 4.99
C ARG A 22 3.36 -3.17 3.58
N LYS A 23 2.14 -3.67 3.46
CA LYS A 23 1.61 -4.10 2.16
C LYS A 23 0.20 -3.55 1.95
N ILE A 24 0.08 -2.63 1.00
CA ILE A 24 -1.21 -2.00 0.69
C ILE A 24 -1.91 -2.68 -0.48
N ILE A 25 -3.24 -2.60 -0.51
CA ILE A 25 -4.01 -3.18 -1.60
C ILE A 25 -4.91 -2.13 -2.25
N VAL A 26 -5.08 -2.23 -3.55
CA VAL A 26 -5.95 -1.29 -4.27
C VAL A 26 -7.01 -2.05 -5.05
N ALA A 27 -8.27 -1.85 -4.68
CA ALA A 27 -9.38 -2.52 -5.35
C ALA A 27 -10.33 -1.54 -5.99
N CYS A 28 -10.54 -1.71 -7.29
CA CYS A 28 -11.45 -0.84 -8.04
C CYS A 28 -12.31 -1.64 -9.00
N GLY A 29 -13.47 -1.08 -9.34
CA GLY A 29 -14.37 -1.76 -10.25
C GLY A 29 -13.75 -2.01 -11.60
N GLY A 30 -13.33 -0.94 -12.27
CA GLY A 30 -12.71 -1.08 -13.58
C GLY A 30 -11.19 -1.17 -13.51
N ALA A 31 -10.56 -1.22 -14.67
CA ALA A 31 -9.10 -1.29 -14.73
C ALA A 31 -8.55 -0.49 -15.90
N VAL A 32 -8.45 0.82 -15.71
CA VAL A 32 -7.93 1.71 -16.74
C VAL A 32 -7.65 3.10 -16.18
N ALA A 33 -6.63 3.76 -16.73
CA ALA A 33 -6.25 5.10 -16.27
C ALA A 33 -6.38 5.24 -14.76
N THR A 34 -6.09 4.15 -14.06
CA THR A 34 -6.17 4.13 -12.60
C THR A 34 -5.05 3.30 -12.00
N SER A 35 -4.80 2.14 -12.61
CA SER A 35 -3.74 1.24 -12.15
C SER A 35 -2.38 1.90 -12.32
N THR A 36 -2.07 2.30 -13.54
CA THR A 36 -0.78 2.93 -13.83
C THR A 36 -0.61 4.20 -13.02
N MET A 37 -1.64 5.06 -13.01
CA MET A 37 -1.58 6.30 -12.27
C MET A 37 -1.31 6.04 -10.79
N ALA A 38 -2.14 5.21 -10.17
CA ALA A 38 -1.98 4.88 -8.77
C ALA A 38 -0.67 4.12 -8.51
N ALA A 39 -0.52 2.98 -9.18
CA ALA A 39 0.69 2.17 -9.03
C ALA A 39 1.95 3.02 -9.14
N GLU A 40 2.05 3.79 -10.22
CA GLU A 40 3.21 4.65 -10.44
C GLU A 40 3.29 5.75 -9.38
N GLU A 41 2.13 6.30 -9.00
CA GLU A 41 2.10 7.36 -8.00
C GLU A 41 2.59 6.84 -6.65
N ILE A 42 1.99 5.76 -6.17
CA ILE A 42 2.37 5.18 -4.90
C ILE A 42 3.82 4.70 -4.92
N LYS A 43 4.28 4.29 -6.11
CA LYS A 43 5.64 3.81 -6.27
C LYS A 43 6.63 4.96 -6.14
N GLU A 44 6.44 6.00 -6.95
CA GLU A 44 7.33 7.16 -6.92
C GLU A 44 7.50 7.69 -5.50
N LEU A 45 6.43 7.61 -4.71
CA LEU A 45 6.46 8.06 -3.34
C LEU A 45 7.39 7.22 -2.49
N CYS A 46 7.24 5.90 -2.61
CA CYS A 46 8.07 4.97 -1.87
C CYS A 46 9.55 5.25 -2.08
N GLN A 47 9.92 5.55 -3.31
CA GLN A 47 11.31 5.84 -3.65
C GLN A 47 11.72 7.22 -3.15
N SER A 48 10.76 8.13 -3.07
CA SER A 48 11.03 9.49 -2.60
C SER A 48 11.62 9.47 -1.19
N HIS A 49 11.02 8.67 -0.31
CA HIS A 49 11.49 8.57 1.07
C HIS A 49 12.19 7.24 1.32
N ASN A 50 12.42 6.47 0.25
CA ASN A 50 13.09 5.18 0.36
C ASN A 50 12.40 4.31 1.42
N ILE A 51 11.10 4.13 1.28
CA ILE A 51 10.33 3.32 2.21
C ILE A 51 9.88 2.01 1.58
N PRO A 52 10.64 0.92 1.79
CA PRO A 52 10.31 -0.40 1.23
C PRO A 52 8.89 -0.82 1.55
N VAL A 53 8.08 -0.95 0.51
CA VAL A 53 6.67 -1.35 0.67
C VAL A 53 6.20 -2.12 -0.56
N GLU A 54 5.14 -2.90 -0.41
CA GLU A 54 4.59 -3.66 -1.52
C GLU A 54 3.11 -3.37 -1.71
N LEU A 55 2.75 -2.80 -2.86
CA LEU A 55 1.37 -2.47 -3.15
C LEU A 55 0.74 -3.51 -4.07
N ILE A 56 -0.35 -4.11 -3.61
CA ILE A 56 -1.06 -5.14 -4.36
C ILE A 56 -2.38 -4.59 -4.92
N GLN A 57 -2.82 -5.12 -6.05
CA GLN A 57 -4.07 -4.68 -6.66
C GLN A 57 -4.99 -5.87 -6.89
N CYS A 58 -6.25 -5.74 -6.44
CA CYS A 58 -7.23 -6.81 -6.60
C CYS A 58 -8.65 -6.26 -6.65
N ARG A 59 -9.60 -7.11 -7.03
CA ARG A 59 -11.00 -6.70 -7.12
C ARG A 59 -11.60 -6.46 -5.72
N VAL A 60 -12.93 -6.41 -5.66
CA VAL A 60 -13.63 -6.19 -4.39
C VAL A 60 -13.84 -7.48 -3.60
N ASN A 61 -13.49 -8.62 -4.20
CA ASN A 61 -13.66 -9.91 -3.53
C ASN A 61 -12.34 -10.66 -3.47
N GLU A 62 -11.25 -9.93 -3.23
CA GLU A 62 -9.93 -10.53 -3.14
C GLU A 62 -9.16 -10.03 -1.93
N ILE A 63 -9.39 -8.78 -1.54
CA ILE A 63 -8.70 -8.21 -0.40
C ILE A 63 -8.81 -9.11 0.82
N GLU A 64 -9.99 -9.68 1.02
CA GLU A 64 -10.22 -10.57 2.15
C GLU A 64 -9.46 -11.89 1.99
N THR A 65 -9.39 -12.39 0.76
CA THR A 65 -8.67 -13.64 0.50
C THR A 65 -7.16 -13.43 0.57
N TYR A 66 -6.69 -12.33 -0.01
CA TYR A 66 -5.26 -12.03 0.00
C TYR A 66 -4.88 -11.18 1.23
N MET A 67 -5.82 -11.05 2.18
CA MET A 67 -5.57 -10.29 3.40
C MET A 67 -4.70 -11.09 4.39
N ASP A 68 -3.58 -11.61 3.91
CA ASP A 68 -2.70 -12.41 4.77
C ASP A 68 -1.68 -11.51 5.48
N GLY A 69 -1.14 -10.55 4.75
CA GLY A 69 -0.17 -9.64 5.33
C GLY A 69 -0.30 -8.23 4.81
N VAL A 70 -1.53 -7.73 4.76
CA VAL A 70 -1.78 -6.38 4.27
C VAL A 70 -1.71 -5.37 5.40
N HIS A 71 -0.96 -4.30 5.18
CA HIS A 71 -0.80 -3.25 6.18
C HIS A 71 -1.84 -2.14 5.99
N LEU A 72 -2.29 -1.95 4.75
CA LEU A 72 -3.29 -0.93 4.43
C LEU A 72 -4.14 -1.37 3.24
N ILE A 73 -5.44 -1.10 3.30
CA ILE A 73 -6.35 -1.47 2.22
C ILE A 73 -7.04 -0.24 1.64
N CYS A 74 -7.15 -0.19 0.32
CA CYS A 74 -7.81 0.92 -0.34
C CYS A 74 -8.89 0.43 -1.29
N THR A 75 -10.14 0.57 -0.87
CA THR A 75 -11.28 0.14 -1.69
C THR A 75 -12.35 1.23 -1.75
N THR A 76 -13.07 1.29 -2.87
CA THR A 76 -14.12 2.28 -3.05
C THR A 76 -15.31 1.97 -2.16
N ALA A 77 -15.15 2.18 -0.86
CA ALA A 77 -16.21 1.92 0.10
C ALA A 77 -16.88 0.57 -0.17
N ARG A 78 -18.20 0.54 -0.08
CA ARG A 78 -18.96 -0.69 -0.31
C ARG A 78 -18.85 -1.63 0.89
N VAL A 79 -17.62 -1.94 1.28
CA VAL A 79 -17.39 -2.84 2.41
C VAL A 79 -17.89 -2.20 3.72
N ASP A 80 -17.76 -2.95 4.82
CA ASP A 80 -18.20 -2.46 6.12
C ASP A 80 -17.01 -1.99 6.97
N ARG A 81 -15.82 -2.45 6.61
CA ARG A 81 -14.61 -2.08 7.34
C ARG A 81 -14.79 -2.29 8.84
N SER A 82 -15.53 -3.33 9.20
CA SER A 82 -15.78 -3.66 10.60
C SER A 82 -15.70 -5.17 10.83
N PHE A 83 -14.93 -5.85 9.99
CA PHE A 83 -14.75 -7.29 10.11
C PHE A 83 -13.48 -7.63 10.88
N GLY A 84 -13.08 -6.72 11.77
CA GLY A 84 -11.87 -6.93 12.55
C GLY A 84 -11.09 -5.65 12.72
N ASP A 85 -9.93 -5.55 12.09
CA ASP A 85 -9.11 -4.36 12.22
C ASP A 85 -8.51 -3.96 10.87
N ILE A 86 -9.09 -4.46 9.79
CA ILE A 86 -8.60 -4.17 8.46
C ILE A 86 -8.39 -2.67 8.26
N PRO A 87 -7.13 -2.20 8.37
CA PRO A 87 -6.82 -0.78 8.20
C PRO A 87 -7.02 -0.32 6.76
N LEU A 88 -8.27 -0.28 6.31
CA LEU A 88 -8.58 0.14 4.95
C LEU A 88 -9.16 1.54 4.91
N VAL A 89 -9.13 2.16 3.73
CA VAL A 89 -9.66 3.51 3.55
C VAL A 89 -10.17 3.69 2.12
N HIS A 90 -10.93 4.76 1.91
CA HIS A 90 -11.48 5.07 0.59
C HIS A 90 -10.54 5.96 -0.21
N GLY A 91 -10.59 5.82 -1.53
CA GLY A 91 -9.75 6.63 -2.39
C GLY A 91 -10.52 7.68 -3.15
N MET A 92 -11.63 8.14 -2.56
CA MET A 92 -12.47 9.15 -3.19
C MET A 92 -11.66 10.41 -3.51
N PRO A 93 -10.83 10.90 -2.55
CA PRO A 93 -10.02 12.10 -2.76
C PRO A 93 -8.84 11.86 -3.71
N PHE A 94 -8.30 10.65 -3.69
CA PHE A 94 -7.17 10.30 -4.55
C PHE A 94 -7.60 10.19 -6.00
N VAL A 95 -8.81 9.69 -6.23
CA VAL A 95 -9.35 9.54 -7.57
C VAL A 95 -9.72 10.89 -8.17
N SER A 96 -9.97 11.86 -7.31
CA SER A 96 -10.33 13.20 -7.76
C SER A 96 -9.29 13.77 -8.72
N GLY A 97 -8.01 13.53 -8.41
CA GLY A 97 -6.95 14.02 -9.26
C GLY A 97 -6.64 15.49 -9.00
N VAL A 98 -7.27 16.06 -7.99
CA VAL A 98 -7.06 17.46 -7.65
C VAL A 98 -6.58 17.63 -6.21
N GLY A 99 -7.03 16.75 -5.33
CA GLY A 99 -6.65 16.85 -3.93
C GLY A 99 -5.61 15.81 -3.53
N ILE A 100 -4.90 15.27 -4.52
CA ILE A 100 -3.88 14.27 -4.24
C ILE A 100 -2.76 14.87 -3.42
N GLU A 101 -2.31 16.05 -3.80
CA GLU A 101 -1.23 16.74 -3.11
C GLU A 101 -1.53 16.88 -1.63
N ALA A 102 -2.77 17.24 -1.31
CA ALA A 102 -3.17 17.41 0.09
C ALA A 102 -3.17 16.07 0.82
N LEU A 103 -3.77 15.07 0.20
CA LEU A 103 -3.84 13.74 0.80
C LEU A 103 -2.46 13.07 0.82
N GLN A 104 -1.73 13.19 -0.28
CA GLN A 104 -0.40 12.60 -0.38
C GLN A 104 0.46 12.93 0.84
N ASN A 105 0.58 14.22 1.13
CA ASN A 105 1.37 14.66 2.28
C ASN A 105 0.83 14.08 3.58
N LYS A 106 -0.48 14.23 3.79
CA LYS A 106 -1.12 13.72 5.01
C LYS A 106 -0.75 12.25 5.25
N ILE A 107 -0.78 11.46 4.18
CA ILE A 107 -0.43 10.04 4.28
C ILE A 107 1.00 9.87 4.74
N LEU A 108 1.92 10.60 4.10
CA LEU A 108 3.34 10.53 4.45
C LEU A 108 3.58 11.04 5.86
N THR A 109 2.99 12.19 6.19
CA THR A 109 3.18 12.78 7.52
C THR A 109 2.80 11.79 8.61
N ILE A 110 1.75 11.02 8.38
CA ILE A 110 1.30 10.03 9.36
C ILE A 110 2.08 8.73 9.24
N LEU A 111 2.36 8.32 8.01
CA LEU A 111 3.10 7.09 7.77
C LEU A 111 4.46 7.10 8.49
N GLN A 112 5.06 8.29 8.59
CA GLN A 112 6.35 8.44 9.24
C GLN A 112 6.18 8.56 10.75
N GLY A 113 5.02 9.04 11.18
CA GLY A 113 4.75 9.20 12.60
C GLY A 113 4.08 7.98 13.20
N MET A 1 13.80 -7.40 24.45
CA MET A 1 14.32 -6.70 23.25
C MET A 1 15.09 -7.65 22.34
N GLY A 2 16.21 -8.15 22.83
CA GLY A 2 17.04 -9.06 22.05
C GLY A 2 18.43 -8.54 21.82
N SER A 3 19.01 -7.92 22.84
CA SER A 3 20.36 -7.37 22.74
C SER A 3 21.31 -8.06 23.72
N SER A 4 22.57 -7.66 23.70
CA SER A 4 23.57 -8.24 24.58
C SER A 4 24.81 -7.35 24.67
N HIS A 5 24.85 -6.52 25.71
CA HIS A 5 25.97 -5.62 25.92
C HIS A 5 26.21 -4.74 24.69
N HIS A 6 25.14 -4.41 23.98
CA HIS A 6 25.25 -3.58 22.79
C HIS A 6 26.05 -4.30 21.71
N HIS A 7 26.31 -3.60 20.60
CA HIS A 7 27.08 -4.18 19.50
C HIS A 7 28.44 -4.68 19.97
N HIS A 8 28.98 -5.66 19.26
CA HIS A 8 30.28 -6.23 19.61
C HIS A 8 31.37 -5.16 19.59
N HIS A 9 31.31 -4.28 18.59
CA HIS A 9 32.30 -3.22 18.47
C HIS A 9 31.94 -2.28 17.32
N HIS A 10 31.57 -2.86 16.18
CA HIS A 10 31.22 -2.07 15.01
C HIS A 10 29.75 -2.28 14.65
N HIS A 11 29.34 -1.73 13.51
CA HIS A 11 27.95 -1.85 13.07
C HIS A 11 27.87 -2.58 11.72
N HIS A 12 27.09 -3.64 11.68
CA HIS A 12 26.93 -4.42 10.46
C HIS A 12 25.92 -3.76 9.52
N GLU A 13 24.64 -3.91 9.82
CA GLU A 13 23.59 -3.33 9.01
C GLU A 13 22.22 -3.55 9.65
N ASN A 14 21.52 -2.46 9.94
CA ASN A 14 20.21 -2.53 10.55
C ASN A 14 19.23 -3.26 9.65
N LEU A 15 18.87 -4.49 10.04
CA LEU A 15 17.94 -5.28 9.26
C LEU A 15 16.50 -4.83 9.52
N TYR A 16 16.23 -3.55 9.23
CA TYR A 16 14.90 -2.99 9.42
C TYR A 16 13.94 -3.45 8.32
N PHE A 17 13.98 -4.74 8.00
CA PHE A 17 13.14 -5.31 6.96
C PHE A 17 13.28 -4.54 5.65
N GLN A 18 14.17 -5.03 4.79
CA GLN A 18 14.41 -4.39 3.50
C GLN A 18 13.70 -5.15 2.38
N GLY A 19 12.70 -4.52 1.79
CA GLY A 19 11.95 -5.15 0.71
C GLY A 19 10.95 -6.18 1.21
N SER A 20 10.40 -5.94 2.40
CA SER A 20 9.43 -6.85 3.00
C SER A 20 9.00 -6.34 4.37
N LYS A 21 8.07 -5.39 4.38
CA LYS A 21 7.57 -4.82 5.63
C LYS A 21 6.05 -4.62 5.58
N ARG A 22 5.63 -3.59 4.86
CA ARG A 22 4.21 -3.28 4.73
C ARG A 22 3.75 -3.46 3.29
N LYS A 23 2.51 -3.89 3.12
CA LYS A 23 1.96 -4.10 1.78
C LYS A 23 0.56 -3.50 1.66
N ILE A 24 0.39 -2.60 0.70
CA ILE A 24 -0.90 -1.95 0.48
C ILE A 24 -1.66 -2.63 -0.63
N ILE A 25 -2.99 -2.57 -0.56
CA ILE A 25 -3.84 -3.20 -1.56
C ILE A 25 -4.77 -2.19 -2.22
N VAL A 26 -5.05 -2.38 -3.50
CA VAL A 26 -5.95 -1.48 -4.21
C VAL A 26 -7.02 -2.25 -4.99
N ALA A 27 -8.29 -1.92 -4.75
CA ALA A 27 -9.38 -2.59 -5.44
C ALA A 27 -10.22 -1.61 -6.26
N CYS A 28 -10.34 -1.89 -7.55
CA CYS A 28 -11.10 -1.04 -8.47
C CYS A 28 -11.98 -1.87 -9.39
N GLY A 29 -12.75 -1.19 -10.24
CA GLY A 29 -13.63 -1.89 -11.15
C GLY A 29 -13.40 -1.49 -12.60
N GLY A 30 -12.20 -1.75 -13.10
CA GLY A 30 -11.87 -1.40 -14.47
C GLY A 30 -10.39 -1.59 -14.78
N ALA A 31 -9.56 -0.69 -14.25
CA ALA A 31 -8.12 -0.76 -14.46
C ALA A 31 -7.77 -0.49 -15.92
N VAL A 32 -7.82 0.77 -16.32
CA VAL A 32 -7.51 1.16 -17.70
C VAL A 32 -6.62 2.41 -17.73
N ALA A 33 -6.96 3.39 -16.91
CA ALA A 33 -6.20 4.64 -16.85
C ALA A 33 -5.89 5.02 -15.40
N THR A 34 -6.86 4.77 -14.52
CA THR A 34 -6.72 5.08 -13.11
C THR A 34 -5.74 4.12 -12.42
N SER A 35 -5.57 2.95 -13.01
CA SER A 35 -4.66 1.94 -12.46
C SER A 35 -3.21 2.38 -12.60
N THR A 36 -2.83 2.81 -13.79
CA THR A 36 -1.47 3.26 -14.06
C THR A 36 -1.11 4.43 -13.16
N MET A 37 -1.90 5.50 -13.23
CA MET A 37 -1.65 6.70 -12.42
C MET A 37 -1.39 6.33 -10.96
N ALA A 38 -2.29 5.56 -10.37
CA ALA A 38 -2.15 5.12 -8.99
C ALA A 38 -0.86 4.34 -8.79
N ALA A 39 -0.71 3.24 -9.53
CA ALA A 39 0.47 2.41 -9.43
C ALA A 39 1.74 3.24 -9.62
N GLU A 40 1.79 4.00 -10.72
CA GLU A 40 2.95 4.83 -11.01
C GLU A 40 3.16 5.89 -9.93
N GLU A 41 2.06 6.50 -9.49
CA GLU A 41 2.12 7.53 -8.46
C GLU A 41 2.60 6.95 -7.13
N ILE A 42 1.98 5.86 -6.71
CA ILE A 42 2.36 5.22 -5.45
C ILE A 42 3.80 4.70 -5.53
N LYS A 43 4.22 4.33 -6.73
CA LYS A 43 5.57 3.81 -6.95
C LYS A 43 6.62 4.90 -6.68
N GLU A 44 6.52 6.01 -7.43
CA GLU A 44 7.47 7.12 -7.27
C GLU A 44 7.51 7.60 -5.82
N LEU A 45 6.36 7.60 -5.16
CA LEU A 45 6.29 8.05 -3.77
C LEU A 45 7.03 7.08 -2.85
N CYS A 46 6.61 5.82 -2.85
CA CYS A 46 7.24 4.80 -2.01
C CYS A 46 8.75 4.76 -2.23
N GLN A 47 9.17 4.95 -3.48
CA GLN A 47 10.58 4.94 -3.82
C GLN A 47 11.25 6.26 -3.47
N SER A 48 10.62 7.36 -3.85
CA SER A 48 11.17 8.69 -3.56
C SER A 48 11.47 8.85 -2.07
N HIS A 49 10.57 8.38 -1.23
CA HIS A 49 10.74 8.46 0.22
C HIS A 49 11.58 7.31 0.75
N ASN A 50 11.82 6.31 -0.08
CA ASN A 50 12.61 5.15 0.30
C ASN A 50 11.88 4.33 1.36
N ILE A 51 10.59 4.14 1.17
CA ILE A 51 9.77 3.36 2.10
C ILE A 51 9.50 1.97 1.54
N PRO A 52 10.24 0.95 2.01
CA PRO A 52 10.06 -0.43 1.54
C PRO A 52 8.61 -0.90 1.67
N VAL A 53 7.93 -1.02 0.53
CA VAL A 53 6.53 -1.45 0.54
C VAL A 53 6.16 -2.15 -0.78
N GLU A 54 5.10 -2.94 -0.75
CA GLU A 54 4.64 -3.66 -1.94
C GLU A 54 3.17 -3.36 -2.24
N LEU A 55 2.91 -2.76 -3.39
CA LEU A 55 1.56 -2.41 -3.79
C LEU A 55 0.88 -3.55 -4.55
N ILE A 56 -0.18 -4.08 -3.97
CA ILE A 56 -0.92 -5.17 -4.58
C ILE A 56 -2.26 -4.69 -5.13
N GLN A 57 -2.75 -5.34 -6.19
CA GLN A 57 -4.02 -4.97 -6.81
C GLN A 57 -4.98 -6.16 -6.81
N CYS A 58 -6.24 -5.91 -6.48
CA CYS A 58 -7.24 -6.97 -6.46
C CYS A 58 -8.65 -6.38 -6.49
N ARG A 59 -9.65 -7.23 -6.72
CA ARG A 59 -11.04 -6.77 -6.79
C ARG A 59 -11.54 -6.33 -5.41
N VAL A 60 -12.87 -6.24 -5.26
CA VAL A 60 -13.48 -5.84 -4.00
C VAL A 60 -13.71 -7.06 -3.10
N ASN A 61 -13.49 -8.26 -3.65
CA ASN A 61 -13.68 -9.48 -2.88
C ASN A 61 -12.48 -10.41 -3.03
N GLU A 62 -11.33 -9.93 -2.56
CA GLU A 62 -10.09 -10.71 -2.62
C GLU A 62 -9.12 -10.31 -1.50
N ILE A 63 -9.18 -9.03 -1.12
CA ILE A 63 -8.31 -8.52 -0.08
C ILE A 63 -8.39 -9.37 1.17
N GLU A 64 -9.56 -9.93 1.43
CA GLU A 64 -9.75 -10.77 2.58
C GLU A 64 -9.11 -12.14 2.37
N THR A 65 -9.05 -12.58 1.10
CA THR A 65 -8.48 -13.88 0.77
C THR A 65 -6.95 -13.83 0.74
N TYR A 66 -6.40 -12.79 0.13
CA TYR A 66 -4.95 -12.62 0.05
C TYR A 66 -4.43 -11.78 1.22
N MET A 67 -5.29 -11.58 2.22
CA MET A 67 -4.90 -10.80 3.39
C MET A 67 -3.98 -11.60 4.31
N ASP A 68 -2.90 -12.13 3.74
CA ASP A 68 -1.94 -12.91 4.52
C ASP A 68 -1.05 -12.01 5.34
N GLY A 69 -0.58 -10.93 4.72
CA GLY A 69 0.29 -10.00 5.41
C GLY A 69 0.18 -8.58 4.86
N VAL A 70 -1.01 -8.01 4.94
CA VAL A 70 -1.25 -6.66 4.45
C VAL A 70 -1.17 -5.64 5.58
N HIS A 71 -0.39 -4.59 5.37
CA HIS A 71 -0.23 -3.55 6.37
C HIS A 71 -1.24 -2.42 6.16
N LEU A 72 -1.69 -2.26 4.92
CA LEU A 72 -2.67 -1.22 4.58
C LEU A 72 -3.54 -1.67 3.41
N ILE A 73 -4.81 -1.27 3.43
CA ILE A 73 -5.73 -1.64 2.36
C ILE A 73 -6.46 -0.41 1.82
N CYS A 74 -6.66 -0.38 0.50
CA CYS A 74 -7.34 0.73 -0.15
C CYS A 74 -8.50 0.23 -1.02
N THR A 75 -9.73 0.47 -0.57
CA THR A 75 -10.91 0.05 -1.32
C THR A 75 -11.82 1.24 -1.59
N THR A 76 -12.40 1.29 -2.79
CA THR A 76 -13.30 2.37 -3.16
C THR A 76 -14.75 1.94 -3.02
N ALA A 77 -15.16 1.63 -1.79
CA ALA A 77 -16.53 1.21 -1.52
C ALA A 77 -16.91 1.49 -0.07
N ARG A 78 -18.13 1.98 0.13
CA ARG A 78 -18.62 2.29 1.46
C ARG A 78 -18.85 1.01 2.27
N VAL A 79 -17.77 0.48 2.85
CA VAL A 79 -17.84 -0.73 3.65
C VAL A 79 -18.33 -0.43 5.07
N ASP A 80 -18.35 -1.45 5.92
CA ASP A 80 -18.81 -1.29 7.30
C ASP A 80 -17.63 -1.02 8.24
N ARG A 81 -16.44 -1.42 7.82
CA ARG A 81 -15.23 -1.23 8.61
C ARG A 81 -15.44 -1.70 10.06
N SER A 82 -16.03 -2.88 10.21
CA SER A 82 -16.27 -3.43 11.54
C SER A 82 -15.84 -4.89 11.61
N PHE A 83 -15.28 -5.42 10.52
CA PHE A 83 -14.82 -6.80 10.49
C PHE A 83 -13.34 -6.90 10.83
N GLY A 84 -13.05 -7.23 12.09
CA GLY A 84 -11.68 -7.36 12.54
C GLY A 84 -11.03 -6.02 12.80
N ASP A 85 -9.98 -5.70 12.05
CA ASP A 85 -9.27 -4.45 12.21
C ASP A 85 -8.53 -4.08 10.93
N ILE A 86 -9.06 -4.57 9.81
CA ILE A 86 -8.46 -4.30 8.51
C ILE A 86 -8.32 -2.80 8.26
N PRO A 87 -7.11 -2.25 8.37
CA PRO A 87 -6.86 -0.83 8.16
C PRO A 87 -7.09 -0.40 6.70
N LEU A 88 -8.35 -0.29 6.30
CA LEU A 88 -8.67 0.10 4.93
C LEU A 88 -9.02 1.58 4.82
N VAL A 89 -8.86 2.11 3.61
CA VAL A 89 -9.14 3.51 3.35
C VAL A 89 -9.67 3.71 1.94
N HIS A 90 -10.43 4.78 1.75
CA HIS A 90 -11.01 5.09 0.45
C HIS A 90 -10.02 5.84 -0.43
N GLY A 91 -10.13 5.64 -1.75
CA GLY A 91 -9.22 6.30 -2.68
C GLY A 91 -9.96 7.23 -3.63
N MET A 92 -11.21 7.55 -3.30
CA MET A 92 -12.02 8.44 -4.13
C MET A 92 -11.30 9.77 -4.38
N PRO A 93 -10.65 10.37 -3.37
CA PRO A 93 -9.94 11.65 -3.53
C PRO A 93 -8.65 11.51 -4.31
N PHE A 94 -7.98 10.36 -4.18
CA PHE A 94 -6.73 10.11 -4.88
C PHE A 94 -6.95 10.18 -6.39
N VAL A 95 -8.11 9.72 -6.82
CA VAL A 95 -8.46 9.70 -8.24
C VAL A 95 -8.81 11.09 -8.75
N SER A 96 -9.16 11.99 -7.84
CA SER A 96 -9.52 13.36 -8.21
C SER A 96 -8.41 14.02 -9.01
N GLY A 97 -7.17 13.73 -8.64
CA GLY A 97 -6.04 14.33 -9.34
C GLY A 97 -5.71 15.72 -8.84
N VAL A 98 -6.54 16.23 -7.92
CA VAL A 98 -6.33 17.56 -7.36
C VAL A 98 -6.38 17.54 -5.82
N GLY A 99 -6.64 16.37 -5.24
CA GLY A 99 -6.71 16.26 -3.79
C GLY A 99 -5.54 15.48 -3.21
N ILE A 100 -4.68 14.94 -4.08
CA ILE A 100 -3.53 14.17 -3.63
C ILE A 100 -2.63 15.00 -2.73
N GLU A 101 -2.44 16.27 -3.09
CA GLU A 101 -1.58 17.16 -2.32
C GLU A 101 -1.90 17.09 -0.83
N ALA A 102 -3.17 17.29 -0.49
CA ALA A 102 -3.61 17.24 0.89
C ALA A 102 -3.65 15.81 1.41
N LEU A 103 -4.20 14.91 0.60
CA LEU A 103 -4.28 13.50 0.97
C LEU A 103 -2.90 12.93 1.27
N GLN A 104 -1.96 13.14 0.35
CA GLN A 104 -0.60 12.65 0.52
C GLN A 104 0.04 13.28 1.76
N ASN A 105 -0.04 14.60 1.87
CA ASN A 105 0.55 15.30 3.01
C ASN A 105 0.02 14.73 4.32
N LYS A 106 -1.27 14.46 4.37
CA LYS A 106 -1.89 13.91 5.58
C LYS A 106 -1.57 12.43 5.75
N ILE A 107 -1.58 11.68 4.64
CA ILE A 107 -1.29 10.25 4.71
C ILE A 107 0.13 9.99 5.18
N LEU A 108 1.08 10.79 4.70
CA LEU A 108 2.48 10.62 5.09
C LEU A 108 2.69 11.02 6.54
N THR A 109 2.04 12.10 6.96
CA THR A 109 2.16 12.59 8.33
C THR A 109 1.75 11.50 9.33
N ILE A 110 0.63 10.83 9.05
CA ILE A 110 0.13 9.78 9.93
C ILE A 110 0.96 8.50 9.81
N LEU A 111 1.36 8.16 8.58
CA LEU A 111 2.16 6.97 8.35
C LEU A 111 3.57 7.14 8.89
N GLN A 112 3.94 8.38 9.19
CA GLN A 112 5.27 8.66 9.72
C GLN A 112 5.23 8.81 11.25
N GLY A 113 4.03 8.74 11.82
CA GLY A 113 3.89 8.86 13.26
C GLY A 113 2.51 8.47 13.74
N MET A 1 20.53 2.46 25.58
CA MET A 1 20.24 1.05 25.96
C MET A 1 21.38 0.13 25.52
N GLY A 2 22.21 -0.28 26.48
CA GLY A 2 23.32 -1.16 26.18
C GLY A 2 22.93 -2.62 26.24
N SER A 3 21.81 -2.96 25.63
CA SER A 3 21.32 -4.34 25.61
C SER A 3 21.25 -4.92 27.03
N SER A 4 20.52 -4.24 27.91
CA SER A 4 20.38 -4.67 29.28
C SER A 4 21.72 -4.67 30.00
N HIS A 5 21.69 -4.92 31.31
CA HIS A 5 22.91 -4.96 32.10
C HIS A 5 23.36 -6.40 32.34
N HIS A 6 22.97 -7.30 31.44
CA HIS A 6 23.34 -8.71 31.56
C HIS A 6 22.99 -9.47 30.28
N HIS A 7 23.88 -9.41 29.31
CA HIS A 7 23.67 -10.09 28.04
C HIS A 7 24.44 -11.41 27.99
N HIS A 8 23.92 -12.37 27.24
CA HIS A 8 24.55 -13.68 27.09
C HIS A 8 25.04 -13.89 25.66
N HIS A 9 25.65 -15.05 25.42
CA HIS A 9 26.14 -15.37 24.09
C HIS A 9 27.14 -14.32 23.61
N HIS A 10 27.48 -14.37 22.32
CA HIS A 10 28.44 -13.41 21.75
C HIS A 10 27.78 -12.06 21.53
N HIS A 11 26.88 -11.98 20.56
CA HIS A 11 26.18 -10.74 20.24
C HIS A 11 24.86 -11.03 19.51
N HIS A 12 24.32 -10.03 18.83
CA HIS A 12 23.07 -10.18 18.10
C HIS A 12 22.97 -9.13 17.00
N GLU A 13 22.19 -9.43 15.96
CA GLU A 13 22.02 -8.52 14.85
C GLU A 13 20.69 -8.76 14.15
N ASN A 14 20.31 -7.84 13.28
CA ASN A 14 19.05 -7.96 12.54
C ASN A 14 19.20 -7.41 11.13
N LEU A 15 18.79 -8.22 10.15
CA LEU A 15 18.87 -7.82 8.75
C LEU A 15 17.50 -7.96 8.08
N TYR A 16 16.61 -7.02 8.38
CA TYR A 16 15.27 -7.03 7.80
C TYR A 16 15.05 -5.81 6.90
N PHE A 17 15.99 -4.87 6.94
CA PHE A 17 15.90 -3.67 6.12
C PHE A 17 16.15 -3.99 4.65
N GLN A 18 15.55 -3.19 3.77
CA GLN A 18 15.71 -3.39 2.33
C GLN A 18 15.25 -4.80 1.93
N GLY A 19 13.93 -4.99 1.87
CA GLY A 19 13.38 -6.28 1.49
C GLY A 19 11.89 -6.38 1.72
N SER A 20 11.50 -6.56 2.97
CA SER A 20 10.09 -6.67 3.31
C SER A 20 9.76 -5.81 4.53
N LYS A 21 8.69 -5.02 4.42
CA LYS A 21 8.25 -4.15 5.51
C LYS A 21 6.74 -4.20 5.67
N ARG A 22 6.04 -3.55 4.75
CA ARG A 22 4.57 -3.51 4.79
C ARG A 22 3.99 -3.95 3.46
N LYS A 23 2.76 -4.44 3.50
CA LYS A 23 2.07 -4.89 2.31
C LYS A 23 0.68 -4.26 2.23
N ILE A 24 0.45 -3.48 1.18
CA ILE A 24 -0.85 -2.83 1.00
C ILE A 24 -1.61 -3.49 -0.13
N ILE A 25 -2.95 -3.43 -0.06
CA ILE A 25 -3.78 -4.03 -1.09
C ILE A 25 -4.62 -2.96 -1.79
N VAL A 26 -4.83 -3.12 -3.09
CA VAL A 26 -5.60 -2.16 -3.87
C VAL A 26 -6.77 -2.85 -4.59
N ALA A 27 -7.99 -2.41 -4.30
CA ALA A 27 -9.18 -2.97 -4.94
C ALA A 27 -10.05 -1.90 -5.57
N CYS A 28 -10.30 -2.03 -6.88
CA CYS A 28 -11.11 -1.06 -7.60
C CYS A 28 -12.40 -1.68 -8.14
N GLY A 29 -12.30 -2.37 -9.28
CA GLY A 29 -13.47 -2.99 -9.87
C GLY A 29 -13.61 -2.70 -11.36
N GLY A 30 -12.50 -2.74 -12.08
CA GLY A 30 -12.55 -2.48 -13.51
C GLY A 30 -12.27 -1.03 -13.86
N ALA A 31 -11.31 -0.43 -13.18
CA ALA A 31 -10.96 0.97 -13.43
C ALA A 31 -9.50 1.09 -13.85
N VAL A 32 -9.22 0.72 -15.10
CA VAL A 32 -7.86 0.79 -15.62
C VAL A 32 -7.32 2.22 -15.60
N ALA A 33 -8.22 3.17 -15.82
CA ALA A 33 -7.83 4.59 -15.82
C ALA A 33 -7.66 5.11 -14.39
N THR A 34 -7.07 4.29 -13.53
CA THR A 34 -6.85 4.66 -12.13
C THR A 34 -5.89 3.70 -11.45
N SER A 35 -5.97 2.42 -11.82
CA SER A 35 -5.10 1.40 -11.23
C SER A 35 -3.63 1.78 -11.39
N THR A 36 -3.26 2.17 -12.61
CA THR A 36 -1.88 2.56 -12.89
C THR A 36 -1.53 3.84 -12.16
N MET A 37 -2.35 4.88 -12.32
CA MET A 37 -2.12 6.16 -11.66
C MET A 37 -1.81 5.96 -10.18
N ALA A 38 -2.69 5.26 -9.49
CA ALA A 38 -2.49 4.98 -8.08
C ALA A 38 -1.27 4.09 -7.87
N ALA A 39 -1.21 2.99 -8.60
CA ALA A 39 -0.09 2.06 -8.50
C ALA A 39 1.25 2.78 -8.62
N GLU A 40 1.41 3.55 -9.69
CA GLU A 40 2.65 4.29 -9.91
C GLU A 40 2.86 5.36 -8.83
N GLU A 41 1.76 5.95 -8.39
CA GLU A 41 1.82 6.99 -7.36
C GLU A 41 2.38 6.43 -6.06
N ILE A 42 1.79 5.34 -5.59
CA ILE A 42 2.24 4.72 -4.35
C ILE A 42 3.68 4.23 -4.49
N LYS A 43 4.05 3.79 -5.69
CA LYS A 43 5.40 3.30 -5.95
C LYS A 43 6.43 4.43 -5.91
N GLU A 44 6.23 5.45 -6.74
CA GLU A 44 7.15 6.58 -6.80
C GLU A 44 7.35 7.18 -5.41
N LEU A 45 6.28 7.25 -4.63
CA LEU A 45 6.34 7.80 -3.28
C LEU A 45 7.17 6.91 -2.36
N CYS A 46 6.83 5.63 -2.30
CA CYS A 46 7.53 4.68 -1.45
C CYS A 46 9.04 4.78 -1.64
N GLN A 47 9.46 5.02 -2.88
CA GLN A 47 10.88 5.14 -3.19
C GLN A 47 11.43 6.47 -2.66
N SER A 48 10.59 7.49 -2.67
CA SER A 48 10.96 8.82 -2.20
C SER A 48 11.32 8.78 -0.71
N HIS A 49 10.49 8.11 0.07
CA HIS A 49 10.71 7.99 1.51
C HIS A 49 11.60 6.80 1.85
N ASN A 50 11.89 5.97 0.86
CA ASN A 50 12.72 4.79 1.06
C ASN A 50 12.06 3.81 2.02
N ILE A 51 10.78 3.50 1.76
CA ILE A 51 10.04 2.57 2.60
C ILE A 51 9.65 1.32 1.81
N PRO A 52 10.48 0.26 1.86
CA PRO A 52 10.21 -0.99 1.16
C PRO A 52 8.81 -1.52 1.46
N VAL A 53 8.03 -1.80 0.42
CA VAL A 53 6.68 -2.32 0.59
C VAL A 53 6.22 -3.05 -0.67
N GLU A 54 5.13 -3.79 -0.57
CA GLU A 54 4.61 -4.53 -1.71
C GLU A 54 3.16 -4.13 -1.99
N LEU A 55 2.93 -3.50 -3.14
CA LEU A 55 1.59 -3.07 -3.52
C LEU A 55 0.91 -4.12 -4.39
N ILE A 56 -0.16 -4.71 -3.86
CA ILE A 56 -0.90 -5.73 -4.58
C ILE A 56 -2.22 -5.15 -5.09
N GLN A 57 -2.71 -5.67 -6.21
CA GLN A 57 -3.97 -5.20 -6.79
C GLN A 57 -4.97 -6.35 -6.84
N CYS A 58 -6.21 -6.09 -6.46
CA CYS A 58 -7.23 -7.12 -6.43
C CYS A 58 -8.59 -6.54 -6.80
N ARG A 59 -9.57 -7.41 -7.04
CA ARG A 59 -10.92 -6.95 -7.40
C ARG A 59 -11.71 -6.57 -6.15
N VAL A 60 -13.03 -6.51 -6.26
CA VAL A 60 -13.88 -6.16 -5.13
C VAL A 60 -13.90 -7.27 -4.07
N ASN A 61 -13.56 -8.48 -4.48
CA ASN A 61 -13.53 -9.62 -3.57
C ASN A 61 -12.30 -10.49 -3.82
N GLU A 62 -11.13 -9.95 -3.50
CA GLU A 62 -9.88 -10.66 -3.70
C GLU A 62 -8.89 -10.34 -2.58
N ILE A 63 -8.87 -9.08 -2.17
CA ILE A 63 -7.97 -8.63 -1.10
C ILE A 63 -8.18 -9.44 0.16
N GLU A 64 -9.43 -9.80 0.43
CA GLU A 64 -9.78 -10.58 1.61
C GLU A 64 -9.15 -11.96 1.56
N THR A 65 -9.15 -12.55 0.37
CA THR A 65 -8.57 -13.88 0.16
C THR A 65 -7.05 -13.82 0.18
N TYR A 66 -6.49 -12.79 -0.45
CA TYR A 66 -5.05 -12.61 -0.51
C TYR A 66 -4.53 -11.83 0.69
N MET A 67 -5.39 -11.65 1.70
CA MET A 67 -5.02 -10.91 2.90
C MET A 67 -4.11 -11.75 3.81
N ASP A 68 -3.08 -12.36 3.23
CA ASP A 68 -2.14 -13.20 3.99
C ASP A 68 -1.26 -12.34 4.89
N GLY A 69 -0.85 -11.18 4.39
CA GLY A 69 -0.01 -10.30 5.18
C GLY A 69 -0.06 -8.87 4.68
N VAL A 70 -1.21 -8.23 4.86
CA VAL A 70 -1.40 -6.85 4.42
C VAL A 70 -1.39 -5.90 5.62
N HIS A 71 -0.57 -4.86 5.54
CA HIS A 71 -0.49 -3.87 6.62
C HIS A 71 -1.40 -2.68 6.34
N LEU A 72 -1.87 -2.56 5.10
CA LEU A 72 -2.76 -1.46 4.73
C LEU A 72 -3.61 -1.84 3.51
N ILE A 73 -4.79 -1.25 3.40
CA ILE A 73 -5.69 -1.55 2.28
C ILE A 73 -6.38 -0.28 1.77
N CYS A 74 -6.53 -0.18 0.46
CA CYS A 74 -7.18 0.98 -0.13
C CYS A 74 -8.30 0.54 -1.06
N THR A 75 -9.54 0.76 -0.63
CA THR A 75 -10.70 0.39 -1.44
C THR A 75 -11.54 1.61 -1.78
N THR A 76 -12.11 1.61 -2.97
CA THR A 76 -12.92 2.73 -3.44
C THR A 76 -14.31 2.68 -2.81
N ALA A 77 -14.37 3.01 -1.53
CA ALA A 77 -15.63 3.01 -0.80
C ALA A 77 -16.36 1.67 -0.95
N ARG A 78 -17.68 1.70 -0.81
CA ARG A 78 -18.51 0.51 -0.92
C ARG A 78 -18.36 -0.39 0.31
N VAL A 79 -17.13 -0.74 0.66
CA VAL A 79 -16.87 -1.60 1.81
C VAL A 79 -17.41 -0.95 3.09
N ASP A 80 -17.41 -1.72 4.18
CA ASP A 80 -17.90 -1.23 5.46
C ASP A 80 -16.74 -0.85 6.38
N ARG A 81 -15.57 -1.43 6.13
CA ARG A 81 -14.38 -1.15 6.93
C ARG A 81 -14.65 -1.36 8.41
N SER A 82 -15.46 -2.37 8.72
CA SER A 82 -15.79 -2.65 10.12
C SER A 82 -15.66 -4.14 10.43
N PHE A 83 -15.02 -4.88 9.53
CA PHE A 83 -14.83 -6.31 9.73
C PHE A 83 -13.40 -6.63 10.13
N GLY A 84 -13.23 -7.16 11.34
CA GLY A 84 -11.90 -7.49 11.82
C GLY A 84 -11.08 -6.27 12.18
N ASP A 85 -9.95 -6.09 11.51
CA ASP A 85 -9.09 -4.95 11.76
C ASP A 85 -8.38 -4.52 10.49
N ILE A 86 -8.92 -4.93 9.34
CA ILE A 86 -8.34 -4.58 8.05
C ILE A 86 -8.19 -3.06 7.91
N PRO A 87 -6.97 -2.54 8.08
CA PRO A 87 -6.70 -1.10 7.98
C PRO A 87 -6.88 -0.57 6.56
N LEU A 88 -8.12 -0.44 6.11
CA LEU A 88 -8.39 0.06 4.75
C LEU A 88 -8.71 1.53 4.74
N VAL A 89 -8.58 2.16 3.57
CA VAL A 89 -8.85 3.58 3.42
C VAL A 89 -9.46 3.88 2.06
N HIS A 90 -10.25 4.95 1.99
CA HIS A 90 -10.90 5.36 0.76
C HIS A 90 -9.99 6.26 -0.07
N GLY A 91 -10.10 6.16 -1.39
CA GLY A 91 -9.29 6.97 -2.28
C GLY A 91 -10.09 8.03 -3.01
N MET A 92 -11.10 8.56 -2.35
CA MET A 92 -11.95 9.60 -2.95
C MET A 92 -11.11 10.78 -3.42
N PRO A 93 -10.26 11.34 -2.54
CA PRO A 93 -9.42 12.50 -2.89
C PRO A 93 -8.27 12.13 -3.82
N PHE A 94 -7.73 10.93 -3.68
CA PHE A 94 -6.61 10.50 -4.53
C PHE A 94 -7.09 10.34 -5.97
N VAL A 95 -8.30 9.85 -6.15
CA VAL A 95 -8.87 9.65 -7.49
C VAL A 95 -9.27 10.97 -8.13
N SER A 96 -9.54 11.97 -7.30
CA SER A 96 -9.96 13.29 -7.78
C SER A 96 -8.94 13.86 -8.76
N GLY A 97 -7.68 13.48 -8.58
CA GLY A 97 -6.64 13.98 -9.46
C GLY A 97 -6.31 15.44 -9.23
N VAL A 98 -7.05 16.08 -8.31
CA VAL A 98 -6.85 17.49 -8.01
C VAL A 98 -6.56 17.72 -6.53
N GLY A 99 -7.23 16.94 -5.68
CA GLY A 99 -7.03 17.08 -4.24
C GLY A 99 -5.90 16.22 -3.71
N ILE A 100 -5.08 15.69 -4.61
CA ILE A 100 -3.95 14.86 -4.20
C ILE A 100 -2.92 15.67 -3.43
N GLU A 101 -2.60 16.85 -3.93
CA GLU A 101 -1.62 17.73 -3.30
C GLU A 101 -1.87 17.85 -1.80
N ALA A 102 -3.10 18.17 -1.42
CA ALA A 102 -3.46 18.33 -0.02
C ALA A 102 -3.48 16.98 0.68
N LEU A 103 -4.09 15.99 0.03
CA LEU A 103 -4.17 14.65 0.59
C LEU A 103 -2.79 14.07 0.81
N GLN A 104 -1.94 14.16 -0.22
CA GLN A 104 -0.58 13.64 -0.13
C GLN A 104 0.14 14.19 1.09
N ASN A 105 0.11 15.51 1.24
CA ASN A 105 0.77 16.16 2.36
C ASN A 105 0.28 15.60 3.69
N LYS A 106 -1.03 15.59 3.89
CA LYS A 106 -1.61 15.08 5.12
C LYS A 106 -1.41 13.58 5.26
N ILE A 107 -1.64 12.84 4.18
CA ILE A 107 -1.49 11.39 4.21
C ILE A 107 -0.04 11.00 4.49
N LEU A 108 0.89 11.68 3.84
CA LEU A 108 2.30 11.38 4.03
C LEU A 108 2.70 11.60 5.48
N THR A 109 2.27 12.72 6.05
CA THR A 109 2.59 13.06 7.43
C THR A 109 2.06 12.00 8.40
N ILE A 110 0.82 11.54 8.17
CA ILE A 110 0.22 10.54 9.03
C ILE A 110 1.10 9.29 9.12
N LEU A 111 1.52 8.78 7.97
CA LEU A 111 2.36 7.59 7.92
C LEU A 111 3.71 7.86 8.58
N GLN A 112 4.28 9.03 8.30
CA GLN A 112 5.57 9.39 8.88
C GLN A 112 5.39 10.17 10.18
N GLY A 113 4.27 9.96 10.85
CA GLY A 113 4.00 10.65 12.11
C GLY A 113 5.01 10.30 13.18
N MET A 1 29.52 -14.09 -31.91
CA MET A 1 28.08 -14.43 -32.13
C MET A 1 27.18 -13.68 -31.17
N GLY A 2 27.64 -13.56 -29.92
CA GLY A 2 26.87 -12.86 -28.92
C GLY A 2 26.31 -13.79 -27.86
N SER A 3 27.17 -14.26 -26.96
CA SER A 3 26.75 -15.16 -25.89
C SER A 3 26.08 -14.38 -24.77
N SER A 4 25.02 -13.65 -25.12
CA SER A 4 24.28 -12.84 -24.14
C SER A 4 25.22 -11.91 -23.38
N HIS A 5 26.24 -11.41 -24.06
CA HIS A 5 27.20 -10.51 -23.45
C HIS A 5 27.45 -9.27 -24.30
N HIS A 6 26.46 -8.90 -25.11
CA HIS A 6 26.59 -7.71 -25.97
C HIS A 6 25.41 -6.76 -25.76
N HIS A 7 25.38 -6.12 -24.59
CA HIS A 7 24.31 -5.18 -24.27
C HIS A 7 24.83 -4.08 -23.35
N HIS A 8 25.35 -4.47 -22.19
CA HIS A 8 25.89 -3.51 -21.22
C HIS A 8 26.60 -4.23 -20.08
N HIS A 9 27.02 -5.48 -20.32
CA HIS A 9 27.71 -6.27 -19.32
C HIS A 9 26.91 -6.37 -18.02
N HIS A 10 27.04 -5.36 -17.15
CA HIS A 10 26.32 -5.34 -15.88
C HIS A 10 26.70 -4.11 -15.06
N HIS A 11 25.80 -3.70 -14.17
CA HIS A 11 26.04 -2.55 -13.32
C HIS A 11 25.40 -2.71 -11.94
N HIS A 12 24.27 -3.42 -11.90
CA HIS A 12 23.56 -3.65 -10.64
C HIS A 12 23.18 -5.11 -10.49
N GLU A 13 23.53 -5.70 -9.35
CA GLU A 13 23.23 -7.11 -9.08
C GLU A 13 22.49 -7.26 -7.75
N ASN A 14 21.32 -6.64 -7.67
CA ASN A 14 20.51 -6.70 -6.45
C ASN A 14 21.32 -6.27 -5.24
N LEU A 15 21.24 -4.99 -4.90
CA LEU A 15 21.96 -4.45 -3.75
C LEU A 15 21.16 -4.63 -2.46
N TYR A 16 21.71 -5.39 -1.53
CA TYR A 16 21.05 -5.63 -0.25
C TYR A 16 19.75 -6.39 -0.45
N PHE A 17 19.49 -7.36 0.43
CA PHE A 17 18.27 -8.15 0.35
C PHE A 17 17.08 -7.36 0.87
N GLN A 18 16.29 -6.81 -0.05
CA GLN A 18 15.12 -6.04 0.31
C GLN A 18 14.12 -6.88 1.09
N GLY A 19 14.29 -6.92 2.41
CA GLY A 19 13.40 -7.70 3.24
C GLY A 19 11.95 -7.29 3.11
N SER A 20 11.11 -7.75 4.03
CA SER A 20 9.69 -7.44 4.02
C SER A 20 9.31 -6.59 5.22
N LYS A 21 8.32 -5.72 5.04
CA LYS A 21 7.85 -4.86 6.12
C LYS A 21 6.33 -4.74 6.11
N ARG A 22 5.79 -3.99 5.16
CA ARG A 22 4.35 -3.79 5.07
C ARG A 22 3.85 -4.11 3.67
N LYS A 23 2.59 -4.52 3.58
CA LYS A 23 1.99 -4.86 2.29
C LYS A 23 0.64 -4.15 2.13
N ILE A 24 0.59 -3.22 1.18
CA ILE A 24 -0.63 -2.47 0.93
C ILE A 24 -1.42 -3.07 -0.24
N ILE A 25 -2.73 -2.87 -0.25
CA ILE A 25 -3.57 -3.39 -1.32
C ILE A 25 -4.44 -2.29 -1.92
N VAL A 26 -4.68 -2.36 -3.22
CA VAL A 26 -5.50 -1.37 -3.89
C VAL A 26 -6.63 -2.03 -4.67
N ALA A 27 -7.87 -1.76 -4.26
CA ALA A 27 -9.03 -2.35 -4.92
C ALA A 27 -9.85 -1.28 -5.62
N CYS A 28 -10.05 -1.45 -6.93
CA CYS A 28 -10.81 -0.50 -7.72
C CYS A 28 -11.75 -1.21 -8.67
N GLY A 29 -13.04 -0.88 -8.58
CA GLY A 29 -14.03 -1.49 -9.44
C GLY A 29 -13.90 -1.04 -10.88
N GLY A 30 -13.31 -1.90 -11.71
CA GLY A 30 -13.13 -1.56 -13.12
C GLY A 30 -11.67 -1.51 -13.51
N ALA A 31 -10.86 -0.80 -12.73
CA ALA A 31 -9.44 -0.67 -13.01
C ALA A 31 -9.20 -0.23 -14.45
N VAL A 32 -9.29 1.08 -14.69
CA VAL A 32 -9.09 1.62 -16.02
C VAL A 32 -8.47 3.01 -15.95
N ALA A 33 -7.22 3.13 -16.38
CA ALA A 33 -6.50 4.41 -16.36
C ALA A 33 -6.12 4.81 -14.93
N THR A 34 -7.01 4.55 -13.98
CA THR A 34 -6.76 4.88 -12.59
C THR A 34 -5.86 3.84 -11.94
N SER A 35 -5.66 2.71 -12.61
CA SER A 35 -4.81 1.65 -12.09
C SER A 35 -3.34 2.05 -12.15
N THR A 36 -2.89 2.41 -13.34
CA THR A 36 -1.50 2.82 -13.53
C THR A 36 -1.21 4.11 -12.78
N MET A 37 -2.18 5.03 -12.78
CA MET A 37 -2.03 6.31 -12.11
C MET A 37 -1.82 6.13 -10.60
N ALA A 38 -2.71 5.39 -9.96
CA ALA A 38 -2.60 5.15 -8.52
C ALA A 38 -1.37 4.30 -8.20
N ALA A 39 -1.23 3.19 -8.92
CA ALA A 39 -0.10 2.29 -8.72
C ALA A 39 1.22 3.04 -8.76
N GLU A 40 1.42 3.83 -9.81
CA GLU A 40 2.65 4.61 -9.95
C GLU A 40 2.78 5.62 -8.81
N GLU A 41 1.64 6.13 -8.36
CA GLU A 41 1.61 7.12 -7.29
C GLU A 41 2.08 6.52 -5.96
N ILE A 42 1.48 5.40 -5.60
CA ILE A 42 1.82 4.72 -4.35
C ILE A 42 3.25 4.18 -4.40
N LYS A 43 3.65 3.68 -5.56
CA LYS A 43 5.01 3.15 -5.73
C LYS A 43 6.04 4.27 -5.72
N GLU A 44 5.81 5.29 -6.56
CA GLU A 44 6.72 6.43 -6.65
C GLU A 44 6.95 7.04 -5.27
N LEU A 45 5.90 7.08 -4.46
CA LEU A 45 5.97 7.65 -3.12
C LEU A 45 6.79 6.75 -2.19
N CYS A 46 6.51 5.45 -2.24
CA CYS A 46 7.22 4.49 -1.41
C CYS A 46 8.73 4.64 -1.55
N GLN A 47 9.18 4.98 -2.76
CA GLN A 47 10.59 5.16 -3.02
C GLN A 47 11.08 6.51 -2.51
N SER A 48 10.23 7.53 -2.62
CA SER A 48 10.57 8.87 -2.17
C SER A 48 10.98 8.86 -0.70
N HIS A 49 10.23 8.13 0.12
CA HIS A 49 10.51 8.03 1.54
C HIS A 49 11.39 6.82 1.86
N ASN A 50 11.74 6.05 0.83
CA ASN A 50 12.58 4.87 1.02
C ASN A 50 12.00 3.94 2.07
N ILE A 51 10.74 3.55 1.89
CA ILE A 51 10.06 2.67 2.82
C ILE A 51 9.75 1.33 2.15
N PRO A 52 10.49 0.26 2.48
CA PRO A 52 10.28 -1.06 1.89
C PRO A 52 8.85 -1.54 2.09
N VAL A 53 8.16 -1.79 0.98
CA VAL A 53 6.78 -2.25 1.00
C VAL A 53 6.41 -2.89 -0.33
N GLU A 54 5.28 -3.58 -0.37
CA GLU A 54 4.83 -4.23 -1.59
C GLU A 54 3.38 -3.84 -1.91
N LEU A 55 3.19 -3.21 -3.07
CA LEU A 55 1.85 -2.78 -3.48
C LEU A 55 1.17 -3.85 -4.33
N ILE A 56 0.07 -4.38 -3.81
CA ILE A 56 -0.70 -5.38 -4.52
C ILE A 56 -1.99 -4.78 -5.08
N GLN A 57 -2.45 -5.32 -6.20
CA GLN A 57 -3.69 -4.83 -6.81
C GLN A 57 -4.70 -5.97 -6.89
N CYS A 58 -5.95 -5.67 -6.54
CA CYS A 58 -7.00 -6.68 -6.54
C CYS A 58 -8.37 -6.04 -6.78
N ARG A 59 -9.37 -6.87 -7.03
CA ARG A 59 -10.72 -6.38 -7.28
C ARG A 59 -11.46 -6.13 -5.97
N VAL A 60 -12.77 -6.00 -6.06
CA VAL A 60 -13.60 -5.77 -4.89
C VAL A 60 -13.76 -7.03 -4.04
N ASN A 61 -13.36 -8.17 -4.59
CA ASN A 61 -13.46 -9.44 -3.86
C ASN A 61 -12.29 -10.36 -4.17
N GLU A 62 -11.09 -9.89 -3.86
CA GLU A 62 -9.88 -10.67 -4.11
C GLU A 62 -8.85 -10.43 -3.00
N ILE A 63 -8.80 -9.20 -2.50
CA ILE A 63 -7.87 -8.83 -1.43
C ILE A 63 -8.15 -9.61 -0.15
N GLU A 64 -9.44 -9.71 0.19
CA GLU A 64 -9.88 -10.41 1.40
C GLU A 64 -9.29 -11.82 1.47
N THR A 65 -9.34 -12.54 0.36
CA THR A 65 -8.81 -13.91 0.31
C THR A 65 -7.29 -13.88 0.20
N TYR A 66 -6.76 -12.84 -0.45
CA TYR A 66 -5.32 -12.69 -0.63
C TYR A 66 -4.69 -11.94 0.54
N MET A 67 -5.44 -11.80 1.63
CA MET A 67 -4.97 -11.11 2.83
C MET A 67 -3.88 -11.91 3.55
N ASP A 68 -2.90 -12.41 2.81
CA ASP A 68 -1.82 -13.21 3.38
C ASP A 68 -1.10 -12.44 4.49
N GLY A 69 -0.86 -11.16 4.25
CA GLY A 69 -0.18 -10.33 5.23
C GLY A 69 -0.16 -8.87 4.83
N VAL A 70 -1.34 -8.29 4.71
CA VAL A 70 -1.48 -6.89 4.32
C VAL A 70 -1.47 -5.97 5.53
N HIS A 71 -0.59 -4.98 5.49
CA HIS A 71 -0.45 -4.02 6.59
C HIS A 71 -1.32 -2.78 6.39
N LEU A 72 -1.71 -2.53 5.14
CA LEU A 72 -2.55 -1.37 4.83
C LEU A 72 -3.38 -1.64 3.58
N ILE A 73 -4.55 -1.04 3.48
CA ILE A 73 -5.41 -1.24 2.33
C ILE A 73 -6.10 0.05 1.89
N CYS A 74 -6.28 0.20 0.58
CA CYS A 74 -6.93 1.38 0.02
C CYS A 74 -8.07 0.99 -0.93
N THR A 75 -9.31 1.20 -0.48
CA THR A 75 -10.48 0.88 -1.29
C THR A 75 -11.56 1.94 -1.12
N THR A 76 -12.37 2.12 -2.15
CA THR A 76 -13.44 3.12 -2.12
C THR A 76 -14.72 2.53 -1.52
N ALA A 77 -14.73 2.36 -0.20
CA ALA A 77 -15.87 1.81 0.49
C ALA A 77 -15.65 1.80 2.00
N ARG A 78 -16.68 1.42 2.75
CA ARG A 78 -16.59 1.35 4.20
C ARG A 78 -16.98 -0.02 4.71
N VAL A 79 -16.33 -1.05 4.16
CA VAL A 79 -16.61 -2.43 4.55
C VAL A 79 -16.00 -2.75 5.91
N ASP A 80 -15.97 -1.76 6.80
CA ASP A 80 -15.41 -1.97 8.13
C ASP A 80 -16.49 -2.39 9.12
N ARG A 81 -17.72 -2.55 8.62
CA ARG A 81 -18.83 -2.96 9.47
C ARG A 81 -18.59 -4.34 10.08
N SER A 82 -17.94 -5.21 9.33
CA SER A 82 -17.66 -6.55 9.82
C SER A 82 -16.52 -7.22 9.05
N PHE A 83 -15.45 -6.48 8.82
CA PHE A 83 -14.29 -7.01 8.09
C PHE A 83 -13.09 -7.19 9.02
N GLY A 84 -13.34 -7.83 10.16
CA GLY A 84 -12.27 -8.07 11.13
C GLY A 84 -11.64 -6.78 11.64
N ASP A 85 -10.59 -6.33 10.95
CA ASP A 85 -9.90 -5.11 11.33
C ASP A 85 -9.02 -4.61 10.20
N ILE A 86 -9.38 -4.97 8.96
CA ILE A 86 -8.62 -4.57 7.80
C ILE A 86 -8.51 -3.04 7.71
N PRO A 87 -7.32 -2.49 8.00
CA PRO A 87 -7.09 -1.03 7.95
C PRO A 87 -7.17 -0.47 6.54
N LEU A 88 -8.39 -0.22 6.06
CA LEU A 88 -8.57 0.31 4.71
C LEU A 88 -8.88 1.80 4.70
N VAL A 89 -8.63 2.42 3.55
CA VAL A 89 -8.87 3.85 3.39
C VAL A 89 -9.41 4.15 2.00
N HIS A 90 -10.18 5.24 1.88
CA HIS A 90 -10.76 5.63 0.59
C HIS A 90 -9.79 6.50 -0.19
N GLY A 91 -9.81 6.34 -1.51
CA GLY A 91 -8.92 7.11 -2.37
C GLY A 91 -9.69 7.94 -3.37
N MET A 92 -10.88 8.38 -3.00
CA MET A 92 -11.71 9.20 -3.87
C MET A 92 -10.98 10.46 -4.32
N PRO A 93 -10.34 11.19 -3.40
CA PRO A 93 -9.62 12.42 -3.73
C PRO A 93 -8.26 12.14 -4.38
N PHE A 94 -7.71 10.97 -4.11
CA PHE A 94 -6.41 10.59 -4.68
C PHE A 94 -6.53 10.38 -6.18
N VAL A 95 -7.65 9.78 -6.60
CA VAL A 95 -7.90 9.51 -8.01
C VAL A 95 -8.35 10.76 -8.75
N SER A 96 -8.82 11.77 -8.00
CA SER A 96 -9.28 13.02 -8.60
C SER A 96 -8.22 13.60 -9.54
N GLY A 97 -6.96 13.46 -9.15
CA GLY A 97 -5.88 13.98 -9.98
C GLY A 97 -5.64 15.47 -9.75
N VAL A 98 -6.55 16.11 -9.03
CA VAL A 98 -6.44 17.54 -8.74
C VAL A 98 -6.38 17.80 -7.24
N GLY A 99 -6.67 16.76 -6.45
CA GLY A 99 -6.65 16.90 -5.00
C GLY A 99 -5.40 16.32 -4.38
N ILE A 100 -4.61 15.59 -5.16
CA ILE A 100 -3.39 14.98 -4.66
C ILE A 100 -2.52 16.01 -3.95
N GLU A 101 -2.44 17.21 -4.50
CA GLU A 101 -1.62 18.27 -3.92
C GLU A 101 -1.85 18.37 -2.40
N ALA A 102 -3.12 18.47 -2.00
CA ALA A 102 -3.47 18.57 -0.59
C ALA A 102 -3.44 17.19 0.06
N LEU A 103 -3.96 16.20 -0.64
CA LEU A 103 -4.01 14.83 -0.14
C LEU A 103 -2.60 14.34 0.19
N GLN A 104 -1.69 14.48 -0.76
CA GLN A 104 -0.30 14.04 -0.57
C GLN A 104 0.27 14.57 0.74
N ASN A 105 0.09 15.86 0.98
CA ASN A 105 0.58 16.49 2.20
C ASN A 105 0.05 15.77 3.43
N LYS A 106 -1.28 15.65 3.51
CA LYS A 106 -1.92 15.00 4.64
C LYS A 106 -1.56 13.52 4.74
N ILE A 107 -1.67 12.80 3.62
CA ILE A 107 -1.35 11.37 3.61
C ILE A 107 0.10 11.12 3.97
N LEU A 108 0.98 12.04 3.57
CA LEU A 108 2.40 11.91 3.87
C LEU A 108 2.64 12.01 5.36
N THR A 109 2.06 13.03 5.99
CA THR A 109 2.22 13.25 7.42
C THR A 109 1.77 12.02 8.22
N ILE A 110 0.63 11.45 7.82
CA ILE A 110 0.10 10.27 8.51
C ILE A 110 1.06 9.09 8.40
N LEU A 111 1.49 8.78 7.18
CA LEU A 111 2.41 7.66 6.96
C LEU A 111 3.67 7.83 7.79
N GLN A 112 4.19 9.05 7.85
CA GLN A 112 5.40 9.35 8.61
C GLN A 112 5.10 9.48 10.10
N GLY A 113 3.87 9.85 10.42
CA GLY A 113 3.48 10.01 11.82
C GLY A 113 3.77 8.77 12.64
#